data_7JXK
#
_entry.id   7JXK
#
_cell.length_a   66.853
_cell.length_b   87.369
_cell.length_c   91.313
_cell.angle_alpha   62.060
_cell.angle_beta   85.580
_cell.angle_gamma   73.330
#
_symmetry.space_group_name_H-M   'P 1'
#
loop_
_entity.id
_entity.type
_entity.pdbx_description
1 polymer 'Epidermal growth factor receptor'
2 non-polymer 'PHOSPHOAMINOPHOSPHONIC ACID-ADENYLATE ESTER'
3 non-polymer 'MAGNESIUM ION'
4 non-polymer (2R)-2-(5-fluoro-2-hydroxyphenyl)-2-{1-oxo-6-[4-(piperazin-1-yl)phenyl]-1,3-dihydro-2H-isoindol-2-yl}-N-(1,3-thiazol-2-yl)acetamide
5 non-polymer N-[(3R,4R)-4-fluoro-1-{6-[(3-methoxy-1-methyl-1H-pyrazol-4-yl)amino]-9-methyl-9H-purin-2-yl}pyrrolidin-3-yl]propanamide
#
_entity_poly.entity_id   1
_entity_poly.type   'polypeptide(L)'
_entity_poly.pdbx_seq_one_letter_code
;GSTSGEAPNQALLRILKETEFKKIKVLGSGAFGTVYKGLWIPEGEKVKIPVAIKELREATSPKANKEILDEAYVMASVDN
PHVCRLLGICLTSTVQLIMQLMPFGCLLDYVREHKDNIGSQYLLNWCVQIAKGMNYLEDRRLVHRDLAARNVLVKTPQHV
KITDFGLAKLLGAEEKEYHAEGGKVPIKWMALESILHRIYTHQSDVWSYGVTVWELMTFGSKPYDGIPASEISSILEKGE
RLPQPPICTIDVYMIMRKCWMIDADSRPKFRELIIEFSKMARDPQRYLVIQGDERMHLPSPTDSNFYRALMDEEDMDDVV
DADEYLIPQQG
;
_entity_poly.pdbx_strand_id   D,A,C,F,E,B
#
# COMPACT_ATOMS: atom_id res chain seq x y z
N ASN A 9 -3.05 -6.87 -2.23
CA ASN A 9 -1.81 -7.11 -2.97
C ASN A 9 -2.05 -8.09 -4.11
N GLN A 10 -2.22 -9.37 -3.74
CA GLN A 10 -2.50 -10.39 -4.73
C GLN A 10 -3.81 -10.12 -5.46
N ALA A 11 -4.74 -9.45 -4.81
CA ALA A 11 -6.04 -9.15 -5.39
C ALA A 11 -5.99 -8.02 -6.42
N LEU A 12 -4.84 -7.38 -6.61
CA LEU A 12 -4.77 -6.32 -7.60
C LEU A 12 -4.55 -6.85 -9.02
N LEU A 13 -4.21 -8.12 -9.18
CA LEU A 13 -4.01 -8.72 -10.49
C LEU A 13 -5.09 -9.79 -10.69
N ARG A 14 -5.96 -9.57 -11.65
CA ARG A 14 -6.98 -10.55 -11.99
C ARG A 14 -6.40 -11.59 -12.96
N ILE A 15 -6.55 -12.86 -12.62
CA ILE A 15 -6.20 -13.93 -13.53
C ILE A 15 -7.42 -14.27 -14.37
N LEU A 16 -7.30 -14.12 -15.68
CA LEU A 16 -8.41 -14.30 -16.60
C LEU A 16 -8.35 -15.68 -17.26
N LYS A 17 -9.51 -16.19 -17.65
CA LYS A 17 -9.61 -17.37 -18.49
C LYS A 17 -9.57 -16.97 -19.95
N GLU A 18 -9.12 -17.90 -20.80
CA GLU A 18 -9.17 -17.67 -22.24
C GLU A 18 -10.59 -17.34 -22.70
N THR A 19 -11.58 -17.95 -22.06
CA THR A 19 -12.96 -17.87 -22.53
C THR A 19 -13.67 -16.58 -22.12
N GLU A 20 -13.05 -15.74 -21.28
CA GLU A 20 -13.70 -14.53 -20.82
C GLU A 20 -13.17 -13.27 -21.50
N PHE A 21 -12.32 -13.42 -22.52
CA PHE A 21 -11.92 -12.27 -23.32
C PHE A 21 -11.56 -12.74 -24.73
N LYS A 22 -11.61 -11.79 -25.67
CA LYS A 22 -11.34 -12.04 -27.07
C LYS A 22 -10.52 -10.89 -27.64
N LYS A 23 -9.47 -11.21 -28.39
CA LYS A 23 -8.77 -10.20 -29.17
C LYS A 23 -9.55 -9.91 -30.44
N ILE A 24 -9.75 -8.61 -30.75
CA ILE A 24 -10.58 -8.28 -31.90
C ILE A 24 -9.80 -7.50 -32.95
N LYS A 25 -8.80 -6.74 -32.56
CA LYS A 25 -8.09 -5.94 -33.55
C LYS A 25 -6.66 -5.66 -33.11
N VAL A 26 -5.72 -5.76 -34.06
CA VAL A 26 -4.31 -5.48 -33.81
C VAL A 26 -4.11 -3.96 -33.77
N LEU A 27 -3.44 -3.50 -32.72
CA LEU A 27 -3.12 -2.08 -32.56
C LEU A 27 -1.67 -1.76 -32.92
N GLY A 28 -0.77 -2.70 -32.69
CA GLY A 28 0.62 -2.55 -33.05
C GLY A 28 1.45 -3.58 -32.32
N SER A 29 2.76 -3.54 -32.53
CA SER A 29 3.71 -4.49 -31.89
C SER A 29 5.00 -3.73 -31.65
N GLY A 30 5.96 -4.32 -30.95
CA GLY A 30 7.15 -3.51 -30.62
C GLY A 30 8.42 -4.29 -30.41
N ALA A 31 8.49 -5.11 -29.38
CA ALA A 31 9.76 -5.79 -29.08
C ALA A 31 9.48 -6.99 -28.19
N PHE A 32 8.40 -6.93 -27.44
CA PHE A 32 8.11 -8.00 -26.47
C PHE A 32 6.82 -8.68 -26.87
N GLY A 33 6.05 -8.04 -27.73
CA GLY A 33 4.73 -8.62 -28.06
C GLY A 33 3.84 -7.76 -28.90
N THR A 34 2.66 -8.26 -29.25
CA THR A 34 1.68 -7.57 -30.06
C THR A 34 0.54 -7.09 -29.17
N VAL A 35 0.13 -5.84 -29.35
CA VAL A 35 -0.95 -5.26 -28.56
C VAL A 35 -2.24 -5.29 -29.37
N TYR A 36 -3.32 -5.75 -28.75
CA TYR A 36 -4.62 -5.82 -29.41
C TYR A 36 -5.64 -4.98 -28.66
N LYS A 37 -6.58 -4.40 -29.40
CA LYS A 37 -7.83 -3.98 -28.80
C LYS A 37 -8.67 -5.22 -28.58
N GLY A 38 -9.17 -5.37 -27.36
CA GLY A 38 -9.89 -6.58 -26.98
C GLY A 38 -11.18 -6.26 -26.25
N LEU A 39 -11.90 -7.33 -25.92
CA LEU A 39 -13.16 -7.24 -25.21
C LEU A 39 -13.16 -8.23 -24.05
N TRP A 40 -13.48 -7.74 -22.86
CA TRP A 40 -13.68 -8.60 -21.69
C TRP A 40 -15.16 -8.88 -21.55
N ILE A 41 -15.52 -10.16 -21.43
CA ILE A 41 -16.90 -10.56 -21.22
C ILE A 41 -17.04 -11.15 -19.83
N PRO A 42 -17.54 -10.41 -18.85
CA PRO A 42 -17.70 -10.97 -17.51
C PRO A 42 -18.60 -12.20 -17.52
N GLU A 43 -18.21 -13.21 -16.73
CA GLU A 43 -18.97 -14.44 -16.65
C GLU A 43 -20.40 -14.16 -16.17
N GLY A 44 -21.38 -14.74 -16.86
CA GLY A 44 -22.76 -14.58 -16.50
C GLY A 44 -23.38 -13.26 -16.90
N GLU A 45 -22.64 -12.39 -17.59
CA GLU A 45 -23.12 -11.09 -18.01
C GLU A 45 -23.20 -11.03 -19.53
N LYS A 46 -23.89 -10.00 -20.03
CA LYS A 46 -24.08 -9.82 -21.47
C LYS A 46 -23.25 -8.67 -22.05
N VAL A 47 -22.54 -7.93 -21.22
CA VAL A 47 -21.80 -6.76 -21.70
C VAL A 47 -20.44 -7.18 -22.22
N LYS A 48 -19.87 -6.32 -23.07
CA LYS A 48 -18.52 -6.48 -23.60
C LYS A 48 -17.74 -5.21 -23.30
N ILE A 49 -16.66 -5.35 -22.53
CA ILE A 49 -15.90 -4.22 -22.01
C ILE A 49 -14.57 -4.15 -22.75
N PRO A 50 -14.23 -3.03 -23.38
CA PRO A 50 -12.97 -2.93 -24.12
C PRO A 50 -11.75 -2.94 -23.22
N VAL A 51 -10.74 -3.70 -23.62
CA VAL A 51 -9.46 -3.77 -22.92
C VAL A 51 -8.35 -3.75 -23.96
N ALA A 52 -7.13 -3.54 -23.47
CA ALA A 52 -5.92 -3.68 -24.27
C ALA A 52 -5.19 -4.95 -23.85
N ILE A 53 -4.80 -5.76 -24.84
CA ILE A 53 -4.16 -7.04 -24.59
C ILE A 53 -2.82 -7.07 -25.30
N LYS A 54 -1.76 -7.38 -24.53
CA LYS A 54 -0.41 -7.60 -25.05
C LYS A 54 -0.11 -9.09 -24.94
N GLU A 55 0.01 -9.73 -26.10
CA GLU A 55 0.38 -11.13 -26.17
C GLU A 55 1.88 -11.19 -26.43
N LEU A 56 2.61 -11.71 -25.46
CA LEU A 56 4.06 -11.81 -25.56
C LEU A 56 4.43 -12.67 -26.76
N ARG A 57 5.45 -12.24 -27.50
CA ARG A 57 5.76 -12.99 -28.71
C ARG A 57 6.37 -14.34 -28.40
N GLU A 58 7.17 -14.44 -27.34
CA GLU A 58 7.83 -15.70 -26.99
C GLU A 58 7.00 -16.53 -26.03
N ALA A 59 6.80 -17.80 -26.37
CA ALA A 59 6.05 -18.67 -25.50
C ALA A 59 6.90 -19.01 -24.28
N THR A 60 6.21 -19.31 -23.19
CA THR A 60 6.91 -19.57 -21.94
C THR A 60 6.37 -20.83 -21.29
N SER A 61 6.94 -21.14 -20.15
CA SER A 61 6.68 -22.35 -19.40
C SER A 61 5.97 -22.06 -18.11
N PRO A 62 5.41 -23.08 -17.46
CA PRO A 62 4.85 -22.85 -16.13
C PRO A 62 5.87 -22.31 -15.13
N LYS A 63 7.12 -22.77 -15.20
CA LYS A 63 8.13 -22.23 -14.29
C LYS A 63 8.50 -20.80 -14.66
N ALA A 64 8.57 -20.50 -15.96
CA ALA A 64 8.81 -19.11 -16.36
C ALA A 64 7.61 -18.23 -16.01
N ASN A 65 6.42 -18.82 -15.95
CA ASN A 65 5.24 -18.05 -15.56
C ASN A 65 5.33 -17.61 -14.10
N LYS A 66 6.05 -18.36 -13.27
CA LYS A 66 6.28 -17.90 -11.90
C LYS A 66 7.08 -16.60 -11.91
N GLU A 67 8.07 -16.51 -12.79
CA GLU A 67 8.78 -15.24 -12.98
C GLU A 67 7.84 -14.14 -13.44
N ILE A 68 7.01 -14.45 -14.44
CA ILE A 68 6.09 -13.46 -14.98
C ILE A 68 5.15 -12.96 -13.90
N LEU A 69 4.55 -13.87 -13.13
CA LEU A 69 3.60 -13.46 -12.10
C LEU A 69 4.25 -12.59 -11.03
N ASP A 70 5.49 -12.93 -10.62
CA ASP A 70 6.13 -12.13 -9.58
C ASP A 70 6.31 -10.69 -10.01
N GLU A 71 6.69 -10.46 -11.27
CA GLU A 71 6.80 -9.10 -11.76
C GLU A 71 5.41 -8.51 -12.02
N ALA A 72 4.47 -9.33 -12.48
CA ALA A 72 3.11 -8.85 -12.76
C ALA A 72 2.46 -8.27 -11.51
N TYR A 73 2.68 -8.91 -10.35
CA TYR A 73 2.09 -8.42 -9.11
C TYR A 73 2.59 -7.03 -8.75
N VAL A 74 3.85 -6.75 -9.05
CA VAL A 74 4.42 -5.44 -8.72
C VAL A 74 3.81 -4.36 -9.62
N MET A 75 3.72 -4.64 -10.92
CA MET A 75 3.15 -3.69 -11.86
C MET A 75 1.64 -3.56 -11.72
N ALA A 76 0.99 -4.53 -11.08
CA ALA A 76 -0.42 -4.40 -10.74
C ALA A 76 -0.63 -3.59 -9.48
N SER A 77 0.43 -3.21 -8.78
CA SER A 77 0.34 -2.56 -7.49
C SER A 77 0.58 -1.05 -7.53
N VAL A 78 0.80 -0.47 -8.71
CA VAL A 78 1.06 0.96 -8.79
C VAL A 78 -0.24 1.74 -8.67
N ASP A 79 -0.16 2.91 -8.02
CA ASP A 79 -1.32 3.76 -7.74
C ASP A 79 -0.87 5.22 -7.86
N ASN A 80 -0.90 5.74 -9.08
CA ASN A 80 -0.53 7.12 -9.34
C ASN A 80 -1.30 7.56 -10.56
N PRO A 81 -1.82 8.79 -10.57
CA PRO A 81 -2.63 9.24 -11.72
C PRO A 81 -1.90 9.21 -13.04
N HIS A 82 -0.56 9.21 -13.02
CA HIS A 82 0.22 9.32 -14.25
C HIS A 82 1.05 8.06 -14.52
N VAL A 83 0.66 6.94 -13.91
CA VAL A 83 1.32 5.65 -14.11
C VAL A 83 0.24 4.61 -14.38
N CYS A 84 0.36 3.89 -15.50
CA CYS A 84 -0.61 2.85 -15.83
C CYS A 84 -0.41 1.62 -14.96
N ARG A 85 -1.52 1.02 -14.55
CA ARG A 85 -1.52 -0.16 -13.70
C ARG A 85 -1.83 -1.40 -14.54
N LEU A 86 -1.05 -2.45 -14.35
CA LEU A 86 -1.38 -3.73 -14.95
C LEU A 86 -2.60 -4.30 -14.24
N LEU A 87 -3.59 -4.74 -15.01
CA LEU A 87 -4.86 -5.16 -14.41
C LEU A 87 -5.05 -6.66 -14.38
N GLY A 88 -4.64 -7.37 -15.43
CA GLY A 88 -4.93 -8.79 -15.49
C GLY A 88 -3.93 -9.53 -16.34
N ILE A 89 -4.03 -10.85 -16.29
CA ILE A 89 -3.13 -11.73 -17.02
C ILE A 89 -3.84 -13.06 -17.30
N CYS A 90 -3.54 -13.65 -18.46
CA CYS A 90 -4.02 -14.98 -18.85
C CYS A 90 -2.87 -15.82 -19.38
N LEU A 91 -2.50 -16.87 -18.64
CA LEU A 91 -1.37 -17.72 -18.98
C LEU A 91 -1.84 -18.92 -19.80
N THR A 92 -0.99 -19.32 -20.76
CA THR A 92 -1.17 -20.49 -21.62
C THR A 92 0.18 -20.98 -22.14
N SER A 93 0.30 -21.08 -23.47
CA SER A 93 1.59 -21.25 -24.13
C SER A 93 2.31 -19.92 -24.18
N THR A 94 1.57 -18.92 -24.65
CA THR A 94 1.86 -17.51 -24.77
C THR A 94 1.14 -16.75 -23.67
N VAL A 95 1.80 -15.74 -23.11
CA VAL A 95 1.26 -14.95 -22.02
C VAL A 95 0.58 -13.71 -22.57
N GLN A 96 -0.65 -13.47 -22.11
CA GLN A 96 -1.46 -12.32 -22.51
C GLN A 96 -1.67 -11.46 -21.27
N LEU A 97 -1.36 -10.18 -21.39
CA LEU A 97 -1.48 -9.22 -20.30
C LEU A 97 -2.61 -8.28 -20.66
N ILE A 98 -3.34 -7.81 -19.65
CA ILE A 98 -4.53 -6.98 -19.84
C ILE A 98 -4.37 -5.66 -19.09
N MET A 99 -4.70 -4.55 -19.75
CA MET A 99 -4.76 -3.26 -19.08
C MET A 99 -5.86 -2.42 -19.74
N GLN A 100 -6.08 -1.22 -19.20
CA GLN A 100 -7.10 -0.33 -19.71
C GLN A 100 -6.79 0.10 -21.14
N LEU A 101 -7.83 0.15 -21.97
CA LEU A 101 -7.67 0.60 -23.35
C LEU A 101 -7.68 2.12 -23.41
N MET A 102 -6.65 2.68 -24.04
CA MET A 102 -6.49 4.12 -24.22
C MET A 102 -6.83 4.50 -25.65
N PRO A 103 -8.05 4.96 -25.96
CA PRO A 103 -8.42 5.20 -27.37
C PRO A 103 -7.54 6.23 -28.07
N PHE A 104 -6.93 7.15 -27.32
CA PHE A 104 -6.07 8.16 -27.94
C PHE A 104 -4.71 7.61 -28.36
N GLY A 105 -4.33 6.44 -27.86
CA GLY A 105 -3.05 5.84 -28.21
C GLY A 105 -1.90 6.43 -27.41
N CYS A 106 -0.70 6.26 -27.97
CA CYS A 106 0.53 6.70 -27.34
C CYS A 106 0.80 8.17 -27.67
N LEU A 107 1.58 8.81 -26.81
CA LEU A 107 1.84 10.23 -26.98
C LEU A 107 2.72 10.52 -28.19
N LEU A 108 3.56 9.56 -28.60
CA LEU A 108 4.39 9.77 -29.77
C LEU A 108 3.55 9.96 -31.03
N ASP A 109 2.65 9.01 -31.31
CA ASP A 109 1.78 9.14 -32.47
C ASP A 109 0.83 10.32 -32.33
N TYR A 110 0.44 10.64 -31.10
CA TYR A 110 -0.46 11.77 -30.90
C TYR A 110 0.20 13.09 -31.32
N VAL A 111 1.45 13.30 -30.91
CA VAL A 111 2.11 14.55 -31.23
C VAL A 111 2.45 14.63 -32.72
N ARG A 112 2.75 13.49 -33.35
CA ARG A 112 3.00 13.49 -34.79
C ARG A 112 1.75 13.89 -35.56
N GLU A 113 0.59 13.41 -35.13
CA GLU A 113 -0.65 13.64 -35.86
C GLU A 113 -1.24 15.02 -35.58
N HIS A 114 -0.97 15.60 -34.41
CA HIS A 114 -1.51 16.89 -34.02
C HIS A 114 -0.45 17.98 -33.97
N LYS A 115 0.66 17.80 -34.70
CA LYS A 115 1.82 18.68 -34.52
C LYS A 115 1.53 20.13 -34.91
N ASP A 116 0.54 20.39 -35.75
CA ASP A 116 0.18 21.75 -36.11
C ASP A 116 -0.90 22.35 -35.22
N ASN A 117 -1.28 21.64 -34.14
CA ASN A 117 -2.33 22.12 -33.25
C ASN A 117 -1.98 21.98 -31.77
N ILE A 118 -0.72 21.73 -31.44
CA ILE A 118 -0.29 21.53 -30.05
C ILE A 118 0.43 22.78 -29.58
N GLY A 119 -0.11 23.42 -28.54
CA GLY A 119 0.47 24.64 -28.02
C GLY A 119 1.41 24.36 -26.85
N SER A 120 2.02 25.43 -26.37
CA SER A 120 3.06 25.30 -25.34
C SER A 120 2.50 24.79 -24.02
N GLN A 121 1.25 25.11 -23.72
CA GLN A 121 0.70 24.69 -22.43
C GLN A 121 0.53 23.17 -22.38
N TYR A 122 0.11 22.55 -23.47
CA TYR A 122 0.00 21.10 -23.50
C TYR A 122 1.36 20.42 -23.34
N LEU A 123 2.34 20.86 -24.14
CA LEU A 123 3.66 20.22 -24.16
C LEU A 123 4.33 20.23 -22.79
N LEU A 124 4.32 21.39 -22.12
CA LEU A 124 5.00 21.49 -20.84
C LEU A 124 4.27 20.71 -19.76
N ASN A 125 2.93 20.71 -19.79
CA ASN A 125 2.17 19.95 -18.81
C ASN A 125 2.38 18.45 -19.00
N TRP A 126 2.48 17.99 -20.26
CA TRP A 126 2.84 16.59 -20.49
C TRP A 126 4.19 16.27 -19.88
N CYS A 127 5.15 17.21 -20.00
CA CYS A 127 6.46 17.02 -19.38
C CYS A 127 6.33 16.90 -17.86
N VAL A 128 5.50 17.76 -17.26
CA VAL A 128 5.28 17.68 -15.81
C VAL A 128 4.69 16.33 -15.45
N GLN A 129 3.66 15.90 -16.19
CA GLN A 129 2.94 14.68 -15.85
C GLN A 129 3.85 13.45 -15.96
N ILE A 130 4.68 13.39 -17.01
CA ILE A 130 5.62 12.28 -17.15
C ILE A 130 6.61 12.27 -15.99
N ALA A 131 7.08 13.46 -15.58
CA ALA A 131 7.98 13.53 -14.44
C ALA A 131 7.27 13.13 -13.15
N LYS A 132 5.99 13.46 -13.02
CA LYS A 132 5.22 13.01 -11.86
C LYS A 132 5.10 11.50 -11.84
N GLY A 133 4.83 10.90 -13.00
CA GLY A 133 4.77 9.45 -13.08
C GLY A 133 6.12 8.80 -12.80
N MET A 134 7.20 9.39 -13.31
CA MET A 134 8.52 8.82 -13.07
C MET A 134 8.94 8.98 -11.62
N ASN A 135 8.63 10.12 -11.01
CA ASN A 135 8.94 10.31 -9.60
C ASN A 135 8.22 9.29 -8.73
N TYR A 136 6.99 8.93 -9.09
CA TYR A 136 6.28 7.89 -8.36
C TYR A 136 7.02 6.56 -8.47
N LEU A 137 7.45 6.19 -9.67
CA LEU A 137 8.18 4.95 -9.85
C LEU A 137 9.46 4.92 -9.02
N GLU A 138 10.19 6.04 -8.97
CA GLU A 138 11.39 6.10 -8.14
C GLU A 138 11.03 5.92 -6.67
N ASP A 139 9.95 6.57 -6.23
CA ASP A 139 9.49 6.41 -4.85
C ASP A 139 9.17 4.95 -4.54
N ARG A 140 8.60 4.22 -5.51
CA ARG A 140 8.33 2.80 -5.35
C ARG A 140 9.56 1.94 -5.63
N ARG A 141 10.70 2.55 -5.93
CA ARG A 141 11.93 1.84 -6.25
C ARG A 141 11.76 0.92 -7.46
N LEU A 142 11.06 1.42 -8.47
CA LEU A 142 10.88 0.72 -9.75
C LEU A 142 11.56 1.52 -10.85
N VAL A 143 12.58 0.92 -11.47
CA VAL A 143 13.23 1.53 -12.62
C VAL A 143 12.39 1.22 -13.86
N HIS A 144 12.16 2.25 -14.68
CA HIS A 144 11.32 2.06 -15.87
C HIS A 144 12.00 1.13 -16.87
N ARG A 145 13.18 1.52 -17.34
CA ARG A 145 14.07 0.82 -18.26
C ARG A 145 13.66 0.97 -19.72
N ASP A 146 12.52 1.59 -20.03
CA ASP A 146 12.11 1.74 -21.42
C ASP A 146 11.25 2.99 -21.60
N LEU A 147 11.61 4.08 -20.92
CA LEU A 147 10.86 5.31 -21.08
C LEU A 147 11.13 5.93 -22.44
N ALA A 148 10.08 6.33 -23.12
CA ALA A 148 10.12 6.92 -24.46
C ALA A 148 8.74 7.47 -24.75
N ALA A 149 8.66 8.34 -25.75
CA ALA A 149 7.37 8.94 -26.10
C ALA A 149 6.36 7.87 -26.49
N ARG A 150 6.82 6.74 -27.04
CA ARG A 150 5.92 5.66 -27.39
C ARG A 150 5.34 4.95 -26.19
N ASN A 151 5.99 5.03 -25.02
CA ASN A 151 5.51 4.40 -23.80
C ASN A 151 4.92 5.41 -22.84
N VAL A 152 4.39 6.51 -23.37
CA VAL A 152 3.50 7.41 -22.65
C VAL A 152 2.16 7.34 -23.36
N LEU A 153 1.13 6.88 -22.65
CA LEU A 153 -0.19 6.71 -23.24
C LEU A 153 -1.04 7.93 -22.94
N VAL A 154 -1.88 8.30 -23.90
CA VAL A 154 -2.76 9.44 -23.78
C VAL A 154 -4.12 8.95 -23.30
N LYS A 155 -4.46 9.26 -22.05
CA LYS A 155 -5.81 8.96 -21.56
C LYS A 155 -6.81 9.97 -22.10
N THR A 156 -6.53 11.25 -21.88
CA THR A 156 -7.15 12.36 -22.58
C THR A 156 -6.04 13.29 -23.01
N PRO A 157 -6.32 14.23 -23.94
CA PRO A 157 -5.26 15.19 -24.34
C PRO A 157 -4.63 15.93 -23.18
N GLN A 158 -5.35 16.02 -22.05
CA GLN A 158 -4.88 16.72 -20.87
C GLN A 158 -4.25 15.80 -19.83
N HIS A 159 -4.18 14.50 -20.09
CA HIS A 159 -3.81 13.53 -19.07
C HIS A 159 -3.07 12.37 -19.72
N VAL A 160 -1.78 12.26 -19.45
CA VAL A 160 -0.95 11.19 -20.00
C VAL A 160 -0.46 10.31 -18.88
N LYS A 161 -0.17 9.05 -19.21
CA LYS A 161 0.20 8.05 -18.23
C LYS A 161 1.32 7.17 -18.78
N ILE A 162 2.24 6.82 -17.91
CA ILE A 162 3.41 6.01 -18.30
C ILE A 162 3.05 4.53 -18.29
N THR A 163 3.56 3.79 -19.26
CA THR A 163 3.29 2.36 -19.41
C THR A 163 4.58 1.59 -19.66
N ASP A 164 4.46 0.27 -19.61
CA ASP A 164 5.53 -0.66 -20.01
C ASP A 164 6.81 -0.48 -19.20
N PHE A 165 6.66 -0.21 -17.91
CA PHE A 165 7.82 -0.02 -17.06
C PHE A 165 8.23 -1.31 -16.34
N GLY A 166 9.47 -1.33 -15.88
CA GLY A 166 9.97 -2.38 -15.02
C GLY A 166 10.24 -3.71 -15.67
N LEU A 167 10.54 -3.74 -16.97
CA LEU A 167 10.72 -5.00 -17.68
C LEU A 167 12.17 -5.47 -17.61
N ALA A 168 12.64 -5.61 -16.37
CA ALA A 168 14.03 -5.97 -16.14
C ALA A 168 14.36 -7.32 -16.77
N LYS A 169 13.47 -8.31 -16.61
CA LYS A 169 13.77 -9.66 -17.08
C LYS A 169 13.77 -9.74 -18.60
N LEU A 170 12.82 -9.05 -19.25
CA LEU A 170 12.77 -9.04 -20.72
C LEU A 170 13.97 -8.31 -21.29
N VAL A 185 16.94 -3.71 -27.75
CA VAL A 185 17.19 -2.66 -26.76
C VAL A 185 17.03 -1.28 -27.38
N PRO A 186 16.39 -0.36 -26.65
CA PRO A 186 16.21 1.02 -27.15
C PRO A 186 17.45 1.88 -26.95
N ILE A 187 18.48 1.59 -27.75
CA ILE A 187 19.80 2.22 -27.57
C ILE A 187 19.69 3.74 -27.56
N LYS A 188 18.92 4.30 -28.49
CA LYS A 188 18.87 5.75 -28.65
C LYS A 188 18.08 6.45 -27.53
N TRP A 189 17.47 5.71 -26.60
CA TRP A 189 16.88 6.29 -25.41
C TRP A 189 17.67 5.98 -24.15
N MET A 190 18.72 5.17 -24.24
CA MET A 190 19.44 4.68 -23.07
C MET A 190 20.57 5.62 -22.68
N ALA A 191 20.81 5.71 -21.38
CA ALA A 191 21.98 6.40 -20.87
C ALA A 191 23.25 5.66 -21.27
N LEU A 192 24.35 6.41 -21.32
CA LEU A 192 25.62 5.82 -21.74
C LEU A 192 26.02 4.65 -20.85
N GLU A 193 25.77 4.77 -19.54
CA GLU A 193 26.12 3.69 -18.62
C GLU A 193 25.25 2.45 -18.83
N SER A 194 24.06 2.61 -19.40
CA SER A 194 23.22 1.45 -19.73
C SER A 194 23.66 0.78 -21.01
N ILE A 195 24.01 1.56 -22.03
CA ILE A 195 24.47 0.98 -23.29
C ILE A 195 25.73 0.17 -23.07
N LEU A 196 26.70 0.72 -22.33
CA LEU A 196 27.99 0.03 -22.20
C LEU A 196 27.96 -1.10 -21.19
N HIS A 197 27.50 -0.83 -19.98
CA HIS A 197 27.76 -1.74 -18.86
C HIS A 197 26.48 -2.35 -18.32
N ARG A 198 25.34 -2.04 -18.92
CA ARG A 198 24.04 -2.57 -18.49
C ARG A 198 23.67 -2.11 -17.07
N ILE A 199 23.89 -0.82 -16.80
CA ILE A 199 23.54 -0.19 -15.52
C ILE A 199 22.21 0.53 -15.69
N TYR A 200 21.18 0.09 -14.96
CA TYR A 200 19.85 0.72 -15.02
C TYR A 200 19.48 1.25 -13.64
N THR A 201 19.38 2.57 -13.52
CA THR A 201 19.01 3.23 -12.28
C THR A 201 17.93 4.27 -12.56
N HIS A 202 17.46 4.93 -11.51
CA HIS A 202 16.54 6.04 -11.68
C HIS A 202 17.19 7.21 -12.40
N GLN A 203 18.52 7.32 -12.31
CA GLN A 203 19.23 8.37 -13.01
C GLN A 203 19.44 8.06 -14.49
N SER A 204 19.49 6.77 -14.85
CA SER A 204 19.47 6.43 -16.26
C SER A 204 18.08 6.62 -16.86
N ASP A 205 17.04 6.50 -16.03
CA ASP A 205 15.70 6.90 -16.45
C ASP A 205 15.65 8.38 -16.75
N VAL A 206 16.37 9.19 -15.96
CA VAL A 206 16.40 10.63 -16.19
C VAL A 206 16.96 10.93 -17.58
N TRP A 207 17.94 10.14 -18.02
CA TRP A 207 18.43 10.25 -19.38
C TRP A 207 17.30 9.96 -20.37
N SER A 208 16.59 8.85 -20.17
CA SER A 208 15.47 8.51 -21.04
C SER A 208 14.40 9.59 -21.02
N TYR A 209 14.20 10.21 -19.85
CA TYR A 209 13.26 11.32 -19.78
C TYR A 209 13.70 12.48 -20.66
N GLY A 210 14.99 12.80 -20.66
CA GLY A 210 15.49 13.85 -21.53
C GLY A 210 15.19 13.58 -22.99
N VAL A 211 15.43 12.34 -23.44
CA VAL A 211 15.16 11.99 -24.83
C VAL A 211 13.68 12.09 -25.13
N THR A 212 12.84 11.64 -24.19
CA THR A 212 11.40 11.70 -24.39
C THR A 212 10.92 13.13 -24.55
N VAL A 213 11.41 14.04 -23.70
CA VAL A 213 11.07 15.46 -23.86
C VAL A 213 11.50 15.95 -25.23
N TRP A 214 12.67 15.52 -25.69
CA TRP A 214 13.12 15.90 -27.03
C TRP A 214 12.14 15.41 -28.09
N GLU A 215 11.60 14.20 -27.94
CA GLU A 215 10.60 13.71 -28.88
C GLU A 215 9.38 14.61 -28.92
N LEU A 216 8.89 15.02 -27.75
CA LEU A 216 7.68 15.85 -27.71
C LEU A 216 7.94 17.23 -28.33
N MET A 217 9.09 17.81 -28.06
CA MET A 217 9.39 19.17 -28.52
CA MET A 217 9.34 19.17 -28.53
C MET A 217 9.77 19.23 -29.99
N THR A 218 10.14 18.09 -30.58
CA THR A 218 10.36 18.01 -32.02
C THR A 218 9.13 17.49 -32.73
N PHE A 219 8.02 17.36 -32.02
CA PHE A 219 6.76 16.85 -32.55
C PHE A 219 6.92 15.45 -33.14
N GLY A 220 7.71 14.62 -32.47
CA GLY A 220 7.81 13.23 -32.83
C GLY A 220 8.95 12.86 -33.75
N SER A 221 10.03 13.63 -33.75
CA SER A 221 11.18 13.30 -34.58
C SER A 221 11.88 12.05 -34.06
N LYS A 222 12.60 11.39 -34.93
CA LYS A 222 13.38 10.22 -34.54
C LYS A 222 14.75 10.65 -34.02
N PRO A 223 15.15 10.20 -32.83
CA PRO A 223 16.46 10.62 -32.29
C PRO A 223 17.61 10.00 -33.07
N TYR A 224 18.66 10.79 -33.26
CA TYR A 224 19.85 10.39 -34.01
C TYR A 224 19.48 9.74 -35.34
N ASP A 225 18.62 10.42 -36.10
CA ASP A 225 18.07 9.85 -37.31
C ASP A 225 19.18 9.46 -38.29
N GLY A 226 19.17 8.20 -38.70
CA GLY A 226 20.14 7.71 -39.67
C GLY A 226 21.46 7.24 -39.08
N ILE A 227 21.64 7.35 -37.76
CA ILE A 227 22.84 6.87 -37.11
C ILE A 227 22.58 5.43 -36.64
N PRO A 228 23.38 4.46 -37.07
CA PRO A 228 23.15 3.08 -36.59
C PRO A 228 23.29 2.99 -35.09
N ALA A 229 22.45 2.15 -34.47
CA ALA A 229 22.45 2.01 -33.02
C ALA A 229 23.82 1.57 -32.50
N SER A 230 24.52 0.73 -33.25
CA SER A 230 25.82 0.24 -32.81
C SER A 230 26.86 1.34 -32.65
N GLU A 231 26.59 2.54 -33.17
CA GLU A 231 27.54 3.64 -33.12
C GLU A 231 27.11 4.77 -32.19
N ILE A 232 26.01 4.61 -31.47
CA ILE A 232 25.50 5.69 -30.62
C ILE A 232 26.44 5.95 -29.44
N SER A 233 26.96 4.89 -28.82
CA SER A 233 27.82 5.06 -27.66
C SER A 233 29.10 5.82 -28.00
N SER A 234 29.59 5.67 -29.23
CA SER A 234 30.80 6.39 -29.64
C SER A 234 30.55 7.89 -29.66
N ILE A 235 29.44 8.32 -30.28
CA ILE A 235 29.17 9.75 -30.40
C ILE A 235 28.86 10.36 -29.04
N LEU A 236 28.25 9.59 -28.13
CA LEU A 236 27.96 10.09 -26.79
C LEU A 236 29.24 10.32 -26.01
N GLU A 237 30.21 9.42 -26.15
CA GLU A 237 31.49 9.58 -25.46
C GLU A 237 32.25 10.80 -25.96
N LYS A 238 32.14 11.10 -27.26
CA LYS A 238 32.79 12.28 -27.82
C LYS A 238 32.02 13.56 -27.55
N GLY A 239 30.90 13.48 -26.83
CA GLY A 239 30.18 14.64 -26.37
C GLY A 239 29.00 15.07 -27.22
N GLU A 240 28.70 14.35 -28.30
CA GLU A 240 27.55 14.73 -29.11
C GLU A 240 26.24 14.42 -28.39
N ARG A 241 25.26 15.31 -28.56
CA ARG A 241 23.95 15.16 -27.96
C ARG A 241 22.90 15.55 -28.98
N LEU A 242 21.64 15.24 -28.65
CA LEU A 242 20.55 15.64 -29.51
C LEU A 242 20.51 17.16 -29.65
N PRO A 243 20.18 17.70 -30.81
CA PRO A 243 20.24 19.14 -31.02
C PRO A 243 19.05 19.86 -30.39
N GLN A 244 19.22 21.17 -30.23
CA GLN A 244 18.15 21.99 -29.64
C GLN A 244 16.96 22.04 -30.58
N PRO A 245 15.78 21.60 -30.14
CA PRO A 245 14.59 21.66 -31.00
C PRO A 245 14.24 23.11 -31.32
N PRO A 246 13.74 23.37 -32.53
CA PRO A 246 13.48 24.76 -32.94
C PRO A 246 12.59 25.56 -31.99
N ILE A 247 11.63 24.91 -31.32
CA ILE A 247 10.71 25.65 -30.44
C ILE A 247 11.26 25.87 -29.05
N CYS A 248 12.37 25.22 -28.69
CA CYS A 248 12.87 25.29 -27.33
C CYS A 248 13.66 26.57 -27.09
N THR A 249 13.34 27.28 -26.03
CA THR A 249 14.24 28.29 -25.54
C THR A 249 15.46 27.64 -24.91
N ILE A 250 16.49 28.45 -24.64
CA ILE A 250 17.69 27.91 -24.03
C ILE A 250 17.39 27.35 -22.65
N ASP A 251 16.36 27.87 -21.98
CA ASP A 251 16.00 27.37 -20.66
C ASP A 251 15.64 25.90 -20.71
N VAL A 252 14.82 25.52 -21.69
CA VAL A 252 14.36 24.14 -21.81
C VAL A 252 15.50 23.23 -22.27
N TYR A 253 16.30 23.71 -23.24
CA TYR A 253 17.39 22.88 -23.76
C TYR A 253 18.44 22.60 -22.70
N MET A 254 18.64 23.54 -21.77
CA MET A 254 19.60 23.28 -20.69
C MET A 254 19.15 22.11 -19.82
N ILE A 255 17.84 22.00 -19.59
CA ILE A 255 17.31 20.88 -18.80
C ILE A 255 17.54 19.56 -19.52
N MET A 256 17.20 19.51 -20.81
CA MET A 256 17.44 18.31 -21.60
C MET A 256 18.91 17.91 -21.57
N ARG A 257 19.81 18.89 -21.75
CA ARG A 257 21.24 18.59 -21.74
C ARG A 257 21.70 18.07 -20.39
N LYS A 258 21.14 18.60 -19.30
CA LYS A 258 21.54 18.14 -17.98
C LYS A 258 21.12 16.71 -17.72
N CYS A 259 20.05 16.25 -18.37
CA CYS A 259 19.67 14.84 -18.29
C CYS A 259 20.67 13.93 -18.99
N TRP A 260 21.49 14.48 -19.88
CA TRP A 260 22.43 13.69 -20.67
C TRP A 260 23.88 13.91 -20.23
N MET A 261 24.09 14.34 -18.99
CA MET A 261 25.43 14.41 -18.45
C MET A 261 25.98 13.00 -18.25
N ILE A 262 27.28 12.84 -18.48
CA ILE A 262 27.88 11.51 -18.40
C ILE A 262 27.88 11.01 -16.96
N ASP A 263 28.04 11.90 -15.98
CA ASP A 263 27.98 11.53 -14.57
C ASP A 263 26.52 11.44 -14.13
N ALA A 264 26.06 10.23 -13.84
CA ALA A 264 24.64 10.01 -13.55
C ALA A 264 24.17 10.80 -12.33
N ASP A 265 25.02 10.96 -11.32
CA ASP A 265 24.62 11.69 -10.12
C ASP A 265 24.54 13.20 -10.35
N SER A 266 25.06 13.70 -11.46
CA SER A 266 24.97 15.12 -11.80
C SER A 266 23.69 15.46 -12.55
N ARG A 267 22.98 14.47 -13.09
CA ARG A 267 21.74 14.72 -13.78
C ARG A 267 20.66 15.16 -12.79
N PRO A 268 19.65 15.90 -13.25
CA PRO A 268 18.57 16.31 -12.36
C PRO A 268 17.81 15.10 -11.81
N LYS A 269 17.11 15.34 -10.71
CA LYS A 269 16.21 14.35 -10.14
C LYS A 269 14.79 14.62 -10.62
N PHE A 270 14.00 13.55 -10.72
CA PHE A 270 12.63 13.70 -11.17
C PHE A 270 11.85 14.68 -10.28
N ARG A 271 12.17 14.72 -8.99
CA ARG A 271 11.55 15.71 -8.10
C ARG A 271 11.85 17.13 -8.55
N GLU A 272 13.08 17.39 -8.99
CA GLU A 272 13.44 18.72 -9.45
C GLU A 272 12.85 19.03 -10.81
N LEU A 273 12.73 18.01 -11.67
CA LEU A 273 12.15 18.21 -12.98
C LEU A 273 10.67 18.60 -12.88
N ILE A 274 9.96 17.99 -11.92
CA ILE A 274 8.57 18.39 -11.66
C ILE A 274 8.50 19.88 -11.33
N ILE A 275 9.36 20.34 -10.43
CA ILE A 275 9.32 21.73 -9.99
C ILE A 275 9.66 22.66 -11.14
N GLU A 276 10.72 22.35 -11.90
CA GLU A 276 11.16 23.27 -12.94
C GLU A 276 10.15 23.36 -14.09
N PHE A 277 9.66 22.22 -14.56
CA PHE A 277 8.69 22.26 -15.64
C PHE A 277 7.35 22.85 -15.20
N SER A 278 6.98 22.68 -13.93
CA SER A 278 5.77 23.30 -13.42
C SER A 278 5.90 24.82 -13.41
N LYS A 279 7.09 25.34 -13.07
CA LYS A 279 7.32 26.78 -13.15
C LYS A 279 7.17 27.28 -14.57
N MET A 280 7.75 26.57 -15.54
CA MET A 280 7.63 26.97 -16.94
C MET A 280 6.20 26.84 -17.44
N ALA A 281 5.44 25.87 -16.94
CA ALA A 281 4.05 25.72 -17.36
C ALA A 281 3.19 26.88 -16.92
N ARG A 282 3.59 27.62 -15.88
CA ARG A 282 2.84 28.79 -15.44
C ARG A 282 3.10 30.02 -16.30
N ASP A 283 4.08 29.95 -17.20
CA ASP A 283 4.32 31.02 -18.17
C ASP A 283 4.82 30.37 -19.46
N PRO A 284 3.98 29.57 -20.12
CA PRO A 284 4.49 28.66 -21.16
C PRO A 284 5.08 29.37 -22.37
N GLN A 285 4.51 30.49 -22.79
CA GLN A 285 5.04 31.18 -23.96
C GLN A 285 6.38 31.86 -23.68
N ARG A 286 6.79 31.96 -22.41
CA ARG A 286 8.12 32.45 -22.11
C ARG A 286 9.18 31.40 -22.44
N TYR A 287 8.80 30.12 -22.41
CA TYR A 287 9.77 29.03 -22.50
C TYR A 287 9.67 28.20 -23.75
N LEU A 288 8.56 28.25 -24.48
CA LEU A 288 8.45 27.59 -25.77
C LEU A 288 7.94 28.57 -26.80
N VAL A 289 8.60 28.60 -27.95
CA VAL A 289 8.27 29.54 -29.02
C VAL A 289 7.67 28.73 -30.16
N ILE A 290 6.35 28.72 -30.23
CA ILE A 290 5.60 27.92 -31.20
C ILE A 290 4.80 28.86 -32.08
N GLN A 291 4.91 28.69 -33.40
CA GLN A 291 4.08 29.46 -34.32
C GLN A 291 2.62 29.09 -34.15
N GLY A 292 1.79 30.11 -33.88
CA GLY A 292 0.37 29.89 -33.66
C GLY A 292 -0.03 29.68 -32.21
N ASP A 293 0.90 29.91 -31.27
CA ASP A 293 0.67 29.51 -29.88
C ASP A 293 -0.52 30.24 -29.26
N GLU A 294 -0.80 31.47 -29.69
CA GLU A 294 -1.87 32.24 -29.06
C GLU A 294 -3.26 31.86 -29.57
N ARG A 295 -3.36 31.02 -30.60
CA ARG A 295 -4.64 30.52 -31.08
C ARG A 295 -4.93 29.09 -30.60
N MET A 296 -4.10 28.56 -29.71
CA MET A 296 -4.33 27.28 -29.06
C MET A 296 -4.17 27.47 -27.55
N HIS A 297 -5.07 26.85 -26.79
CA HIS A 297 -5.02 26.91 -25.34
C HIS A 297 -5.39 25.54 -24.79
N LEU A 298 -5.32 25.42 -23.46
CA LEU A 298 -5.89 24.27 -22.77
C LEU A 298 -7.41 24.31 -22.91
N PRO A 299 -8.10 23.20 -22.64
CA PRO A 299 -9.56 23.25 -22.67
C PRO A 299 -10.08 24.11 -21.53
N SER A 300 -11.23 24.74 -21.78
CA SER A 300 -11.92 25.43 -20.71
C SER A 300 -12.27 24.43 -19.61
N PRO A 301 -12.57 24.90 -18.39
CA PRO A 301 -13.06 23.98 -17.36
C PRO A 301 -14.24 23.15 -17.81
N THR A 302 -15.10 23.72 -18.65
CA THR A 302 -16.24 22.97 -19.20
C THR A 302 -15.77 21.75 -19.97
N ASP A 303 -14.80 21.94 -20.88
CA ASP A 303 -14.34 20.84 -21.71
C ASP A 303 -13.54 19.81 -20.91
N SER A 304 -12.85 20.25 -19.86
CA SER A 304 -12.14 19.30 -19.01
C SER A 304 -13.11 18.48 -18.18
N ASN A 305 -14.13 19.12 -17.61
CA ASN A 305 -15.14 18.38 -16.84
C ASN A 305 -15.85 17.36 -17.71
N PHE A 306 -16.10 17.69 -18.98
CA PHE A 306 -16.76 16.76 -19.88
C PHE A 306 -15.88 15.56 -20.17
N TYR A 307 -14.59 15.82 -20.48
CA TYR A 307 -13.65 14.73 -20.70
C TYR A 307 -13.57 13.78 -19.51
N ARG A 308 -13.41 14.36 -18.32
CA ARG A 308 -13.21 13.54 -17.12
C ARG A 308 -14.45 12.71 -16.79
N ALA A 309 -15.64 13.30 -16.93
CA ALA A 309 -16.86 12.56 -16.63
C ALA A 309 -17.06 11.37 -17.55
N LEU A 310 -16.66 11.50 -18.82
CA LEU A 310 -16.85 10.44 -19.78
C LEU A 310 -15.69 9.44 -19.82
N MET A 311 -14.45 9.91 -19.64
CA MET A 311 -13.28 9.08 -19.91
C MET A 311 -12.26 9.04 -18.79
N ASP A 312 -12.39 9.86 -17.75
CA ASP A 312 -11.26 10.04 -16.86
C ASP A 312 -11.78 10.44 -15.47
N GLU A 313 -12.36 9.47 -14.77
CA GLU A 313 -12.99 9.71 -13.47
C GLU A 313 -12.04 9.52 -12.29
N GLU A 314 -10.78 9.17 -12.54
CA GLU A 314 -9.85 8.97 -11.43
C GLU A 314 -9.43 10.31 -10.83
N ASP A 315 -8.94 10.26 -9.58
CA ASP A 315 -8.66 11.46 -8.79
C ASP A 315 -7.99 12.57 -9.62
N MET A 316 -6.80 12.32 -10.13
CA MET A 316 -6.16 13.33 -10.97
C MET A 316 -5.69 12.76 -12.31
N ASN B 9 -19.92 26.09 -11.67
CA ASN B 9 -21.37 25.97 -11.75
C ASN B 9 -21.84 25.86 -13.20
N GLN B 10 -21.76 26.98 -13.91
CA GLN B 10 -22.12 26.98 -15.33
C GLN B 10 -21.21 26.09 -16.15
N ALA B 11 -19.96 25.91 -15.70
CA ALA B 11 -18.99 25.10 -16.41
C ALA B 11 -19.24 23.60 -16.27
N LEU B 12 -20.22 23.19 -15.47
CA LEU B 12 -20.50 21.76 -15.30
C LEU B 12 -21.39 21.21 -16.40
N LEU B 13 -22.00 22.06 -17.22
CA LEU B 13 -22.83 21.63 -18.33
C LEU B 13 -22.16 22.08 -19.62
N ARG B 14 -21.74 21.11 -20.43
CA ARG B 14 -21.14 21.43 -21.72
C ARG B 14 -22.20 21.63 -22.79
N ILE B 15 -22.10 22.75 -23.50
CA ILE B 15 -22.96 23.01 -24.65
C ILE B 15 -22.28 22.45 -25.90
N LEU B 16 -22.91 21.47 -26.53
CA LEU B 16 -22.34 20.76 -27.67
C LEU B 16 -22.96 21.26 -28.97
N LYS B 17 -22.21 21.14 -30.06
CA LYS B 17 -22.71 21.38 -31.39
C LYS B 17 -23.26 20.08 -32.00
N GLU B 18 -24.20 20.23 -32.94
CA GLU B 18 -24.69 19.09 -33.70
C GLU B 18 -23.56 18.30 -34.34
N THR B 19 -22.52 18.99 -34.79
CA THR B 19 -21.49 18.38 -35.61
C THR B 19 -20.47 17.60 -34.80
N GLU B 20 -20.51 17.65 -33.47
CA GLU B 20 -19.52 16.98 -32.65
C GLU B 20 -20.06 15.74 -31.94
N PHE B 21 -21.27 15.30 -32.27
CA PHE B 21 -21.75 14.01 -31.76
C PHE B 21 -22.74 13.42 -32.75
N LYS B 22 -22.89 12.09 -32.67
CA LYS B 22 -23.78 11.34 -33.56
C LYS B 22 -24.52 10.27 -32.77
N LYS B 23 -25.82 10.16 -33.02
CA LYS B 23 -26.60 9.03 -32.53
C LYS B 23 -26.36 7.83 -33.44
N ILE B 24 -26.09 6.67 -32.84
CA ILE B 24 -25.74 5.50 -33.65
C ILE B 24 -26.72 4.35 -33.46
N LYS B 25 -27.34 4.25 -32.28
CA LYS B 25 -28.25 3.14 -32.02
C LYS B 25 -29.26 3.52 -30.95
N VAL B 26 -30.52 3.13 -31.17
CA VAL B 26 -31.59 3.35 -30.20
C VAL B 26 -31.48 2.33 -29.07
N LEU B 27 -31.47 2.82 -27.84
CA LEU B 27 -31.43 1.99 -26.64
C LEU B 27 -32.79 1.81 -25.97
N GLY B 28 -33.67 2.80 -26.11
CA GLY B 28 -34.97 2.73 -25.49
C GLY B 28 -35.57 4.11 -25.43
N SER B 29 -36.66 4.20 -24.70
CA SER B 29 -37.36 5.47 -24.53
C SER B 29 -37.51 5.76 -23.05
N GLY B 30 -37.39 7.03 -22.70
CA GLY B 30 -37.53 7.45 -21.33
C GLY B 30 -38.45 8.64 -21.22
N ALA B 31 -38.20 9.45 -20.21
CA ALA B 31 -39.02 10.62 -19.94
C ALA B 31 -38.79 11.65 -21.04
N PHE B 32 -39.84 12.02 -21.76
CA PHE B 32 -39.77 13.09 -22.75
C PHE B 32 -38.90 12.76 -23.96
N GLY B 33 -38.45 11.53 -24.13
CA GLY B 33 -37.62 11.28 -25.30
C GLY B 33 -37.19 9.85 -25.44
N THR B 34 -36.43 9.62 -26.52
CA THR B 34 -35.83 8.34 -26.84
C THR B 34 -34.36 8.42 -26.46
N VAL B 35 -33.88 7.42 -25.74
CA VAL B 35 -32.49 7.42 -25.33
C VAL B 35 -31.74 6.57 -26.35
N TYR B 36 -30.69 7.16 -26.90
CA TYR B 36 -29.88 6.55 -27.95
C TYR B 36 -28.48 6.36 -27.40
N LYS B 37 -27.81 5.34 -27.89
CA LYS B 37 -26.37 5.26 -27.76
C LYS B 37 -25.71 6.17 -28.80
N GLY B 38 -24.74 6.97 -28.37
CA GLY B 38 -24.08 7.94 -29.23
C GLY B 38 -22.57 7.91 -29.13
N LEU B 39 -21.92 8.73 -29.97
CA LEU B 39 -20.48 8.88 -30.02
C LEU B 39 -20.16 10.36 -30.04
N TRP B 40 -19.28 10.78 -29.14
CA TRP B 40 -18.79 12.15 -29.11
C TRP B 40 -17.46 12.21 -29.86
N ILE B 41 -17.35 13.14 -30.80
CA ILE B 41 -16.12 13.34 -31.55
C ILE B 41 -15.56 14.71 -31.16
N PRO B 42 -14.57 14.77 -30.28
CA PRO B 42 -13.99 16.06 -29.90
C PRO B 42 -13.46 16.81 -31.11
N GLU B 43 -13.67 18.13 -31.13
CA GLU B 43 -13.20 18.94 -32.24
C GLU B 43 -11.69 18.81 -32.38
N GLY B 44 -11.23 18.60 -33.61
CA GLY B 44 -9.82 18.46 -33.88
C GLY B 44 -9.22 17.13 -33.51
N GLU B 45 -10.01 16.19 -33.01
CA GLU B 45 -9.53 14.88 -32.58
C GLU B 45 -10.11 13.79 -33.48
N LYS B 46 -9.52 12.60 -33.38
CA LYS B 46 -9.92 11.46 -34.19
C LYS B 46 -10.65 10.38 -33.40
N VAL B 47 -10.77 10.50 -32.09
CA VAL B 47 -11.39 9.45 -31.29
C VAL B 47 -12.90 9.62 -31.30
N LYS B 48 -13.61 8.54 -31.01
CA LYS B 48 -15.06 8.52 -30.87
C LYS B 48 -15.41 7.96 -29.50
N ILE B 49 -16.03 8.78 -28.66
CA ILE B 49 -16.27 8.46 -27.26
C ILE B 49 -17.75 8.13 -27.08
N PRO B 50 -18.10 6.96 -26.57
CA PRO B 50 -19.52 6.61 -26.43
C PRO B 50 -20.20 7.45 -25.36
N VAL B 51 -21.41 7.91 -25.69
CA VAL B 51 -22.26 8.66 -24.78
C VAL B 51 -23.68 8.12 -24.91
N ALA B 52 -24.52 8.50 -23.95
CA ALA B 52 -25.96 8.27 -24.04
C ALA B 52 -26.64 9.60 -24.31
N ILE B 53 -27.52 9.62 -25.31
CA ILE B 53 -28.16 10.86 -25.75
C ILE B 53 -29.66 10.67 -25.75
N LYS B 54 -30.39 11.60 -25.15
CA LYS B 54 -31.84 11.62 -25.23
C LYS B 54 -32.30 12.84 -26.01
N GLU B 55 -32.98 12.61 -27.14
CA GLU B 55 -33.54 13.63 -28.02
C GLU B 55 -34.99 13.87 -27.66
N LEU B 56 -35.27 15.05 -27.09
CA LEU B 56 -36.61 15.34 -26.61
C LEU B 56 -37.59 15.28 -27.75
N ARG B 57 -38.73 14.63 -27.50
CA ARG B 57 -39.72 14.41 -28.55
C ARG B 57 -40.48 15.70 -28.88
N GLU B 58 -41.27 16.23 -27.94
CA GLU B 58 -41.95 17.50 -28.21
C GLU B 58 -40.84 18.53 -28.42
N ALA B 59 -40.78 19.11 -29.60
CA ALA B 59 -39.70 20.04 -29.93
C ALA B 59 -39.92 21.37 -29.22
N THR B 60 -38.86 22.16 -29.14
CA THR B 60 -38.91 23.36 -28.32
C THR B 60 -38.41 24.58 -29.10
N SER B 61 -38.51 25.74 -28.47
CA SER B 61 -38.16 27.05 -28.98
C SER B 61 -37.03 27.66 -28.16
N PRO B 62 -36.36 28.70 -28.70
CA PRO B 62 -35.29 29.35 -27.95
C PRO B 62 -35.70 29.94 -26.60
N LYS B 63 -36.90 30.52 -26.50
CA LYS B 63 -37.33 31.06 -25.20
C LYS B 63 -37.66 29.94 -24.21
N ALA B 64 -38.27 28.84 -24.69
CA ALA B 64 -38.52 27.66 -23.86
C ALA B 64 -37.23 26.92 -23.50
N ASN B 65 -36.22 27.02 -24.34
CA ASN B 65 -34.91 26.39 -24.09
C ASN B 65 -34.25 26.96 -22.86
N LYS B 66 -34.63 28.18 -22.45
CA LYS B 66 -34.16 28.73 -21.18
C LYS B 66 -34.65 27.90 -19.98
N GLU B 67 -35.93 27.51 -19.97
CA GLU B 67 -36.45 26.70 -18.86
C GLU B 67 -35.65 25.41 -18.73
N ILE B 68 -35.38 24.79 -19.88
CA ILE B 68 -34.60 23.56 -19.91
C ILE B 68 -33.23 23.80 -19.29
N LEU B 69 -32.56 24.88 -19.70
CA LEU B 69 -31.21 25.13 -19.22
C LEU B 69 -31.16 25.34 -17.71
N ASP B 70 -32.15 26.04 -17.16
CA ASP B 70 -32.15 26.28 -15.72
C ASP B 70 -32.22 24.98 -14.94
N GLU B 71 -33.07 24.04 -15.38
CA GLU B 71 -33.11 22.74 -14.72
C GLU B 71 -31.88 21.91 -15.05
N ALA B 72 -31.37 22.01 -16.29
CA ALA B 72 -30.19 21.25 -16.68
C ALA B 72 -28.98 21.60 -15.82
N TYR B 73 -28.83 22.88 -15.46
CA TYR B 73 -27.69 23.30 -14.66
C TYR B 73 -27.70 22.65 -13.29
N VAL B 74 -28.88 22.42 -12.72
CA VAL B 74 -28.96 21.77 -11.42
C VAL B 74 -28.60 20.29 -11.55
N MET B 75 -29.11 19.63 -12.59
CA MET B 75 -28.81 18.22 -12.79
C MET B 75 -27.38 17.99 -13.23
N ALA B 76 -26.70 19.03 -13.73
CA ALA B 76 -25.28 18.94 -13.99
C ALA B 76 -24.44 19.20 -12.75
N SER B 77 -25.07 19.56 -11.63
CA SER B 77 -24.36 19.95 -10.43
C SER B 77 -24.31 18.87 -9.36
N VAL B 78 -24.91 17.71 -9.60
CA VAL B 78 -24.91 16.65 -8.60
C VAL B 78 -23.54 15.99 -8.57
N ASP B 79 -23.09 15.63 -7.36
CA ASP B 79 -21.76 15.08 -7.13
C ASP B 79 -21.93 14.04 -6.02
N ASN B 80 -22.33 12.83 -6.42
CA ASN B 80 -22.55 11.72 -5.51
C ASN B 80 -22.34 10.42 -6.27
N PRO B 81 -21.67 9.44 -5.67
CA PRO B 81 -21.38 8.19 -6.40
C PRO B 81 -22.61 7.44 -6.86
N HIS B 82 -23.78 7.68 -6.25
CA HIS B 82 -24.99 6.91 -6.56
C HIS B 82 -26.05 7.76 -7.23
N VAL B 83 -25.67 8.89 -7.81
CA VAL B 83 -26.57 9.79 -8.51
C VAL B 83 -25.94 10.13 -9.85
N CYS B 84 -26.69 9.91 -10.94
CA CYS B 84 -26.18 10.24 -12.27
C CYS B 84 -26.17 11.74 -12.50
N ARG B 85 -25.11 12.21 -13.15
CA ARG B 85 -24.93 13.63 -13.45
C ARG B 85 -25.17 13.89 -14.93
N LEU B 86 -25.91 14.94 -15.23
CA LEU B 86 -26.03 15.43 -16.61
C LEU B 86 -24.71 16.07 -17.04
N LEU B 87 -24.22 15.69 -18.22
CA LEU B 87 -22.92 16.13 -18.68
C LEU B 87 -23.01 17.20 -19.76
N GLY B 88 -23.98 17.10 -20.66
CA GLY B 88 -24.04 18.04 -21.76
C GLY B 88 -25.44 18.19 -22.30
N ILE B 89 -25.59 19.17 -23.19
CA ILE B 89 -26.87 19.47 -23.81
C ILE B 89 -26.57 20.07 -25.18
N CYS B 90 -27.42 19.77 -26.15
CA CYS B 90 -27.28 20.32 -27.49
C CYS B 90 -28.62 20.92 -27.87
N LEU B 91 -28.65 22.25 -28.04
CA LEU B 91 -29.87 23.02 -28.23
C LEU B 91 -30.21 23.10 -29.72
N THR B 92 -30.87 22.07 -30.22
CA THR B 92 -31.21 22.12 -31.63
C THR B 92 -32.71 22.29 -31.79
N SER B 93 -33.26 21.79 -32.89
CA SER B 93 -34.71 21.84 -33.04
C SER B 93 -35.33 21.05 -31.90
N THR B 94 -34.86 19.81 -31.74
CA THR B 94 -35.19 18.96 -30.63
C THR B 94 -33.98 18.99 -29.69
N VAL B 95 -34.23 19.10 -28.40
CA VAL B 95 -33.11 19.26 -27.49
C VAL B 95 -32.61 17.88 -27.09
N GLN B 96 -31.30 17.69 -27.16
CA GLN B 96 -30.66 16.42 -26.89
C GLN B 96 -29.83 16.56 -25.61
N LEU B 97 -29.97 15.61 -24.69
CA LEU B 97 -29.26 15.65 -23.42
C LEU B 97 -28.21 14.54 -23.42
N ILE B 98 -27.02 14.84 -22.90
CA ILE B 98 -25.88 13.94 -23.00
C ILE B 98 -25.41 13.55 -21.61
N MET B 99 -25.17 12.25 -21.40
CA MET B 99 -24.61 11.78 -20.14
C MET B 99 -23.79 10.53 -20.40
N GLN B 100 -23.18 10.00 -19.33
CA GLN B 100 -22.33 8.83 -19.43
C GLN B 100 -23.11 7.59 -19.86
N LEU B 101 -22.54 6.79 -20.76
CA LEU B 101 -23.16 5.56 -21.20
C LEU B 101 -22.91 4.44 -20.20
N MET B 102 -23.98 3.78 -19.77
CA MET B 102 -23.92 2.65 -18.86
C MET B 102 -24.17 1.37 -19.64
N PRO B 103 -23.12 0.66 -20.08
CA PRO B 103 -23.34 -0.53 -20.93
C PRO B 103 -24.17 -1.60 -20.26
N PHE B 104 -24.18 -1.67 -18.93
CA PHE B 104 -24.99 -2.67 -18.25
C PHE B 104 -26.47 -2.30 -18.29
N GLY B 105 -26.79 -1.05 -18.59
CA GLY B 105 -28.18 -0.67 -18.66
C GLY B 105 -28.80 -0.42 -17.30
N CYS B 106 -30.12 -0.56 -17.26
CA CYS B 106 -30.95 -0.30 -16.09
C CYS B 106 -31.00 -1.50 -15.14
N LEU B 107 -31.30 -1.19 -13.88
CA LEU B 107 -31.35 -2.24 -12.86
C LEU B 107 -32.59 -3.12 -13.03
N LEU B 108 -33.68 -2.59 -13.57
CA LEU B 108 -34.91 -3.37 -13.73
C LEU B 108 -34.69 -4.54 -14.68
N ASP B 109 -34.21 -4.26 -15.91
CA ASP B 109 -33.95 -5.34 -16.85
C ASP B 109 -32.82 -6.23 -16.36
N TYR B 110 -31.86 -5.67 -15.63
CA TYR B 110 -30.76 -6.48 -15.13
C TYR B 110 -31.25 -7.55 -14.17
N VAL B 111 -32.15 -7.17 -13.25
CA VAL B 111 -32.64 -8.15 -12.29
C VAL B 111 -33.51 -9.18 -12.98
N ARG B 112 -34.24 -8.76 -14.02
CA ARG B 112 -35.05 -9.71 -14.79
C ARG B 112 -34.17 -10.71 -15.53
N GLU B 113 -33.05 -10.25 -16.10
CA GLU B 113 -32.20 -11.13 -16.90
C GLU B 113 -31.28 -12.01 -16.06
N HIS B 114 -30.93 -11.56 -14.85
CA HIS B 114 -30.03 -12.31 -13.98
C HIS B 114 -30.73 -12.86 -12.74
N LYS B 115 -32.05 -13.03 -12.80
CA LYS B 115 -32.84 -13.34 -11.60
C LYS B 115 -32.46 -14.67 -10.97
N ASP B 116 -31.90 -15.61 -11.72
CA ASP B 116 -31.50 -16.89 -11.19
C ASP B 116 -30.04 -16.90 -10.73
N ASN B 117 -29.37 -15.74 -10.73
CA ASN B 117 -27.97 -15.66 -10.33
C ASN B 117 -27.69 -14.50 -9.38
N ILE B 118 -28.72 -13.87 -8.82
CA ILE B 118 -28.56 -12.71 -7.95
C ILE B 118 -28.79 -13.14 -6.51
N GLY B 119 -27.74 -12.98 -5.68
CA GLY B 119 -27.80 -13.37 -4.30
C GLY B 119 -28.21 -12.22 -3.38
N SER B 120 -28.34 -12.56 -2.10
CA SER B 120 -28.85 -11.59 -1.13
C SER B 120 -27.92 -10.41 -0.93
N GLN B 121 -26.61 -10.62 -1.07
CA GLN B 121 -25.66 -9.54 -0.81
C GLN B 121 -25.79 -8.44 -1.87
N TYR B 122 -25.96 -8.83 -3.13
CA TYR B 122 -26.18 -7.84 -4.19
C TYR B 122 -27.46 -7.05 -3.96
N LEU B 123 -28.56 -7.76 -3.69
CA LEU B 123 -29.86 -7.13 -3.54
C LEU B 123 -29.86 -6.10 -2.41
N LEU B 124 -29.31 -6.48 -1.26
CA LEU B 124 -29.33 -5.58 -0.12
C LEU B 124 -28.39 -4.39 -0.34
N ASN B 125 -27.25 -4.61 -0.99
CA ASN B 125 -26.34 -3.51 -1.28
C ASN B 125 -26.94 -2.55 -2.31
N TRP B 126 -27.68 -3.08 -3.30
CA TRP B 126 -28.41 -2.21 -4.22
C TRP B 126 -29.39 -1.34 -3.46
N CYS B 127 -30.07 -1.90 -2.47
CA CYS B 127 -30.98 -1.11 -1.65
C CYS B 127 -30.22 -0.01 -0.89
N VAL B 128 -29.05 -0.35 -0.35
CA VAL B 128 -28.24 0.65 0.36
C VAL B 128 -27.85 1.78 -0.58
N GLN B 129 -27.34 1.44 -1.77
CA GLN B 129 -26.81 2.44 -2.68
C GLN B 129 -27.90 3.38 -3.18
N ILE B 130 -29.08 2.85 -3.49
CA ILE B 130 -30.19 3.70 -3.93
C ILE B 130 -30.58 4.65 -2.81
N ALA B 131 -30.59 4.16 -1.57
CA ALA B 131 -30.92 5.02 -0.44
C ALA B 131 -29.87 6.09 -0.23
N LYS B 132 -28.60 5.76 -0.48
CA LYS B 132 -27.54 6.77 -0.38
C LYS B 132 -27.74 7.87 -1.40
N GLY B 133 -28.05 7.50 -2.65
CA GLY B 133 -28.32 8.50 -3.67
C GLY B 133 -29.55 9.33 -3.37
N MET B 134 -30.61 8.69 -2.88
CA MET B 134 -31.82 9.43 -2.55
C MET B 134 -31.59 10.36 -1.37
N ASN B 135 -30.82 9.91 -0.37
CA ASN B 135 -30.48 10.80 0.73
C ASN B 135 -29.68 11.99 0.22
N TYR B 136 -28.83 11.77 -0.79
CA TYR B 136 -28.10 12.88 -1.39
C TYR B 136 -29.06 13.88 -2.03
N LEU B 137 -30.01 13.39 -2.83
CA LEU B 137 -30.98 14.28 -3.46
C LEU B 137 -31.76 15.07 -2.42
N GLU B 138 -32.14 14.42 -1.31
CA GLU B 138 -32.82 15.14 -0.24
C GLU B 138 -31.93 16.23 0.34
N ASP B 139 -30.64 15.92 0.56
CA ASP B 139 -29.71 16.92 1.06
C ASP B 139 -29.61 18.12 0.12
N ARG B 140 -29.65 17.87 -1.18
CA ARG B 140 -29.67 18.94 -2.17
C ARG B 140 -31.06 19.52 -2.36
N ARG B 141 -32.07 19.05 -1.62
CA ARG B 141 -33.45 19.52 -1.77
C ARG B 141 -33.98 19.27 -3.17
N LEU B 142 -33.65 18.11 -3.73
CA LEU B 142 -34.15 17.75 -5.05
C LEU B 142 -35.06 16.55 -4.90
N VAL B 143 -36.34 16.75 -5.22
CA VAL B 143 -37.29 15.65 -5.23
C VAL B 143 -37.15 14.91 -6.55
N HIS B 144 -37.03 13.58 -6.48
CA HIS B 144 -36.84 12.77 -7.67
C HIS B 144 -38.07 12.81 -8.57
N ARG B 145 -39.22 12.42 -8.04
CA ARG B 145 -40.56 12.41 -8.64
C ARG B 145 -40.81 11.22 -9.54
N ASP B 146 -39.83 10.36 -9.81
CA ASP B 146 -40.04 9.23 -10.71
C ASP B 146 -39.09 8.09 -10.36
N LEU B 147 -38.89 7.83 -9.07
CA LEU B 147 -38.00 6.75 -8.68
C LEU B 147 -38.65 5.41 -8.99
N ALA B 148 -37.88 4.52 -9.62
CA ALA B 148 -38.34 3.21 -10.04
C ALA B 148 -37.12 2.41 -10.47
N ALA B 149 -37.29 1.09 -10.53
CA ALA B 149 -36.19 0.22 -10.93
C ALA B 149 -35.70 0.57 -12.33
N ARG B 150 -36.56 1.12 -13.18
CA ARG B 150 -36.17 1.53 -14.52
C ARG B 150 -35.27 2.75 -14.51
N ASN B 151 -35.32 3.57 -13.48
CA ASN B 151 -34.51 4.79 -13.40
C ASN B 151 -33.37 4.62 -12.41
N VAL B 152 -32.94 3.38 -12.21
CA VAL B 152 -31.69 3.04 -11.55
C VAL B 152 -30.81 2.33 -12.58
N LEU B 153 -29.67 2.94 -12.90
CA LEU B 153 -28.75 2.42 -13.90
C LEU B 153 -27.63 1.65 -13.24
N VAL B 154 -27.19 0.58 -13.91
CA VAL B 154 -26.11 -0.26 -13.44
C VAL B 154 -24.81 0.21 -14.07
N LYS B 155 -23.93 0.80 -13.28
CA LYS B 155 -22.60 1.16 -13.78
C LYS B 155 -21.72 -0.09 -13.85
N THR B 156 -21.61 -0.82 -12.75
CA THR B 156 -21.14 -2.19 -12.69
C THR B 156 -22.15 -2.94 -11.84
N PRO B 157 -22.15 -4.29 -11.89
CA PRO B 157 -23.09 -5.03 -11.04
C PRO B 157 -22.99 -4.67 -9.56
N GLN B 158 -21.85 -4.13 -9.15
CA GLN B 158 -21.64 -3.76 -7.76
C GLN B 158 -21.93 -2.28 -7.47
N HIS B 159 -22.32 -1.51 -8.49
CA HIS B 159 -22.42 -0.06 -8.36
C HIS B 159 -23.57 0.42 -9.24
N VAL B 160 -24.63 0.90 -8.60
CA VAL B 160 -25.80 1.41 -9.30
C VAL B 160 -25.94 2.90 -9.01
N LYS B 161 -26.60 3.60 -9.92
CA LYS B 161 -26.74 5.05 -9.84
C LYS B 161 -28.14 5.46 -10.26
N ILE B 162 -28.68 6.47 -9.58
CA ILE B 162 -30.03 6.97 -9.85
C ILE B 162 -29.98 7.96 -11.01
N THR B 163 -30.99 7.91 -11.88
CA THR B 163 -31.05 8.79 -13.04
C THR B 163 -32.45 9.40 -13.19
N ASP B 164 -32.54 10.38 -14.10
CA ASP B 164 -33.80 10.98 -14.54
C ASP B 164 -34.60 11.58 -13.38
N PHE B 165 -33.91 12.22 -12.46
CA PHE B 165 -34.55 12.83 -11.30
C PHE B 165 -34.86 14.30 -11.55
N GLY B 166 -35.77 14.83 -10.74
CA GLY B 166 -36.05 16.26 -10.70
C GLY B 166 -36.85 16.82 -11.86
N LEU B 167 -37.52 15.98 -12.64
CA LEU B 167 -38.24 16.44 -13.82
C LEU B 167 -39.61 17.00 -13.44
N ALA B 168 -39.58 18.07 -12.64
CA ALA B 168 -40.83 18.66 -12.13
C ALA B 168 -41.65 19.26 -13.26
N LYS B 169 -41.02 19.99 -14.17
CA LYS B 169 -41.72 20.69 -15.23
C LYS B 169 -42.32 19.72 -16.26
N VAL B 185 -47.91 9.61 -16.20
CA VAL B 185 -47.52 9.62 -14.79
C VAL B 185 -47.35 8.19 -14.29
N PRO B 186 -46.31 7.96 -13.48
CA PRO B 186 -46.04 6.62 -12.93
C PRO B 186 -46.89 6.32 -11.70
N ILE B 187 -48.20 6.14 -11.95
CA ILE B 187 -49.18 6.03 -10.87
C ILE B 187 -48.80 4.95 -9.86
N LYS B 188 -48.42 3.77 -10.34
CA LYS B 188 -48.20 2.64 -9.44
C LYS B 188 -46.93 2.77 -8.62
N TRP B 189 -46.12 3.80 -8.83
CA TRP B 189 -44.98 4.09 -7.98
C TRP B 189 -45.22 5.30 -7.09
N MET B 190 -46.33 6.00 -7.27
CA MET B 190 -46.56 7.28 -6.62
C MET B 190 -47.18 7.11 -5.24
N ALA B 191 -46.79 7.98 -4.32
CA ALA B 191 -47.46 8.06 -3.03
C ALA B 191 -48.89 8.54 -3.23
N LEU B 192 -49.74 8.16 -2.27
CA LEU B 192 -51.16 8.48 -2.38
C LEU B 192 -51.39 9.99 -2.49
N GLU B 193 -50.61 10.78 -1.74
CA GLU B 193 -50.77 12.24 -1.80
C GLU B 193 -50.32 12.82 -3.13
N SER B 194 -49.46 12.11 -3.88
CA SER B 194 -49.12 12.58 -5.21
C SER B 194 -50.24 12.29 -6.20
N ILE B 195 -50.85 11.12 -6.10
CA ILE B 195 -51.97 10.77 -6.99
C ILE B 195 -53.15 11.71 -6.74
N LEU B 196 -53.51 11.91 -5.47
CA LEU B 196 -54.73 12.66 -5.15
C LEU B 196 -54.51 14.16 -5.24
N HIS B 197 -53.34 14.66 -4.83
CA HIS B 197 -53.15 16.09 -4.64
C HIS B 197 -51.93 16.69 -5.32
N ARG B 198 -51.14 15.90 -6.07
CA ARG B 198 -49.96 16.40 -6.76
C ARG B 198 -48.95 16.99 -5.79
N ILE B 199 -48.80 16.34 -4.65
CA ILE B 199 -47.81 16.69 -3.63
C ILE B 199 -46.59 15.80 -3.82
N TYR B 200 -45.45 16.40 -4.14
CA TYR B 200 -44.21 15.66 -4.33
C TYR B 200 -43.19 16.18 -3.31
N THR B 201 -42.81 15.33 -2.38
CA THR B 201 -41.84 15.67 -1.34
C THR B 201 -40.79 14.57 -1.27
N HIS B 202 -39.81 14.76 -0.39
CA HIS B 202 -38.84 13.69 -0.15
C HIS B 202 -39.51 12.49 0.51
N GLN B 203 -40.63 12.71 1.22
CA GLN B 203 -41.35 11.60 1.83
C GLN B 203 -42.21 10.84 0.83
N SER B 204 -42.66 11.51 -0.23
CA SER B 204 -43.32 10.77 -1.32
C SER B 204 -42.31 9.98 -2.14
N ASP B 205 -41.07 10.44 -2.19
CA ASP B 205 -40.00 9.64 -2.78
C ASP B 205 -39.79 8.35 -1.99
N VAL B 206 -39.92 8.42 -0.67
CA VAL B 206 -39.75 7.25 0.18
C VAL B 206 -40.75 6.17 -0.22
N TRP B 207 -41.97 6.57 -0.58
CA TRP B 207 -42.95 5.63 -1.10
C TRP B 207 -42.44 4.95 -2.36
N SER B 208 -41.98 5.76 -3.33
CA SER B 208 -41.44 5.19 -4.56
C SER B 208 -40.24 4.30 -4.28
N TYR B 209 -39.42 4.67 -3.28
CA TYR B 209 -38.30 3.81 -2.91
C TYR B 209 -38.79 2.45 -2.44
N GLY B 210 -39.85 2.43 -1.62
CA GLY B 210 -40.42 1.16 -1.20
C GLY B 210 -40.85 0.31 -2.37
N VAL B 211 -41.50 0.91 -3.36
CA VAL B 211 -41.89 0.17 -4.56
C VAL B 211 -40.65 -0.29 -5.32
N THR B 212 -39.63 0.55 -5.37
CA THR B 212 -38.40 0.18 -6.07
C THR B 212 -37.75 -1.03 -5.43
N VAL B 213 -37.69 -1.06 -4.09
CA VAL B 213 -37.20 -2.25 -3.39
C VAL B 213 -38.07 -3.45 -3.72
N TRP B 214 -39.39 -3.26 -3.76
CA TRP B 214 -40.31 -4.35 -4.09
C TRP B 214 -40.02 -4.91 -5.47
N GLU B 215 -39.71 -4.04 -6.44
CA GLU B 215 -39.34 -4.51 -7.77
C GLU B 215 -38.12 -5.41 -7.73
N LEU B 216 -37.09 -5.00 -6.97
CA LEU B 216 -35.86 -5.78 -6.91
C LEU B 216 -36.09 -7.13 -6.27
N MET B 217 -36.74 -7.14 -5.10
CA MET B 217 -36.91 -8.37 -4.34
CA MET B 217 -36.87 -8.38 -4.36
C MET B 217 -37.78 -9.38 -5.08
N THR B 218 -38.71 -8.91 -5.90
CA THR B 218 -39.51 -9.79 -6.74
C THR B 218 -38.82 -10.11 -8.06
N PHE B 219 -37.56 -9.70 -8.22
CA PHE B 219 -36.79 -9.89 -9.44
C PHE B 219 -37.48 -9.25 -10.65
N GLY B 220 -38.05 -8.07 -10.45
CA GLY B 220 -38.55 -7.29 -11.56
C GLY B 220 -40.00 -7.50 -11.90
N SER B 221 -40.82 -7.90 -10.93
CA SER B 221 -42.24 -8.08 -11.19
C SER B 221 -42.91 -6.72 -11.41
N LYS B 222 -44.04 -6.74 -12.08
CA LYS B 222 -44.78 -5.51 -12.29
C LYS B 222 -45.67 -5.24 -11.08
N PRO B 223 -45.61 -4.04 -10.49
CA PRO B 223 -46.46 -3.76 -9.33
C PRO B 223 -47.93 -3.66 -9.75
N TYR B 224 -48.79 -4.22 -8.90
CA TYR B 224 -50.25 -4.24 -9.13
C TYR B 224 -50.56 -4.71 -10.56
N ASP B 225 -49.96 -5.84 -10.94
CA ASP B 225 -50.08 -6.31 -12.31
C ASP B 225 -51.54 -6.56 -12.68
N GLY B 226 -51.99 -5.92 -13.76
CA GLY B 226 -53.34 -6.07 -14.26
C GLY B 226 -54.39 -5.15 -13.67
N ILE B 227 -54.03 -4.31 -12.72
CA ILE B 227 -54.96 -3.34 -12.15
C ILE B 227 -54.80 -2.01 -12.89
N PRO B 228 -55.88 -1.45 -13.45
CA PRO B 228 -55.75 -0.17 -14.16
C PRO B 228 -55.22 0.93 -13.24
N ALA B 229 -54.38 1.80 -13.81
CA ALA B 229 -53.82 2.90 -13.02
C ALA B 229 -54.92 3.78 -12.44
N SER B 230 -56.02 3.95 -13.17
CA SER B 230 -57.13 4.78 -12.71
C SER B 230 -57.78 4.25 -11.44
N GLU B 231 -57.48 3.02 -11.03
CA GLU B 231 -58.06 2.43 -9.83
C GLU B 231 -57.05 2.23 -8.71
N ILE B 232 -55.80 2.66 -8.88
CA ILE B 232 -54.77 2.41 -7.86
C ILE B 232 -55.03 3.20 -6.59
N SER B 233 -55.38 4.48 -6.71
CA SER B 233 -55.58 5.30 -5.52
C SER B 233 -56.72 4.77 -4.66
N SER B 234 -57.72 4.16 -5.28
CA SER B 234 -58.83 3.58 -4.52
C SER B 234 -58.37 2.40 -3.68
N ILE B 235 -57.58 1.49 -4.26
CA ILE B 235 -57.12 0.32 -3.50
C ILE B 235 -56.17 0.74 -2.39
N LEU B 236 -55.39 1.81 -2.61
CA LEU B 236 -54.49 2.30 -1.58
C LEU B 236 -55.26 2.90 -0.41
N GLU B 237 -56.33 3.63 -0.70
CA GLU B 237 -57.14 4.21 0.36
C GLU B 237 -57.78 3.15 1.25
N LYS B 238 -58.15 2.02 0.67
CA LYS B 238 -58.72 0.91 1.45
C LYS B 238 -57.67 0.06 2.15
N GLY B 239 -56.40 0.39 2.03
CA GLY B 239 -55.36 -0.28 2.78
C GLY B 239 -54.63 -1.39 2.05
N GLU B 240 -54.93 -1.66 0.79
CA GLU B 240 -54.19 -2.67 0.06
C GLU B 240 -52.80 -2.15 -0.28
N ARG B 241 -51.81 -3.04 -0.21
CA ARG B 241 -50.43 -2.73 -0.51
C ARG B 241 -49.84 -3.88 -1.31
N LEU B 242 -48.67 -3.63 -1.88
CA LEU B 242 -47.97 -4.67 -2.61
C LEU B 242 -47.69 -5.85 -1.68
N PRO B 243 -47.79 -7.09 -2.17
CA PRO B 243 -47.67 -8.24 -1.28
C PRO B 243 -46.21 -8.53 -0.92
N GLN B 244 -46.05 -9.32 0.12
CA GLN B 244 -44.72 -9.69 0.60
C GLN B 244 -43.99 -10.54 -0.44
N PRO B 245 -42.84 -10.12 -0.93
CA PRO B 245 -42.11 -10.94 -1.90
C PRO B 245 -41.66 -12.25 -1.26
N PRO B 246 -41.65 -13.34 -2.03
CA PRO B 246 -41.31 -14.65 -1.46
C PRO B 246 -39.96 -14.71 -0.76
N ILE B 247 -38.95 -13.96 -1.22
CA ILE B 247 -37.63 -14.05 -0.61
C ILE B 247 -37.46 -13.15 0.61
N CYS B 248 -38.40 -12.24 0.86
CA CYS B 248 -38.24 -11.28 1.94
C CYS B 248 -38.61 -11.90 3.27
N THR B 249 -37.73 -11.74 4.26
CA THR B 249 -38.18 -11.97 5.62
C THR B 249 -39.09 -10.82 6.03
N ILE B 250 -39.79 -11.00 7.16
CA ILE B 250 -40.72 -9.97 7.61
C ILE B 250 -39.99 -8.68 7.93
N ASP B 251 -38.72 -8.78 8.35
CA ASP B 251 -37.95 -7.58 8.67
C ASP B 251 -37.86 -6.66 7.46
N VAL B 252 -37.66 -7.24 6.28
CA VAL B 252 -37.58 -6.44 5.06
C VAL B 252 -38.96 -5.93 4.67
N TYR B 253 -39.98 -6.81 4.75
CA TYR B 253 -41.32 -6.40 4.32
C TYR B 253 -41.91 -5.32 5.23
N MET B 254 -41.56 -5.34 6.52
CA MET B 254 -42.04 -4.28 7.41
C MET B 254 -41.49 -2.92 6.98
N ILE B 255 -40.25 -2.89 6.50
CA ILE B 255 -39.66 -1.65 6.04
C ILE B 255 -40.41 -1.13 4.81
N MET B 256 -40.64 -2.02 3.83
CA MET B 256 -41.40 -1.64 2.65
C MET B 256 -42.78 -1.11 3.03
N ARG B 257 -43.47 -1.80 3.96
CA ARG B 257 -44.79 -1.35 4.38
C ARG B 257 -44.74 0.01 5.04
N LYS B 258 -43.67 0.29 5.80
CA LYS B 258 -43.56 1.59 6.46
C LYS B 258 -43.33 2.71 5.46
N CYS B 259 -42.73 2.41 4.31
CA CYS B 259 -42.61 3.41 3.24
C CYS B 259 -43.95 3.74 2.60
N TRP B 260 -44.96 2.88 2.77
CA TRP B 260 -46.26 3.07 2.14
C TRP B 260 -47.33 3.48 3.14
N MET B 261 -46.95 4.07 4.26
CA MET B 261 -47.93 4.61 5.19
C MET B 261 -48.58 5.85 4.60
N ILE B 262 -49.86 6.04 4.91
CA ILE B 262 -50.61 7.16 4.34
C ILE B 262 -50.09 8.48 4.89
N ASP B 263 -49.67 8.50 6.16
CA ASP B 263 -49.08 9.71 6.75
C ASP B 263 -47.63 9.78 6.30
N ALA B 264 -47.32 10.74 5.42
CA ALA B 264 -45.99 10.82 4.84
C ALA B 264 -44.92 11.02 5.91
N ASP B 265 -45.23 11.76 6.96
CA ASP B 265 -44.27 12.00 8.03
C ASP B 265 -44.04 10.78 8.89
N SER B 266 -44.87 9.74 8.76
CA SER B 266 -44.67 8.49 9.47
C SER B 266 -43.78 7.52 8.71
N ARG B 267 -43.55 7.75 7.43
CA ARG B 267 -42.66 6.91 6.65
C ARG B 267 -41.21 7.13 7.10
N PRO B 268 -40.34 6.15 6.92
CA PRO B 268 -38.93 6.34 7.28
C PRO B 268 -38.25 7.42 6.45
N LYS B 269 -37.14 7.93 6.96
CA LYS B 269 -36.30 8.86 6.24
C LYS B 269 -35.17 8.09 5.56
N PHE B 270 -34.71 8.61 4.40
CA PHE B 270 -33.66 7.94 3.65
C PHE B 270 -32.42 7.71 4.49
N ARG B 271 -32.13 8.63 5.42
CA ARG B 271 -31.03 8.43 6.35
C ARG B 271 -31.23 7.16 7.18
N GLU B 272 -32.47 6.89 7.58
CA GLU B 272 -32.75 5.68 8.36
C GLU B 272 -32.73 4.42 7.51
N LEU B 273 -33.15 4.52 6.24
CA LEU B 273 -33.11 3.35 5.36
C LEU B 273 -31.68 2.91 5.09
N ILE B 274 -30.77 3.87 4.92
CA ILE B 274 -29.36 3.56 4.73
C ILE B 274 -28.85 2.72 5.90
N ILE B 275 -29.13 3.15 7.13
CA ILE B 275 -28.63 2.47 8.31
C ILE B 275 -29.21 1.07 8.40
N GLU B 276 -30.52 0.93 8.20
CA GLU B 276 -31.17 -0.36 8.38
C GLU B 276 -30.74 -1.36 7.33
N PHE B 277 -30.73 -0.94 6.06
CA PHE B 277 -30.33 -1.87 5.00
C PHE B 277 -28.85 -2.22 5.09
N SER B 278 -28.01 -1.30 5.57
CA SER B 278 -26.61 -1.61 5.77
C SER B 278 -26.43 -2.66 6.86
N LYS B 279 -27.24 -2.58 7.91
CA LYS B 279 -27.23 -3.59 8.96
C LYS B 279 -27.58 -4.96 8.39
N MET B 280 -28.64 -5.02 7.59
CA MET B 280 -29.01 -6.29 6.97
C MET B 280 -27.98 -6.76 5.96
N ALA B 281 -27.29 -5.82 5.30
CA ALA B 281 -26.25 -6.20 4.35
C ALA B 281 -25.06 -6.88 5.03
N ARG B 282 -24.87 -6.68 6.33
CA ARG B 282 -23.80 -7.33 7.06
C ARG B 282 -24.14 -8.76 7.46
N ASP B 283 -25.40 -9.18 7.31
CA ASP B 283 -25.81 -10.56 7.55
C ASP B 283 -26.93 -10.89 6.57
N PRO B 284 -26.62 -10.91 5.26
CA PRO B 284 -27.70 -10.89 4.26
C PRO B 284 -28.59 -12.11 4.28
N GLN B 285 -28.03 -13.30 4.55
CA GLN B 285 -28.84 -14.51 4.54
C GLN B 285 -29.79 -14.58 5.73
N ARG B 286 -29.61 -13.71 6.73
CA ARG B 286 -30.59 -13.62 7.80
C ARG B 286 -31.87 -12.92 7.36
N TYR B 287 -31.78 -12.04 6.36
CA TYR B 287 -32.88 -11.18 5.99
C TYR B 287 -33.48 -11.47 4.64
N LEU B 288 -32.78 -12.20 3.77
CA LEU B 288 -33.33 -12.64 2.50
C LEU B 288 -33.12 -14.14 2.38
N VAL B 289 -34.17 -14.85 1.97
CA VAL B 289 -34.13 -16.30 1.82
C VAL B 289 -34.23 -16.59 0.33
N ILE B 290 -33.08 -16.85 -0.30
CA ILE B 290 -33.00 -17.08 -1.73
C ILE B 290 -32.47 -18.49 -1.97
N GLN B 291 -33.16 -19.24 -2.82
CA GLN B 291 -32.67 -20.56 -3.22
C GLN B 291 -31.38 -20.42 -4.00
N GLY B 292 -30.32 -21.06 -3.52
CA GLY B 292 -29.02 -20.98 -4.15
C GLY B 292 -28.10 -19.89 -3.61
N ASP B 293 -28.48 -19.24 -2.50
CA ASP B 293 -27.76 -18.05 -2.05
C ASP B 293 -26.32 -18.35 -1.67
N GLU B 294 -26.03 -19.56 -1.19
CA GLU B 294 -24.67 -19.84 -0.74
C GLU B 294 -23.70 -20.13 -1.89
N ARG B 295 -24.19 -20.20 -3.13
CA ARG B 295 -23.33 -20.36 -4.29
C ARG B 295 -23.18 -19.09 -5.09
N MET B 296 -23.73 -17.99 -4.60
CA MET B 296 -23.52 -16.68 -5.19
C MET B 296 -22.98 -15.76 -4.09
N HIS B 297 -21.96 -14.99 -4.43
CA HIS B 297 -21.37 -14.04 -3.51
C HIS B 297 -21.06 -12.76 -4.28
N LEU B 298 -20.63 -11.74 -3.54
CA LEU B 298 -20.09 -10.54 -4.15
C LEU B 298 -18.81 -10.90 -4.89
N PRO B 299 -18.32 -10.03 -5.78
CA PRO B 299 -17.01 -10.29 -6.37
C PRO B 299 -15.93 -10.18 -5.31
N SER B 300 -14.88 -10.98 -5.50
CA SER B 300 -13.70 -10.84 -4.67
C SER B 300 -13.13 -9.43 -4.81
N PRO B 301 -12.25 -9.02 -3.91
CA PRO B 301 -11.52 -7.77 -4.14
C PRO B 301 -10.80 -7.78 -5.48
N THR B 302 -10.34 -8.95 -5.93
CA THR B 302 -9.71 -9.06 -7.23
C THR B 302 -10.64 -8.62 -8.35
N ASP B 303 -11.86 -9.15 -8.36
CA ASP B 303 -12.80 -8.85 -9.44
C ASP B 303 -13.33 -7.43 -9.34
N SER B 304 -13.44 -6.89 -8.12
CA SER B 304 -13.90 -5.52 -7.96
C SER B 304 -12.86 -4.52 -8.45
N ASN B 305 -11.59 -4.74 -8.11
CA ASN B 305 -10.54 -3.85 -8.59
C ASN B 305 -10.47 -3.85 -10.11
N PHE B 306 -10.72 -5.01 -10.72
CA PHE B 306 -10.68 -5.11 -12.18
C PHE B 306 -11.81 -4.30 -12.80
N TYR B 307 -13.02 -4.44 -12.27
CA TYR B 307 -14.17 -3.67 -12.73
C TYR B 307 -13.90 -2.17 -12.63
N ARG B 308 -13.40 -1.73 -11.47
CA ARG B 308 -13.25 -0.29 -11.23
C ARG B 308 -12.20 0.32 -12.15
N ALA B 309 -11.07 -0.38 -12.35
CA ALA B 309 -10.03 0.15 -13.22
C ALA B 309 -10.49 0.28 -14.66
N LEU B 310 -11.36 -0.62 -15.12
CA LEU B 310 -11.84 -0.60 -16.49
C LEU B 310 -13.07 0.27 -16.69
N MET B 311 -13.97 0.32 -15.71
CA MET B 311 -15.26 0.94 -15.92
C MET B 311 -15.71 1.93 -14.85
N ASP B 312 -15.02 2.00 -13.72
CA ASP B 312 -15.61 2.69 -12.58
C ASP B 312 -14.48 3.23 -11.70
N GLU B 313 -13.83 4.28 -12.18
CA GLU B 313 -12.69 4.85 -11.49
C GLU B 313 -13.11 5.90 -10.48
N GLU B 314 -14.41 6.19 -10.34
CA GLU B 314 -14.85 7.19 -9.39
C GLU B 314 -14.78 6.62 -7.96
N ASP B 315 -14.61 7.54 -6.99
CA ASP B 315 -14.25 7.25 -5.59
C ASP B 315 -15.00 6.17 -4.84
N MET B 316 -16.23 6.47 -4.44
CA MET B 316 -17.05 5.54 -3.69
C MET B 316 -18.16 4.88 -4.52
N GLN C 10 6.70 8.61 28.93
CA GLN C 10 6.44 7.46 28.08
C GLN C 10 5.13 7.63 27.34
N ALA C 11 4.22 8.39 27.95
CA ALA C 11 2.89 8.62 27.37
C ALA C 11 2.90 9.59 26.21
N LEU C 12 4.04 10.22 25.90
CA LEU C 12 4.09 11.16 24.79
C LEU C 12 4.33 10.47 23.45
N LEU C 13 4.67 9.19 23.45
CA LEU C 13 4.87 8.41 22.24
C LEU C 13 3.82 7.32 22.20
N ARG C 14 2.94 7.37 21.19
CA ARG C 14 1.95 6.32 20.98
C ARG C 14 2.54 5.17 20.18
N ILE C 15 2.38 3.96 20.69
CA ILE C 15 2.76 2.75 19.95
C ILE C 15 1.55 2.31 19.13
N LEU C 16 1.71 2.31 17.81
CA LEU C 16 0.62 2.02 16.89
C LEU C 16 0.73 0.59 16.36
N LYS C 17 -0.41 0.02 15.99
CA LYS C 17 -0.46 -1.24 15.28
C LYS C 17 -0.43 -1.00 13.77
N GLU C 18 0.06 -2.01 13.02
CA GLU C 18 -0.01 -1.96 11.56
C GLU C 18 -1.43 -1.73 11.09
N THR C 19 -2.41 -2.27 11.80
CA THR C 19 -3.80 -2.28 11.34
C THR C 19 -4.53 -0.96 11.58
N GLU C 20 -3.95 -0.02 12.31
CA GLU C 20 -4.63 1.24 12.61
C GLU C 20 -4.08 2.42 11.82
N PHE C 21 -3.23 2.20 10.83
CA PHE C 21 -2.82 3.26 9.93
C PHE C 21 -2.45 2.68 8.58
N LYS C 22 -2.54 3.52 7.54
CA LYS C 22 -2.26 3.12 6.17
C LYS C 22 -1.47 4.21 5.46
N LYS C 23 -0.42 3.81 4.74
CA LYS C 23 0.28 4.70 3.83
C LYS C 23 -0.52 4.84 2.55
N ILE C 24 -0.75 6.07 2.09
CA ILE C 24 -1.61 6.25 0.93
C ILE C 24 -0.89 6.92 -0.23
N LYS C 25 0.12 7.74 0.05
CA LYS C 25 0.84 8.44 -1.00
C LYS C 25 2.24 8.79 -0.54
N VAL C 26 3.22 8.58 -1.42
CA VAL C 26 4.61 8.91 -1.12
C VAL C 26 4.82 10.40 -1.25
N LEU C 27 5.46 11.00 -0.25
CA LEU C 27 5.77 12.42 -0.27
C LEU C 27 7.21 12.71 -0.63
N GLY C 28 8.12 11.79 -0.30
CA GLY C 28 9.51 12.01 -0.60
C GLY C 28 10.37 11.07 0.23
N SER C 29 11.66 11.33 0.15
CA SER C 29 12.66 10.51 0.83
C SER C 29 13.37 11.41 1.82
N GLY C 30 13.02 11.27 3.09
CA GLY C 30 13.61 12.07 4.14
C GLY C 30 14.75 11.32 4.83
N ALA C 31 15.95 11.87 4.71
CA ALA C 31 17.19 11.28 5.23
C ALA C 31 17.23 9.82 4.78
N PHE C 32 17.36 8.86 5.70
CA PHE C 32 17.43 7.44 5.32
C PHE C 32 16.07 6.77 5.51
N GLY C 33 15.09 7.32 4.82
CA GLY C 33 13.76 6.76 4.89
C GLY C 33 12.78 7.46 3.97
N THR C 34 11.65 6.81 3.73
CA THR C 34 10.64 7.33 2.83
C THR C 34 9.47 7.87 3.61
N VAL C 35 9.04 9.08 3.26
CA VAL C 35 7.92 9.73 3.93
C VAL C 35 6.66 9.58 3.10
N TYR C 36 5.58 9.18 3.76
CA TYR C 36 4.29 9.01 3.11
C TYR C 36 3.26 9.92 3.76
N LYS C 37 2.32 10.40 2.96
CA LYS C 37 1.07 10.88 3.53
C LYS C 37 0.26 9.67 3.91
N GLY C 38 -0.26 9.66 5.14
CA GLY C 38 -0.95 8.51 5.67
C GLY C 38 -2.26 8.89 6.33
N LEU C 39 -2.97 7.84 6.76
CA LEU C 39 -4.24 7.98 7.44
C LEU C 39 -4.24 7.11 8.68
N TRP C 40 -4.61 7.71 9.82
CA TRP C 40 -4.80 6.98 11.06
C TRP C 40 -6.28 6.66 11.21
N ILE C 41 -6.59 5.39 11.47
CA ILE C 41 -7.96 4.97 11.71
C ILE C 41 -8.09 4.53 13.16
N PRO C 42 -8.60 5.38 14.05
CA PRO C 42 -8.72 5.00 15.45
C PRO C 42 -9.58 3.75 15.62
N GLU C 43 -9.15 2.86 16.52
CA GLU C 43 -9.89 1.62 16.75
C GLU C 43 -11.32 1.93 17.19
N GLY C 44 -12.28 1.25 16.57
CA GLY C 44 -13.68 1.42 16.90
C GLY C 44 -14.32 2.67 16.33
N GLU C 45 -13.59 3.47 15.58
CA GLU C 45 -14.08 4.71 14.99
C GLU C 45 -14.11 4.59 13.48
N LYS C 46 -14.82 5.52 12.84
CA LYS C 46 -14.98 5.52 11.40
C LYS C 46 -14.19 6.62 10.69
N VAL C 47 -13.51 7.50 11.42
CA VAL C 47 -12.81 8.61 10.80
C VAL C 47 -11.43 8.18 10.32
N LYS C 48 -10.90 8.94 9.37
CA LYS C 48 -9.54 8.75 8.86
C LYS C 48 -8.80 10.07 9.01
N ILE C 49 -7.73 10.06 9.81
CA ILE C 49 -7.02 11.27 10.21
C ILE C 49 -5.70 11.31 9.46
N PRO C 50 -5.39 12.38 8.72
CA PRO C 50 -4.14 12.44 7.98
C PRO C 50 -2.94 12.53 8.91
N VAL C 51 -1.90 11.76 8.59
CA VAL C 51 -0.64 11.77 9.33
C VAL C 51 0.51 11.72 8.32
N ALA C 52 1.71 12.00 8.83
CA ALA C 52 2.95 11.81 8.08
C ALA C 52 3.68 10.60 8.64
N ILE C 53 4.11 9.71 7.74
CA ILE C 53 4.76 8.47 8.13
C ILE C 53 6.13 8.41 7.48
N LYS C 54 7.17 8.19 8.29
CA LYS C 54 8.53 7.95 7.83
C LYS C 54 8.86 6.48 8.05
N GLU C 55 9.02 5.74 6.97
CA GLU C 55 9.45 4.35 7.02
C GLU C 55 10.94 4.27 6.72
N LEU C 56 11.69 3.76 7.70
CA LEU C 56 13.13 3.61 7.61
C LEU C 56 13.47 2.63 6.49
N ARG C 57 14.57 2.89 5.78
CA ARG C 57 14.90 2.13 4.58
C ARG C 57 15.03 0.66 4.86
N GLU C 58 15.70 0.32 5.95
CA GLU C 58 15.94 -1.06 6.33
C GLU C 58 15.09 -1.43 7.55
N ALA C 59 14.85 -2.73 7.68
CA ALA C 59 14.13 -3.33 8.80
C ALA C 59 15.04 -3.55 10.01
N THR C 60 14.42 -3.75 11.17
CA THR C 60 15.10 -3.88 12.46
C THR C 60 14.56 -5.09 13.22
N SER C 61 14.98 -5.23 14.48
CA SER C 61 14.61 -6.31 15.38
C SER C 61 14.87 -5.85 16.82
N PRO C 62 14.26 -6.56 17.81
CA PRO C 62 14.45 -6.26 19.24
C PRO C 62 15.60 -5.37 19.69
N LYS C 63 16.85 -5.81 19.48
CA LYS C 63 17.97 -5.11 20.11
C LYS C 63 18.11 -3.70 19.55
N ALA C 64 17.98 -3.55 18.24
CA ALA C 64 18.00 -2.23 17.64
C ALA C 64 16.75 -1.40 17.95
N ASN C 65 15.59 -2.03 18.12
CA ASN C 65 14.37 -1.27 18.40
C ASN C 65 14.33 -0.65 19.79
N LYS C 66 14.95 -1.31 20.78
CA LYS C 66 14.86 -0.83 22.17
C LYS C 66 15.45 0.57 22.31
N GLU C 67 16.65 0.79 21.75
CA GLU C 67 17.22 2.15 21.64
C GLU C 67 16.37 3.08 20.79
N ILE C 68 15.77 2.62 19.68
CA ILE C 68 14.97 3.54 18.87
C ILE C 68 13.93 4.22 19.73
N LEU C 69 13.20 3.41 20.51
CA LEU C 69 12.12 3.92 21.36
C LEU C 69 12.65 4.89 22.39
N ASP C 70 13.83 4.60 22.95
CA ASP C 70 14.43 5.47 23.96
C ASP C 70 14.70 6.87 23.40
N GLU C 71 15.24 6.94 22.17
CA GLU C 71 15.41 8.23 21.50
C GLU C 71 14.07 8.78 21.05
N ALA C 72 13.18 7.89 20.59
CA ALA C 72 11.85 8.35 20.15
C ALA C 72 11.12 9.05 21.28
N TYR C 73 11.28 8.55 22.51
CA TYR C 73 10.66 9.20 23.66
C TYR C 73 11.21 10.60 23.88
N VAL C 74 12.50 10.83 23.59
CA VAL C 74 13.05 12.17 23.74
C VAL C 74 12.48 13.11 22.69
N MET C 75 12.46 12.65 21.42
CA MET C 75 11.88 13.48 20.37
C MET C 75 10.35 13.55 20.50
N ALA C 76 9.74 12.63 21.25
CA ALA C 76 8.33 12.77 21.56
C ALA C 76 8.09 13.72 22.71
N SER C 77 9.15 14.22 23.34
CA SER C 77 9.05 15.03 24.55
C SER C 77 9.25 16.52 24.32
N VAL C 78 9.50 16.96 23.09
CA VAL C 78 9.73 18.38 22.85
C VAL C 78 8.40 19.13 22.88
N ASP C 79 8.42 20.36 23.41
CA ASP C 79 7.23 21.17 23.62
C ASP C 79 7.63 22.63 23.35
N ASN C 80 7.64 23.01 22.07
CA ASN C 80 7.98 24.35 21.63
C ASN C 80 7.23 24.59 20.33
N PRO C 81 6.66 25.79 20.15
CA PRO C 81 5.85 26.04 18.94
C PRO C 81 6.62 25.89 17.64
N HIS C 82 7.95 25.98 17.68
CA HIS C 82 8.76 25.97 16.47
C HIS C 82 9.63 24.72 16.35
N VAL C 83 9.26 23.65 17.07
CA VAL C 83 9.96 22.38 17.02
C VAL C 83 8.93 21.28 16.82
N CYS C 84 9.14 20.45 15.80
CA CYS C 84 8.22 19.36 15.54
C CYS C 84 8.39 18.25 16.57
N ARG C 85 7.26 17.69 17.01
CA ARG C 85 7.25 16.63 18.00
C ARG C 85 6.94 15.29 17.34
N LEU C 86 7.71 14.26 17.68
CA LEU C 86 7.36 12.91 17.27
C LEU C 86 6.15 12.44 18.05
N LEU C 87 5.16 11.89 17.36
CA LEU C 87 3.90 11.51 17.99
C LEU C 87 3.75 10.02 18.21
N GLY C 88 4.20 9.20 17.26
CA GLY C 88 3.96 7.78 17.36
C GLY C 88 4.99 6.98 16.59
N ILE C 89 4.94 5.66 16.80
CA ILE C 89 5.86 4.73 16.18
C ILE C 89 5.16 3.40 16.07
N CYS C 90 5.48 2.64 15.04
CA CYS C 90 4.91 1.32 14.90
C CYS C 90 6.03 0.31 15.07
N LEU C 91 5.94 -0.49 16.14
CA LEU C 91 7.01 -1.46 16.44
C LEU C 91 6.73 -2.77 15.71
N THR C 92 6.70 -2.67 14.39
CA THR C 92 6.49 -3.85 13.61
C THR C 92 7.81 -4.24 12.96
N SER C 93 7.72 -4.94 11.84
CA SER C 93 8.92 -5.44 11.15
C SER C 93 9.73 -4.29 10.58
N THR C 94 9.08 -3.40 9.86
CA THR C 94 9.78 -2.21 9.43
C THR C 94 9.45 -1.14 10.44
N VAL C 95 10.34 -0.18 10.57
CA VAL C 95 10.17 0.89 11.54
C VAL C 95 9.54 2.10 10.86
N GLN C 96 8.32 2.44 11.28
CA GLN C 96 7.55 3.57 10.74
C GLN C 96 7.33 4.57 11.86
N LEU C 97 7.64 5.84 11.60
CA LEU C 97 7.50 6.91 12.57
C LEU C 97 6.37 7.84 12.14
N ILE C 98 5.57 8.31 13.09
CA ILE C 98 4.34 9.04 12.80
C ILE C 98 4.41 10.41 13.45
N MET C 99 4.07 11.44 12.67
CA MET C 99 3.91 12.79 13.20
C MET C 99 2.85 13.52 12.38
N GLN C 100 2.58 14.77 12.79
CA GLN C 100 1.56 15.59 12.15
C GLN C 100 1.90 15.87 10.69
N LEU C 101 0.88 15.82 9.84
CA LEU C 101 1.06 16.10 8.41
C LEU C 101 1.07 17.60 8.16
N MET C 102 2.11 18.08 7.47
CA MET C 102 2.26 19.48 7.10
C MET C 102 1.94 19.64 5.62
N PRO C 103 0.71 20.03 5.25
CA PRO C 103 0.36 20.09 3.82
C PRO C 103 1.23 21.06 3.01
N PHE C 104 1.81 22.08 3.64
CA PHE C 104 2.64 23.03 2.92
C PHE C 104 4.00 22.47 2.58
N GLY C 105 4.42 21.37 3.22
CA GLY C 105 5.71 20.80 2.93
C GLY C 105 6.84 21.52 3.65
N CYS C 106 8.03 21.37 3.08
CA CYS C 106 9.25 21.93 3.64
C CYS C 106 9.45 23.37 3.22
N LEU C 107 10.24 24.10 4.01
CA LEU C 107 10.48 25.51 3.71
C LEU C 107 11.37 25.68 2.48
N LEU C 108 12.23 24.70 2.17
CA LEU C 108 13.09 24.82 0.99
C LEU C 108 12.26 24.85 -0.29
N ASP C 109 11.41 23.84 -0.47
CA ASP C 109 10.55 23.81 -1.66
C ASP C 109 9.54 24.96 -1.64
N TYR C 110 9.12 25.40 -0.45
CA TYR C 110 8.19 26.51 -0.37
C TYR C 110 8.80 27.78 -0.94
N VAL C 111 10.04 28.09 -0.53
CA VAL C 111 10.67 29.33 -0.99
C VAL C 111 11.03 29.24 -2.47
N ARG C 112 11.38 28.04 -2.95
CA ARG C 112 11.67 27.89 -4.37
C ARG C 112 10.42 28.14 -5.22
N GLU C 113 9.27 27.68 -4.77
CA GLU C 113 8.05 27.81 -5.57
C GLU C 113 7.42 29.20 -5.44
N HIS C 114 7.65 29.89 -4.33
CA HIS C 114 7.06 31.21 -4.08
C HIS C 114 8.09 32.34 -4.12
N LYS C 115 9.22 32.12 -4.80
CA LYS C 115 10.34 33.06 -4.69
C LYS C 115 10.02 34.45 -5.21
N ASP C 116 9.03 34.58 -6.08
CA ASP C 116 8.63 35.88 -6.61
C ASP C 116 7.50 36.53 -5.82
N ASN C 117 7.11 35.95 -4.68
CA ASN C 117 6.03 36.50 -3.86
C ASN C 117 6.39 36.56 -2.39
N ILE C 118 7.65 36.38 -2.02
CA ILE C 118 8.09 36.33 -0.64
C ILE C 118 8.77 37.64 -0.31
N GLY C 119 8.22 38.37 0.66
CA GLY C 119 8.76 39.65 1.06
C GLY C 119 9.73 39.52 2.23
N SER C 120 10.32 40.66 2.59
CA SER C 120 11.35 40.66 3.62
C SER C 120 10.80 40.28 4.99
N GLN C 121 9.54 40.62 5.26
CA GLN C 121 8.97 40.33 6.57
C GLN C 121 8.83 38.82 6.79
N TYR C 122 8.41 38.08 5.75
CA TYR C 122 8.33 36.64 5.87
C TYR C 122 9.70 36.02 6.11
N LEU C 123 10.68 36.41 5.29
CA LEU C 123 12.02 35.82 5.36
C LEU C 123 12.64 36.03 6.73
N LEU C 124 12.56 37.25 7.26
CA LEU C 124 13.18 37.55 8.55
C LEU C 124 12.45 36.86 9.70
N ASN C 125 11.12 36.80 9.63
CA ASN C 125 10.38 36.12 10.69
C ASN C 125 10.67 34.62 10.69
N TRP C 126 10.83 34.03 9.50
CA TRP C 126 11.27 32.63 9.43
C TRP C 126 12.62 32.46 10.10
N CYS C 127 13.53 33.41 9.91
CA CYS C 127 14.83 33.35 10.58
C CYS C 127 14.67 33.42 12.09
N VAL C 128 13.77 34.30 12.58
CA VAL C 128 13.54 34.37 14.02
C VAL C 128 13.01 33.04 14.54
N GLN C 129 12.01 32.49 13.85
CA GLN C 129 11.34 31.28 14.32
C GLN C 129 12.27 30.08 14.32
N ILE C 130 13.11 29.94 13.28
CA ILE C 130 14.08 28.85 13.25
C ILE C 130 15.06 28.99 14.41
N ALA C 131 15.48 30.23 14.70
CA ALA C 131 16.40 30.46 15.81
C ALA C 131 15.74 30.16 17.15
N LYS C 132 14.44 30.45 17.27
CA LYS C 132 13.71 30.10 18.49
C LYS C 132 13.67 28.59 18.69
N GLY C 133 13.41 27.83 17.62
CA GLY C 133 13.39 26.39 17.73
C GLY C 133 14.75 25.80 18.07
N MET C 134 15.82 26.35 17.49
CA MET C 134 17.16 25.86 17.79
C MET C 134 17.55 26.20 19.22
N ASN C 135 17.22 27.40 19.69
CA ASN C 135 17.50 27.76 21.07
C ASN C 135 16.79 26.83 22.05
N TYR C 136 15.57 26.42 21.71
CA TYR C 136 14.86 25.44 22.53
C TYR C 136 15.63 24.13 22.56
N LEU C 137 16.05 23.64 21.39
CA LEU C 137 16.81 22.40 21.34
C LEU C 137 18.09 22.49 22.16
N GLU C 138 18.77 23.65 22.10
CA GLU C 138 19.96 23.84 22.93
C GLU C 138 19.60 23.80 24.41
N ASP C 139 18.49 24.43 24.79
CA ASP C 139 18.04 24.36 26.18
C ASP C 139 17.80 22.92 26.60
N ARG C 140 17.25 22.10 25.71
CA ARG C 140 17.00 20.69 25.97
C ARG C 140 18.23 19.81 25.77
N ARG C 141 19.40 20.37 25.46
CA ARG C 141 20.61 19.59 25.21
C ARG C 141 20.44 18.63 24.03
N LEU C 142 19.78 19.10 22.98
CA LEU C 142 19.60 18.30 21.79
C LEU C 142 20.32 19.00 20.64
N VAL C 143 21.35 18.35 20.11
CA VAL C 143 22.03 18.84 18.93
C VAL C 143 21.24 18.38 17.71
N HIS C 144 20.98 19.30 16.78
CA HIS C 144 20.18 18.96 15.61
C HIS C 144 20.89 17.96 14.71
N ARG C 145 22.08 18.32 14.24
CA ARG C 145 23.00 17.54 13.41
C ARG C 145 22.61 17.53 11.94
N ASP C 146 21.46 18.08 11.56
CA ASP C 146 21.04 18.03 10.17
C ASP C 146 20.15 19.23 9.84
N LEU C 147 20.49 20.40 10.37
CA LEU C 147 19.69 21.58 10.08
C LEU C 147 19.93 22.04 8.66
N ALA C 148 18.84 22.31 7.95
CA ALA C 148 18.85 22.74 6.56
C ALA C 148 17.43 23.19 6.23
N ALA C 149 17.31 23.94 5.14
CA ALA C 149 16.00 24.42 4.73
C ALA C 149 15.04 23.28 4.44
N ARG C 150 15.57 22.12 4.03
CA ARG C 150 14.74 20.96 3.77
C ARG C 150 14.17 20.35 5.05
N ASN C 151 14.80 20.60 6.21
CA ASN C 151 14.32 20.07 7.48
C ASN C 151 13.67 21.17 8.32
N VAL C 152 13.15 22.20 7.66
CA VAL C 152 12.23 23.17 8.26
C VAL C 152 10.90 23.02 7.54
N LEU C 153 9.86 22.64 8.28
CA LEU C 153 8.54 22.41 7.72
C LEU C 153 7.67 23.64 7.88
N VAL C 154 6.80 23.86 6.90
CA VAL C 154 5.88 24.97 6.91
C VAL C 154 4.53 24.49 7.45
N LYS C 155 4.18 24.93 8.66
CA LYS C 155 2.85 24.64 9.17
C LYS C 155 1.82 25.55 8.52
N THR C 156 2.05 26.85 8.57
CA THR C 156 1.42 27.86 7.74
C THR C 156 2.52 28.76 7.23
N PRO C 157 2.26 29.57 6.18
CA PRO C 157 3.31 30.49 5.69
C PRO C 157 3.86 31.40 6.78
N GLN C 158 3.10 31.60 7.86
CA GLN C 158 3.50 32.44 8.97
C GLN C 158 4.14 31.67 10.12
N HIS C 159 4.24 30.34 10.01
CA HIS C 159 4.64 29.53 11.17
C HIS C 159 5.41 28.31 10.65
N VAL C 160 6.71 28.27 10.95
CA VAL C 160 7.57 27.17 10.53
C VAL C 160 8.10 26.46 11.76
N LYS C 161 8.45 25.17 11.58
CA LYS C 161 8.86 24.30 12.68
C LYS C 161 10.00 23.40 12.22
N ILE C 162 10.95 23.16 13.13
CA ILE C 162 12.12 22.35 12.84
C ILE C 162 11.79 20.87 13.01
N THR C 163 12.33 20.02 12.13
CA THR C 163 12.09 18.58 12.16
C THR C 163 13.39 17.81 11.99
N ASP C 164 13.29 16.49 12.21
CA ASP C 164 14.36 15.53 11.93
C ASP C 164 15.64 15.82 12.71
N PHE C 165 15.50 16.21 13.97
CA PHE C 165 16.68 16.53 14.78
C PHE C 165 17.15 15.31 15.55
N GLY C 166 18.41 15.35 15.96
CA GLY C 166 18.94 14.33 16.84
C GLY C 166 19.22 13.03 16.15
N LEU C 167 19.37 13.06 14.81
CA LEU C 167 19.38 11.82 14.02
C LEU C 167 20.76 11.20 13.93
N ALA C 168 21.66 11.83 13.15
CA ALA C 168 23.00 11.31 12.89
C ALA C 168 23.68 10.82 14.16
N LYS C 169 23.39 9.57 14.52
CA LYS C 169 23.82 8.94 15.79
C LYS C 169 23.84 9.89 16.99
N VAL C 185 26.05 12.03 4.56
CA VAL C 185 26.24 13.18 5.42
C VAL C 185 26.04 14.47 4.65
N PRO C 186 25.37 15.45 5.27
CA PRO C 186 25.13 16.77 4.62
C PRO C 186 26.35 17.68 4.73
N ILE C 187 27.40 17.32 3.98
CA ILE C 187 28.70 17.98 4.11
C ILE C 187 28.59 19.49 3.95
N LYS C 188 27.83 19.95 2.95
CA LYS C 188 27.79 21.37 2.65
C LYS C 188 27.02 22.18 3.68
N TRP C 189 26.38 21.53 4.65
CA TRP C 189 25.74 22.20 5.78
C TRP C 189 26.52 22.03 7.07
N MET C 190 27.59 21.26 7.07
CA MET C 190 28.29 20.89 8.28
C MET C 190 29.36 21.92 8.63
N ALA C 191 29.55 22.12 9.93
CA ALA C 191 30.67 22.91 10.40
C ALA C 191 31.98 22.20 10.09
N LEU C 192 33.05 22.98 9.96
CA LEU C 192 34.35 22.42 9.61
C LEU C 192 34.80 21.37 10.62
N GLU C 193 34.56 21.61 11.91
CA GLU C 193 34.97 20.65 12.92
C GLU C 193 34.13 19.38 12.86
N SER C 194 32.94 19.44 12.28
CA SER C 194 32.14 18.23 12.09
C SER C 194 32.68 17.40 10.93
N ILE C 195 33.09 18.05 9.84
CA ILE C 195 33.66 17.34 8.70
C ILE C 195 34.96 16.66 9.09
N LEU C 196 35.86 17.40 9.75
CA LEU C 196 37.21 16.92 10.01
C LEU C 196 37.27 15.97 11.19
N HIS C 197 36.49 16.23 12.25
CA HIS C 197 36.68 15.55 13.52
C HIS C 197 35.41 14.93 14.10
N ARG C 198 34.27 15.00 13.42
CA ARG C 198 33.02 14.41 13.89
C ARG C 198 32.62 15.00 15.23
N ILE C 199 32.82 16.31 15.36
CA ILE C 199 32.40 17.08 16.53
C ILE C 199 31.09 17.77 16.20
N TYR C 200 30.03 17.41 16.92
CA TYR C 200 28.71 18.01 16.75
C TYR C 200 28.31 18.67 18.06
N THR C 201 28.18 19.99 18.04
CA THR C 201 27.75 20.75 19.22
C THR C 201 26.66 21.71 18.79
N HIS C 202 26.13 22.45 19.76
CA HIS C 202 25.17 23.50 19.43
C HIS C 202 25.83 24.60 18.61
N GLN C 203 27.14 24.76 18.72
CA GLN C 203 27.85 25.74 17.92
C GLN C 203 28.11 25.25 16.50
N SER C 204 28.20 23.93 16.29
CA SER C 204 28.22 23.42 14.93
C SER C 204 26.83 23.51 14.30
N ASP C 205 25.78 23.46 15.12
CA ASP C 205 24.43 23.75 14.63
C ASP C 205 24.32 25.18 14.13
N VAL C 206 24.99 26.12 14.83
CA VAL C 206 24.95 27.52 14.42
C VAL C 206 25.51 27.69 13.01
N TRP C 207 26.53 26.89 12.68
CA TRP C 207 27.03 26.88 11.31
C TRP C 207 25.94 26.46 10.33
N SER C 208 25.27 25.35 10.62
CA SER C 208 24.19 24.88 9.76
C SER C 208 23.07 25.91 9.67
N TYR C 209 22.81 26.63 10.77
CA TYR C 209 21.81 27.69 10.75
C TYR C 209 22.19 28.78 9.74
N GLY C 210 23.46 29.17 9.73
CA GLY C 210 23.92 30.16 8.76
C GLY C 210 23.67 29.71 7.33
N VAL C 211 23.98 28.45 7.02
CA VAL C 211 23.73 27.92 5.68
C VAL C 211 22.23 27.92 5.39
N THR C 212 21.42 27.55 6.38
CA THR C 212 19.97 27.54 6.17
C THR C 212 19.44 28.93 5.85
N VAL C 213 19.90 29.95 6.59
CA VAL C 213 19.52 31.32 6.28
C VAL C 213 19.96 31.69 4.87
N TRP C 214 21.15 31.25 4.47
CA TRP C 214 21.61 31.50 3.10
C TRP C 214 20.67 30.87 2.09
N GLU C 215 20.16 29.67 2.37
CA GLU C 215 19.19 29.03 1.49
C GLU C 215 17.94 29.88 1.33
N LEU C 216 17.42 30.42 2.44
CA LEU C 216 16.20 31.21 2.37
C LEU C 216 16.41 32.50 1.58
N MET C 217 17.52 33.19 1.85
CA MET C 217 17.79 34.48 1.22
CA MET C 217 17.74 34.48 1.21
C MET C 217 18.16 34.36 -0.24
N THR C 218 18.66 33.20 -0.67
CA THR C 218 18.87 32.94 -2.08
C THR C 218 17.65 32.31 -2.73
N PHE C 219 16.54 32.23 -1.98
CA PHE C 219 15.30 31.62 -2.45
C PHE C 219 15.51 30.18 -2.90
N GLY C 220 16.33 29.45 -2.15
CA GLY C 220 16.48 28.03 -2.36
C GLY C 220 17.62 27.59 -3.23
N SER C 221 18.69 28.38 -3.32
CA SER C 221 19.84 27.96 -4.11
C SER C 221 20.56 26.79 -3.45
N LYS C 222 21.31 26.05 -4.25
CA LYS C 222 22.11 24.95 -3.73
C LYS C 222 23.45 25.48 -3.25
N PRO C 223 23.86 25.19 -2.01
CA PRO C 223 25.15 25.71 -1.52
C PRO C 223 26.31 25.02 -2.23
N TYR C 224 27.34 25.82 -2.53
CA TYR C 224 28.54 25.33 -3.21
C TYR C 224 28.18 24.50 -4.44
N ASP C 225 27.32 25.07 -5.29
CA ASP C 225 26.76 24.34 -6.42
C ASP C 225 27.86 23.82 -7.33
N GLY C 226 27.85 22.50 -7.56
CA GLY C 226 28.79 21.87 -8.46
C GLY C 226 30.13 21.50 -7.86
N ILE C 227 30.36 21.81 -6.58
CA ILE C 227 31.62 21.46 -5.93
C ILE C 227 31.46 20.10 -5.24
N PRO C 228 32.33 19.14 -5.53
CA PRO C 228 32.20 17.82 -4.88
C PRO C 228 32.28 17.94 -3.37
N ALA C 229 31.46 17.13 -2.69
CA ALA C 229 31.41 17.18 -1.23
C ALA C 229 32.77 16.88 -0.61
N SER C 230 33.54 15.99 -1.23
CA SER C 230 34.84 15.59 -0.71
C SER C 230 35.84 16.75 -0.65
N GLU C 231 35.52 17.89 -1.24
CA GLU C 231 36.44 19.01 -1.33
C GLU C 231 35.98 20.25 -0.56
N ILE C 232 34.85 20.17 0.15
CA ILE C 232 34.33 21.34 0.84
C ILE C 232 35.25 21.76 1.97
N SER C 233 35.78 20.78 2.71
CA SER C 233 36.65 21.09 3.85
C SER C 233 37.91 21.82 3.42
N SER C 234 38.43 21.52 2.24
CA SER C 234 39.62 22.22 1.74
C SER C 234 39.32 23.70 1.48
N ILE C 235 38.22 23.98 0.80
CA ILE C 235 37.89 25.37 0.48
C ILE C 235 37.52 26.14 1.74
N LEU C 236 36.91 25.46 2.73
CA LEU C 236 36.61 26.13 3.99
C LEU C 236 37.87 26.46 4.76
N GLU C 237 38.86 25.56 4.75
CA GLU C 237 40.12 25.81 5.44
C GLU C 237 40.86 26.99 4.81
N LYS C 238 40.76 27.15 3.50
CA LYS C 238 41.39 28.26 2.81
C LYS C 238 40.59 29.56 2.92
N GLY C 239 39.47 29.56 3.63
CA GLY C 239 38.73 30.77 3.90
C GLY C 239 37.56 31.08 2.99
N GLU C 240 37.26 30.21 2.02
CA GLU C 240 36.10 30.45 1.17
C GLU C 240 34.81 30.19 1.94
N ARG C 241 33.80 31.02 1.68
CA ARG C 241 32.49 30.89 2.30
C ARG C 241 31.43 31.15 1.24
N LEU C 242 30.18 30.84 1.59
CA LEU C 242 29.07 31.11 0.70
C LEU C 242 28.99 32.61 0.40
N PRO C 243 28.65 32.98 -0.83
CA PRO C 243 28.67 34.40 -1.21
C PRO C 243 27.46 35.15 -0.67
N GLN C 244 27.59 36.47 -0.64
CA GLN C 244 26.51 37.32 -0.15
C GLN C 244 25.32 37.24 -1.09
N PRO C 245 24.14 36.84 -0.61
CA PRO C 245 22.97 36.79 -1.48
C PRO C 245 22.58 38.18 -1.95
N PRO C 246 22.10 38.31 -3.18
CA PRO C 246 21.83 39.65 -3.74
C PRO C 246 20.92 40.53 -2.90
N ILE C 247 19.97 39.93 -2.16
CA ILE C 247 19.02 40.74 -1.39
C ILE C 247 19.56 41.14 -0.03
N CYS C 248 20.68 40.58 0.40
CA CYS C 248 21.17 40.80 1.75
C CYS C 248 21.93 42.12 1.84
N THR C 249 21.59 42.92 2.84
CA THR C 249 22.47 44.01 3.23
C THR C 249 23.70 43.44 3.93
N ILE C 250 24.70 44.29 4.12
CA ILE C 250 25.91 43.84 4.81
C ILE C 250 25.59 43.40 6.23
N ASP C 251 24.53 43.96 6.82
CA ASP C 251 24.16 43.59 8.18
C ASP C 251 23.80 42.11 8.26
N VAL C 252 23.01 41.63 7.31
CA VAL C 252 22.58 40.23 7.34
C VAL C 252 23.74 39.31 6.98
N TYR C 253 24.55 39.68 5.99
CA TYR C 253 25.66 38.84 5.57
C TYR C 253 26.71 38.72 6.66
N MET C 254 26.88 39.77 7.47
CA MET C 254 27.84 39.69 8.58
C MET C 254 27.44 38.61 9.57
N ILE C 255 26.15 38.47 9.82
CA ILE C 255 25.66 37.45 10.74
C ILE C 255 25.94 36.05 10.19
N MET C 256 25.59 35.82 8.92
CA MET C 256 25.87 34.54 8.29
C MET C 256 27.35 34.19 8.36
N ARG C 257 28.21 35.16 8.04
CA ARG C 257 29.65 34.93 8.09
C ARG C 257 30.12 34.61 9.50
N LYS C 258 29.50 35.24 10.50
CA LYS C 258 29.88 34.96 11.88
C LYS C 258 29.47 33.55 12.30
N CYS C 259 28.42 33.01 11.66
CA CYS C 259 28.05 31.62 11.91
C CYS C 259 29.06 30.64 11.33
N TRP C 260 29.91 31.07 10.39
CA TRP C 260 30.86 30.18 9.73
C TRP C 260 32.31 30.45 10.14
N MET C 261 32.51 31.03 11.33
CA MET C 261 33.86 31.19 11.84
C MET C 261 34.45 29.84 12.22
N ILE C 262 35.76 29.70 12.03
CA ILE C 262 36.42 28.42 12.28
C ILE C 262 36.41 28.10 13.78
N ASP C 263 36.54 29.13 14.62
CA ASP C 263 36.45 28.94 16.07
C ASP C 263 34.97 28.88 16.46
N ALA C 264 34.50 27.69 16.84
CA ALA C 264 33.08 27.51 17.12
C ALA C 264 32.60 28.40 18.26
N ASP C 265 33.45 28.64 19.25
CA ASP C 265 33.06 29.47 20.38
C ASP C 265 32.98 30.95 20.01
N SER C 266 33.49 31.34 18.84
CA SER C 266 33.35 32.71 18.37
C SER C 266 32.07 32.96 17.59
N ARG C 267 31.39 31.89 17.16
CA ARG C 267 30.13 32.03 16.46
C ARG C 267 29.04 32.52 17.42
N PRO C 268 28.00 33.19 16.90
CA PRO C 268 26.92 33.65 17.76
C PRO C 268 26.19 32.49 18.43
N LYS C 269 25.47 32.82 19.49
CA LYS C 269 24.58 31.89 20.16
C LYS C 269 23.16 32.09 19.64
N PHE C 270 22.38 31.00 19.64
CA PHE C 270 21.01 31.09 19.14
C PHE C 270 20.21 32.14 19.90
N ARG C 271 20.50 32.32 21.20
CA ARG C 271 19.85 33.37 21.97
C ARG C 271 20.12 34.74 21.37
N GLU C 272 21.34 34.94 20.85
CA GLU C 272 21.70 36.22 20.24
C GLU C 272 21.09 36.38 18.85
N LEU C 273 20.99 35.28 18.10
CA LEU C 273 20.41 35.35 16.76
C LEU C 273 18.93 35.72 16.82
N ILE C 274 18.21 35.20 17.83
CA ILE C 274 16.82 35.58 18.03
C ILE C 274 16.71 37.09 18.18
N ILE C 275 17.55 37.68 19.04
CA ILE C 275 17.48 39.10 19.31
C ILE C 275 17.81 39.92 18.07
N GLU C 276 18.89 39.53 17.36
CA GLU C 276 19.31 40.33 16.21
C GLU C 276 18.29 40.25 15.08
N PHE C 277 17.82 39.04 14.76
CA PHE C 277 16.85 38.91 13.68
C PHE C 277 15.50 39.51 14.06
N SER C 278 15.15 39.49 15.35
CA SER C 278 13.91 40.15 15.79
C SER C 278 14.00 41.66 15.59
N LYS C 279 15.16 42.24 15.86
CA LYS C 279 15.37 43.66 15.63
C LYS C 279 15.21 44.00 14.15
N MET C 280 15.81 43.19 13.29
CA MET C 280 15.70 43.42 11.85
C MET C 280 14.28 43.19 11.35
N ALA C 281 13.54 42.28 11.98
CA ALA C 281 12.16 42.05 11.57
C ALA C 281 11.25 43.24 11.86
N ARG C 282 11.64 44.12 12.78
CA ARG C 282 10.86 45.31 13.08
C ARG C 282 11.08 46.45 12.09
N ASP C 283 12.08 46.32 11.21
CA ASP C 283 12.30 47.26 10.11
C ASP C 283 12.85 46.46 8.93
N PRO C 284 12.06 45.55 8.36
CA PRO C 284 12.63 44.55 7.45
C PRO C 284 13.22 45.13 6.18
N GLN C 285 12.60 46.19 5.62
CA GLN C 285 13.12 46.76 4.38
C GLN C 285 14.44 47.49 4.58
N ARG C 286 14.85 47.74 5.83
CA ARG C 286 16.18 48.28 6.08
C ARG C 286 17.26 47.21 5.87
N TYR C 287 16.91 45.93 6.04
CA TYR C 287 17.90 44.88 6.09
C TYR C 287 17.83 43.89 4.93
N LEU C 288 16.72 43.85 4.19
CA LEU C 288 16.63 43.05 2.97
C LEU C 288 16.11 43.92 1.84
N VAL C 289 16.76 43.83 0.69
CA VAL C 289 16.43 44.62 -0.48
C VAL C 289 15.86 43.66 -1.52
N ILE C 290 14.54 43.61 -1.61
CA ILE C 290 13.83 42.69 -2.50
C ILE C 290 13.02 43.53 -3.49
N GLN C 291 13.16 43.22 -4.78
CA GLN C 291 12.33 43.87 -5.79
C GLN C 291 10.86 43.47 -5.56
N GLY C 292 10.00 44.48 -5.38
CA GLY C 292 8.59 44.25 -5.13
C GLY C 292 8.19 44.17 -3.67
N ASP C 293 9.10 44.52 -2.75
CA ASP C 293 8.87 44.24 -1.32
C ASP C 293 7.65 44.97 -0.77
N GLU C 294 7.31 46.15 -1.29
CA GLU C 294 6.21 46.93 -0.74
C GLU C 294 4.85 46.51 -1.27
N ARG C 295 4.79 45.72 -2.35
CA ARG C 295 3.57 45.06 -2.78
C ARG C 295 3.40 43.67 -2.18
N MET C 296 4.39 43.20 -1.44
CA MET C 296 4.30 41.97 -0.68
C MET C 296 4.08 42.31 0.79
N HIS C 297 3.46 41.36 1.50
CA HIS C 297 2.73 41.64 2.73
C HIS C 297 3.01 40.52 3.72
N LEU C 298 2.66 40.77 4.97
CA LEU C 298 2.26 39.73 5.91
C LEU C 298 0.74 39.73 6.02
N PRO C 299 0.11 38.62 6.38
CA PRO C 299 -1.35 38.59 6.40
C PRO C 299 -1.89 39.56 7.44
N SER C 300 -3.04 40.12 7.14
CA SER C 300 -3.76 40.92 8.11
C SER C 300 -4.09 40.04 9.32
N PRO C 301 -4.41 40.65 10.46
CA PRO C 301 -4.90 39.83 11.58
C PRO C 301 -6.06 38.93 11.19
N THR C 302 -6.89 39.38 10.24
CA THR C 302 -7.99 38.55 9.76
C THR C 302 -7.49 37.25 9.16
N ASP C 303 -6.49 37.34 8.27
CA ASP C 303 -6.02 36.15 7.58
C ASP C 303 -5.23 35.23 8.51
N SER C 304 -4.55 35.79 9.52
CA SER C 304 -3.85 34.95 10.47
C SER C 304 -4.82 34.23 11.39
N ASN C 305 -5.84 34.93 11.87
CA ASN C 305 -6.85 34.28 12.73
C ASN C 305 -7.56 33.16 11.98
N PHE C 306 -7.78 33.35 10.68
CA PHE C 306 -8.41 32.30 9.87
C PHE C 306 -7.50 31.08 9.74
N TYR C 307 -6.22 31.32 9.44
CA TYR C 307 -5.24 30.24 9.34
C TYR C 307 -5.16 29.44 10.64
N ARG C 308 -5.07 30.13 11.77
CA ARG C 308 -4.86 29.45 13.05
C ARG C 308 -6.06 28.60 13.43
N ALA C 309 -7.28 29.11 13.20
CA ALA C 309 -8.47 28.36 13.56
C ALA C 309 -8.59 27.08 12.74
N LEU C 310 -8.17 27.11 11.48
CA LEU C 310 -8.30 25.94 10.61
C LEU C 310 -7.12 24.98 10.69
N MET C 311 -5.90 25.50 10.89
CA MET C 311 -4.71 24.68 10.75
C MET C 311 -3.71 24.77 11.89
N ASP C 312 -3.85 25.72 12.81
CA ASP C 312 -2.72 26.02 13.69
C ASP C 312 -3.26 26.59 15.00
N GLU C 313 -3.83 25.72 15.83
CA GLU C 313 -4.45 26.12 17.08
C GLU C 313 -3.48 26.12 18.25
N GLU C 314 -2.22 25.77 18.03
CA GLU C 314 -1.26 25.79 19.12
C GLU C 314 -0.88 27.23 19.43
N ASP C 315 -0.46 27.45 20.67
CA ASP C 315 -0.30 28.75 21.31
C ASP C 315 0.36 29.80 20.43
N MET C 316 1.64 29.63 20.07
CA MET C 316 2.28 30.57 19.13
C MET C 316 2.91 29.87 17.93
N ASN D 9 53.29 7.52 -2.46
CA ASN D 9 51.84 7.40 -2.35
C ASN D 9 51.21 7.30 -3.73
N GLN D 10 51.18 8.42 -4.45
CA GLN D 10 50.65 8.42 -5.81
C GLN D 10 51.45 7.52 -6.72
N ALA D 11 52.74 7.33 -6.43
CA ALA D 11 53.63 6.52 -7.25
C ALA D 11 53.40 5.02 -7.08
N LEU D 12 52.53 4.60 -6.19
CA LEU D 12 52.29 3.17 -6.02
C LEU D 12 51.29 2.62 -7.02
N LEU D 13 50.55 3.47 -7.73
CA LEU D 13 49.58 3.06 -8.72
C LEU D 13 50.04 3.51 -10.09
N ARG D 14 50.32 2.55 -10.97
CA ARG D 14 50.69 2.86 -12.34
C ARG D 14 49.44 3.04 -13.20
N ILE D 15 49.38 4.17 -13.90
CA ILE D 15 48.31 4.41 -14.87
C ILE D 15 48.75 3.85 -16.20
N LEU D 16 48.03 2.85 -16.70
CA LEU D 16 48.43 2.14 -17.91
C LEU D 16 47.66 2.64 -19.12
N LYS D 17 48.30 2.53 -20.29
CA LYS D 17 47.63 2.77 -21.56
C LYS D 17 47.01 1.48 -22.08
N GLU D 18 45.96 1.63 -22.89
CA GLU D 18 45.37 0.48 -23.56
C GLU D 18 46.40 -0.31 -24.35
N THR D 19 47.39 0.38 -24.94
CA THR D 19 48.31 -0.23 -25.88
C THR D 19 49.44 -1.02 -25.22
N GLU D 20 49.60 -0.95 -23.90
CA GLU D 20 50.69 -1.62 -23.23
C GLU D 20 50.25 -2.86 -22.44
N PHE D 21 49.01 -3.29 -22.58
CA PHE D 21 48.61 -4.58 -21.99
C PHE D 21 47.48 -5.17 -22.82
N LYS D 22 47.36 -6.50 -22.75
CA LYS D 22 46.36 -7.23 -23.52
C LYS D 22 45.73 -8.31 -22.64
N LYS D 23 44.40 -8.41 -22.70
CA LYS D 23 43.69 -9.54 -22.10
C LYS D 23 43.78 -10.75 -23.04
N ILE D 24 44.12 -11.91 -22.49
CA ILE D 24 44.33 -13.08 -23.36
C ILE D 24 43.37 -14.21 -23.05
N LYS D 25 42.92 -14.34 -21.79
CA LYS D 25 42.06 -15.46 -21.42
C LYS D 25 41.22 -15.07 -20.22
N VAL D 26 39.93 -15.44 -20.27
CA VAL D 26 39.03 -15.12 -19.16
C VAL D 26 39.30 -16.09 -18.02
N LEU D 27 39.47 -15.56 -16.82
CA LEU D 27 39.67 -16.43 -15.67
C LEU D 27 38.37 -16.65 -14.91
N GLY D 28 37.49 -15.67 -14.93
CA GLY D 28 36.20 -15.80 -14.31
C GLY D 28 35.57 -14.44 -14.11
N SER D 29 34.38 -14.48 -13.52
CA SER D 29 33.58 -13.30 -13.26
C SER D 29 32.96 -13.41 -11.88
N GLY D 30 32.76 -12.25 -11.27
CA GLY D 30 32.16 -12.08 -9.94
C GLY D 30 31.02 -11.09 -9.96
N ALA D 31 30.86 -10.39 -8.84
CA ALA D 31 29.79 -9.42 -8.64
C ALA D 31 30.26 -7.98 -8.87
N PHE D 32 31.33 -7.79 -9.66
CA PHE D 32 31.86 -6.45 -9.91
C PHE D 32 32.55 -6.38 -11.27
N GLY D 33 33.04 -7.50 -11.77
CA GLY D 33 33.70 -7.51 -13.06
C GLY D 33 34.15 -8.89 -13.47
N THR D 34 34.73 -8.94 -14.67
CA THR D 34 35.29 -10.16 -15.24
C THR D 34 36.80 -10.09 -15.14
N VAL D 35 37.43 -11.18 -14.66
CA VAL D 35 38.87 -11.26 -14.48
C VAL D 35 39.50 -12.04 -15.62
N TYR D 36 40.57 -11.49 -16.20
CA TYR D 36 41.29 -12.11 -17.29
C TYR D 36 42.74 -12.36 -16.89
N LYS D 37 43.33 -13.42 -17.46
CA LYS D 37 44.78 -13.49 -17.50
C LYS D 37 45.26 -12.56 -18.61
N GLY D 38 46.24 -11.72 -18.29
CA GLY D 38 46.71 -10.72 -19.23
C GLY D 38 48.22 -10.69 -19.32
N LEU D 39 48.70 -9.88 -20.25
CA LEU D 39 50.12 -9.71 -20.48
C LEU D 39 50.43 -8.23 -20.55
N TRP D 40 51.40 -7.80 -19.77
CA TRP D 40 51.89 -6.43 -19.83
C TRP D 40 53.10 -6.38 -20.77
N ILE D 41 53.06 -5.47 -21.73
CA ILE D 41 54.17 -5.30 -22.65
C ILE D 41 54.82 -3.96 -22.32
N PRO D 42 55.91 -3.94 -21.55
CA PRO D 42 56.57 -2.68 -21.26
C PRO D 42 56.99 -2.01 -22.56
N GLU D 43 56.74 -0.72 -22.63
CA GLU D 43 57.05 0.06 -23.82
C GLU D 43 58.54 0.05 -24.11
N GLY D 44 58.88 -0.17 -25.38
CA GLY D 44 60.26 -0.23 -25.81
C GLY D 44 60.96 -1.54 -25.48
N GLU D 45 60.25 -2.48 -24.88
CA GLU D 45 60.80 -3.77 -24.50
C GLU D 45 60.11 -4.88 -25.30
N LYS D 46 60.71 -6.07 -25.27
CA LYS D 46 60.21 -7.20 -26.02
C LYS D 46 59.56 -8.26 -25.14
N VAL D 47 59.60 -8.10 -23.82
CA VAL D 47 59.06 -9.12 -22.94
C VAL D 47 57.55 -8.94 -22.76
N LYS D 48 56.89 -10.04 -22.39
CA LYS D 48 55.47 -10.04 -22.07
C LYS D 48 55.31 -10.62 -20.67
N ILE D 49 54.79 -9.83 -19.75
CA ILE D 49 54.75 -10.15 -18.33
C ILE D 49 53.30 -10.47 -17.95
N PRO D 50 53.02 -11.65 -17.40
CA PRO D 50 51.63 -12.00 -17.06
C PRO D 50 51.10 -11.15 -15.91
N VAL D 51 49.85 -10.70 -16.08
CA VAL D 51 49.15 -9.93 -15.07
C VAL D 51 47.71 -10.45 -14.98
N ALA D 52 47.02 -10.05 -13.92
CA ALA D 52 45.59 -10.27 -13.76
C ALA D 52 44.86 -8.96 -13.96
N ILE D 53 43.81 -8.98 -14.78
CA ILE D 53 43.06 -7.79 -15.13
C ILE D 53 41.60 -8.03 -14.77
N LYS D 54 41.03 -7.14 -13.97
CA LYS D 54 39.60 -7.17 -13.68
C LYS D 54 38.98 -6.02 -14.44
N GLU D 55 38.14 -6.32 -15.40
CA GLU D 55 37.50 -5.27 -16.18
C GLU D 55 36.16 -4.98 -15.53
N LEU D 56 36.03 -3.83 -14.88
CA LEU D 56 34.79 -3.59 -14.18
C LEU D 56 33.61 -3.59 -15.15
N ARG D 57 32.60 -4.39 -14.80
CA ARG D 57 31.31 -4.50 -15.50
C ARG D 57 30.32 -3.45 -14.97
N GLU D 58 30.89 -2.36 -14.45
CA GLU D 58 30.19 -1.28 -13.74
C GLU D 58 30.98 0.03 -13.66
N ALA D 59 31.88 0.26 -14.63
CA ALA D 59 32.68 1.47 -14.73
C ALA D 59 31.86 2.63 -15.27
N THR D 60 32.33 3.86 -15.03
CA THR D 60 31.54 4.99 -15.50
C THR D 60 32.34 6.14 -16.11
N SER D 61 32.03 7.36 -15.63
CA SER D 61 32.36 8.63 -16.24
C SER D 61 33.70 9.17 -15.75
N PRO D 62 34.23 10.21 -16.42
CA PRO D 62 35.47 10.84 -15.92
C PRO D 62 35.36 11.35 -14.49
N LYS D 63 34.20 11.91 -14.12
CA LYS D 63 34.02 12.31 -12.73
C LYS D 63 33.93 11.08 -11.85
N ALA D 64 33.31 10.01 -12.36
CA ALA D 64 33.24 8.76 -11.65
C ALA D 64 34.62 8.14 -11.50
N ASN D 65 35.51 8.41 -12.46
CA ASN D 65 36.88 7.92 -12.37
C ASN D 65 37.65 8.58 -11.22
N LYS D 66 37.29 9.82 -10.87
CA LYS D 66 37.90 10.45 -9.71
C LYS D 66 37.59 9.68 -8.44
N GLU D 67 36.41 9.14 -8.29
CA GLU D 67 36.21 8.32 -7.08
C GLU D 67 37.02 7.05 -7.28
N ILE D 68 36.95 6.43 -8.46
CA ILE D 68 37.70 5.19 -8.60
C ILE D 68 39.17 5.38 -8.20
N LEU D 69 39.80 6.45 -8.69
CA LEU D 69 41.22 6.65 -8.41
C LEU D 69 41.47 6.84 -6.91
N ASP D 70 40.59 7.57 -6.22
CA ASP D 70 40.80 7.81 -4.79
C ASP D 70 40.81 6.50 -4.01
N GLU D 71 39.89 5.59 -4.32
CA GLU D 71 39.93 4.29 -3.65
C GLU D 71 41.10 3.45 -4.17
N ALA D 72 41.40 3.57 -5.46
CA ALA D 72 42.51 2.82 -6.05
C ALA D 72 43.84 3.16 -5.39
N TYR D 73 44.04 4.43 -5.02
CA TYR D 73 45.29 4.83 -4.39
C TYR D 73 45.49 4.14 -3.05
N VAL D 74 44.41 3.95 -2.28
CA VAL D 74 44.53 3.30 -0.99
C VAL D 74 44.80 1.81 -1.16
N MET D 75 44.12 1.15 -2.09
CA MET D 75 44.33 -0.26 -2.32
C MET D 75 45.68 -0.55 -2.96
N ALA D 76 46.30 0.47 -3.55
CA ALA D 76 47.68 0.36 -4.02
C ALA D 76 48.69 0.59 -2.91
N SER D 77 48.24 0.98 -1.71
CA SER D 77 49.13 1.37 -0.63
C SER D 77 49.31 0.30 0.44
N VAL D 78 48.68 -0.86 0.27
CA VAL D 78 48.80 -1.90 1.29
C VAL D 78 50.16 -2.57 1.16
N ASP D 79 50.75 -2.93 2.31
CA ASP D 79 52.10 -3.49 2.34
C ASP D 79 52.14 -4.52 3.48
N ASN D 80 51.68 -5.73 3.17
CA ASN D 80 51.64 -6.83 4.12
C ASN D 80 51.77 -8.10 3.30
N PRO D 81 52.55 -9.08 3.76
CA PRO D 81 52.76 -10.29 2.96
C PRO D 81 51.49 -11.05 2.63
N HIS D 82 50.42 -10.85 3.39
CA HIS D 82 49.19 -11.62 3.24
C HIS D 82 48.04 -10.75 2.75
N VAL D 83 48.35 -9.62 2.12
CA VAL D 83 47.36 -8.72 1.55
C VAL D 83 47.79 -8.41 0.12
N CYS D 84 46.89 -8.64 -0.83
CA CYS D 84 47.18 -8.32 -2.22
C CYS D 84 47.12 -6.82 -2.45
N ARG D 85 48.08 -6.31 -3.23
CA ARG D 85 48.18 -4.90 -3.54
C ARG D 85 47.72 -4.64 -4.96
N LEU D 86 46.91 -3.58 -5.13
CA LEU D 86 46.58 -3.11 -6.46
C LEU D 86 47.80 -2.45 -7.09
N LEU D 87 48.11 -2.82 -8.33
CA LEU D 87 49.33 -2.38 -8.98
C LEU D 87 49.08 -1.29 -10.02
N GLY D 88 48.01 -1.39 -10.80
CA GLY D 88 47.83 -0.44 -11.87
C GLY D 88 46.36 -0.29 -12.22
N ILE D 89 46.09 0.69 -13.08
CA ILE D 89 44.72 0.96 -13.52
C ILE D 89 44.78 1.59 -14.90
N CYS D 90 43.78 1.28 -15.73
CA CYS D 90 43.64 1.88 -17.06
C CYS D 90 42.21 2.40 -17.19
N LEU D 91 42.07 3.73 -17.17
CA LEU D 91 40.81 4.44 -17.18
C LEU D 91 40.46 4.89 -18.59
N THR D 92 39.60 4.16 -19.28
CA THR D 92 39.17 4.66 -20.59
C THR D 92 37.68 5.02 -20.55
N SER D 93 36.87 4.09 -21.08
CA SER D 93 35.42 4.04 -20.91
C SER D 93 35.02 2.95 -19.92
N THR D 94 35.69 1.79 -19.94
CA THR D 94 35.63 0.78 -18.90
C THR D 94 36.88 0.90 -18.05
N VAL D 95 36.76 0.64 -16.73
CA VAL D 95 37.91 0.67 -15.83
C VAL D 95 38.49 -0.74 -15.72
N GLN D 96 39.78 -0.87 -16.00
CA GLN D 96 40.51 -2.13 -15.91
C GLN D 96 41.56 -1.97 -14.81
N LEU D 97 41.57 -2.90 -13.87
CA LEU D 97 42.48 -2.87 -12.73
C LEU D 97 43.45 -4.02 -12.89
N ILE D 98 44.72 -3.77 -12.57
CA ILE D 98 45.80 -4.71 -12.83
C ILE D 98 46.46 -5.07 -11.50
N MET D 99 46.68 -6.36 -11.29
CA MET D 99 47.43 -6.82 -10.14
C MET D 99 48.20 -8.09 -10.54
N GLN D 100 48.98 -8.61 -9.59
CA GLN D 100 49.79 -9.79 -9.83
C GLN D 100 48.94 -11.00 -10.14
N LEU D 101 49.36 -11.78 -11.14
CA LEU D 101 48.67 -13.01 -11.49
C LEU D 101 49.06 -14.13 -10.55
N MET D 102 48.07 -14.79 -9.96
CA MET D 102 48.26 -15.91 -9.04
C MET D 102 47.95 -17.22 -9.76
N PRO D 103 48.96 -17.95 -10.26
CA PRO D 103 48.68 -19.15 -11.06
C PRO D 103 47.87 -20.21 -10.32
N PHE D 104 47.94 -20.27 -8.99
CA PHE D 104 47.22 -21.28 -8.23
C PHE D 104 45.73 -20.96 -8.06
N GLY D 105 45.31 -19.73 -8.32
CA GLY D 105 43.91 -19.37 -8.18
C GLY D 105 43.51 -19.05 -6.75
N CYS D 106 42.20 -19.14 -6.50
CA CYS D 106 41.63 -18.82 -5.22
C CYS D 106 41.68 -20.00 -4.27
N LEU D 107 41.65 -19.70 -2.96
CA LEU D 107 41.75 -20.76 -1.98
C LEU D 107 40.51 -21.64 -1.96
N LEU D 108 39.34 -21.09 -2.32
CA LEU D 108 38.12 -21.89 -2.33
C LEU D 108 38.21 -23.02 -3.36
N ASP D 109 38.56 -22.68 -4.61
CA ASP D 109 38.72 -23.72 -5.62
C ASP D 109 39.89 -24.63 -5.31
N TYR D 110 40.94 -24.10 -4.67
CA TYR D 110 42.10 -24.93 -4.34
C TYR D 110 41.72 -26.03 -3.35
N VAL D 111 40.99 -25.66 -2.29
CA VAL D 111 40.63 -26.66 -1.28
C VAL D 111 39.64 -27.67 -1.84
N ARG D 112 38.77 -27.24 -2.75
CA ARG D 112 37.85 -28.18 -3.39
C ARG D 112 38.61 -29.17 -4.26
N GLU D 113 39.63 -28.71 -4.98
CA GLU D 113 40.34 -29.58 -5.91
C GLU D 113 41.38 -30.47 -5.22
N HIS D 114 41.90 -30.05 -4.08
CA HIS D 114 42.91 -30.83 -3.35
C HIS D 114 42.39 -31.39 -2.03
N LYS D 115 41.07 -31.54 -1.89
CA LYS D 115 40.49 -31.83 -0.58
C LYS D 115 40.95 -33.15 0.01
N ASP D 116 41.41 -34.09 -0.81
CA ASP D 116 41.90 -35.38 -0.31
C ASP D 116 43.41 -35.38 -0.08
N ASN D 117 44.07 -34.22 -0.16
CA ASN D 117 45.51 -34.13 0.05
C ASN D 117 45.89 -32.98 0.98
N ILE D 118 44.94 -32.40 1.69
CA ILE D 118 45.17 -31.22 2.53
C ILE D 118 45.18 -31.66 3.99
N GLY D 119 46.31 -31.44 4.66
CA GLY D 119 46.46 -31.81 6.05
C GLY D 119 46.15 -30.66 7.00
N SER D 120 46.21 -30.98 8.29
CA SER D 120 45.82 -30.01 9.32
C SER D 120 46.78 -28.83 9.38
N GLN D 121 48.06 -29.04 9.07
CA GLN D 121 49.04 -27.98 9.17
C GLN D 121 48.78 -26.89 8.12
N TYR D 122 48.43 -27.28 6.90
CA TYR D 122 48.08 -26.30 5.88
C TYR D 122 46.84 -25.52 6.27
N LEU D 123 45.78 -26.22 6.68
CA LEU D 123 44.51 -25.58 6.99
C LEU D 123 44.66 -24.55 8.10
N LEU D 124 45.37 -24.91 9.17
CA LEU D 124 45.53 -23.99 10.30
C LEU D 124 46.44 -22.83 9.94
N ASN D 125 47.48 -23.06 9.13
CA ASN D 125 48.34 -21.97 8.72
C ASN D 125 47.59 -21.00 7.82
N TRP D 126 46.71 -21.52 6.95
CA TRP D 126 45.86 -20.64 6.15
C TRP D 126 45.00 -19.75 7.04
N CYS D 127 44.46 -20.31 8.12
CA CYS D 127 43.67 -19.49 9.05
C CYS D 127 44.53 -18.40 9.67
N VAL D 128 45.77 -18.73 10.06
CA VAL D 128 46.67 -17.74 10.64
C VAL D 128 46.96 -16.63 9.64
N GLN D 129 47.33 -17.01 8.41
CA GLN D 129 47.74 -16.01 7.43
C GLN D 129 46.60 -15.08 7.05
N ILE D 130 45.40 -15.63 6.89
CA ILE D 130 44.24 -14.80 6.60
C ILE D 130 43.96 -13.84 7.74
N ALA D 131 44.11 -14.32 8.98
CA ALA D 131 43.92 -13.45 10.14
C ALA D 131 44.99 -12.37 10.20
N LYS D 132 46.22 -12.70 9.81
CA LYS D 132 47.28 -11.70 9.77
C LYS D 132 46.96 -10.61 8.75
N GLY D 133 46.51 -11.00 7.56
CA GLY D 133 46.14 -10.01 6.56
C GLY D 133 44.97 -9.14 7.00
N MET D 134 43.98 -9.75 7.66
CA MET D 134 42.83 -8.98 8.13
C MET D 134 43.22 -8.02 9.25
N ASN D 135 44.09 -8.46 10.17
CA ASN D 135 44.57 -7.57 11.21
C ASN D 135 45.30 -6.37 10.61
N TYR D 136 46.02 -6.60 9.50
CA TYR D 136 46.68 -5.51 8.80
C TYR D 136 45.65 -4.51 8.29
N LEU D 137 44.59 -5.00 7.63
CA LEU D 137 43.55 -4.11 7.12
C LEU D 137 42.89 -3.32 8.24
N GLU D 138 42.64 -3.96 9.38
CA GLU D 138 42.10 -3.23 10.52
C GLU D 138 43.09 -2.18 11.00
N ASP D 139 44.37 -2.52 11.06
CA ASP D 139 45.39 -1.55 11.43
C ASP D 139 45.39 -0.35 10.48
N ARG D 140 45.16 -0.61 9.19
CA ARG D 140 45.05 0.45 8.19
C ARG D 140 43.67 1.10 8.13
N ARG D 141 42.74 0.70 9.00
CA ARG D 141 41.36 1.21 9.00
C ARG D 141 40.65 0.92 7.69
N LEU D 142 40.86 -0.28 7.14
CA LEU D 142 40.19 -0.70 5.93
C LEU D 142 39.30 -1.89 6.25
N VAL D 143 37.99 -1.69 6.10
CA VAL D 143 37.03 -2.79 6.25
C VAL D 143 37.01 -3.57 4.95
N HIS D 144 37.09 -4.90 5.04
CA HIS D 144 37.13 -5.72 3.83
C HIS D 144 35.81 -5.65 3.08
N ARG D 145 34.73 -6.04 3.74
CA ARG D 145 33.34 -6.02 3.30
C ARG D 145 33.00 -7.21 2.40
N ASP D 146 33.96 -8.05 2.02
CA ASP D 146 33.68 -9.16 1.13
C ASP D 146 34.63 -10.33 1.38
N LEU D 147 34.93 -10.59 2.65
CA LEU D 147 35.81 -11.71 2.96
C LEU D 147 35.10 -13.03 2.75
N ALA D 148 35.78 -13.93 2.04
CA ALA D 148 35.28 -15.26 1.71
C ALA D 148 36.45 -16.05 1.14
N ALA D 149 36.30 -17.38 1.14
CA ALA D 149 37.36 -18.22 0.60
C ALA D 149 37.62 -17.92 -0.87
N ARG D 150 36.61 -17.41 -1.58
CA ARG D 150 36.80 -17.04 -2.98
C ARG D 150 37.68 -15.81 -3.14
N ASN D 151 37.78 -14.98 -2.11
CA ASN D 151 38.60 -13.77 -2.17
C ASN D 151 39.88 -13.92 -1.35
N VAL D 152 40.35 -15.15 -1.18
CA VAL D 152 41.68 -15.44 -0.67
C VAL D 152 42.43 -16.15 -1.80
N LEU D 153 43.50 -15.53 -2.28
CA LEU D 153 44.25 -16.05 -3.41
C LEU D 153 45.44 -16.87 -2.94
N VAL D 154 45.75 -17.92 -3.69
CA VAL D 154 46.87 -18.81 -3.36
C VAL D 154 48.07 -18.32 -4.15
N LYS D 155 49.06 -17.74 -3.47
CA LYS D 155 50.29 -17.40 -4.15
C LYS D 155 51.14 -18.65 -4.33
N THR D 156 51.39 -19.37 -3.25
CA THR D 156 51.89 -20.74 -3.25
C THR D 156 51.03 -21.51 -2.27
N PRO D 157 51.06 -22.86 -2.31
CA PRO D 157 50.30 -23.62 -1.33
C PRO D 157 50.62 -23.25 0.12
N GLN D 158 51.80 -22.67 0.36
CA GLN D 158 52.21 -22.28 1.70
C GLN D 158 51.94 -20.82 2.02
N HIS D 159 51.39 -20.05 1.08
CA HIS D 159 51.30 -18.61 1.24
C HIS D 159 50.05 -18.09 0.52
N VAL D 160 49.08 -17.62 1.29
CA VAL D 160 47.84 -17.09 0.76
C VAL D 160 47.74 -15.60 1.10
N LYS D 161 46.97 -14.88 0.29
CA LYS D 161 46.84 -13.44 0.38
C LYS D 161 45.40 -13.02 0.15
N ILE D 162 44.96 -12.00 0.88
CA ILE D 162 43.59 -11.50 0.79
C ILE D 162 43.47 -10.51 -0.37
N THR D 163 42.35 -10.57 -1.10
CA THR D 163 42.12 -9.70 -2.25
C THR D 163 40.70 -9.12 -2.22
N ASP D 164 40.47 -8.15 -3.11
CA ASP D 164 39.14 -7.58 -3.37
C ASP D 164 38.53 -6.97 -2.12
N PHE D 165 39.34 -6.31 -1.31
CA PHE D 165 38.86 -5.67 -0.08
C PHE D 165 38.53 -4.20 -0.31
N GLY D 166 37.74 -3.66 0.62
CA GLY D 166 37.49 -2.22 0.69
C GLY D 166 36.55 -1.65 -0.35
N LEU D 167 35.77 -2.48 -1.03
CA LEU D 167 34.89 -2.01 -2.10
C LEU D 167 33.59 -1.44 -1.53
N ALA D 168 33.74 -0.38 -0.74
CA ALA D 168 32.60 0.26 -0.09
C ALA D 168 31.67 0.91 -1.12
N VAL D 185 25.00 -8.83 -3.11
CA VAL D 185 25.56 -8.84 -1.76
C VAL D 185 25.80 -10.28 -1.30
N PRO D 186 26.95 -10.52 -0.66
CA PRO D 186 27.27 -11.86 -0.13
C PRO D 186 26.60 -12.13 1.22
N ILE D 187 25.27 -12.30 1.15
CA ILE D 187 24.43 -12.38 2.35
C ILE D 187 24.91 -13.46 3.31
N LYS D 188 25.23 -14.64 2.79
CA LYS D 188 25.56 -15.77 3.65
C LYS D 188 26.93 -15.66 4.31
N TRP D 189 27.71 -14.64 3.95
CA TRP D 189 28.97 -14.33 4.63
C TRP D 189 28.88 -13.09 5.49
N MET D 190 27.75 -12.38 5.48
CA MET D 190 27.64 -11.09 6.13
C MET D 190 27.21 -11.25 7.58
N ALA D 191 27.71 -10.36 8.43
CA ALA D 191 27.24 -10.30 9.80
C ALA D 191 25.78 -9.84 9.83
N LEU D 192 25.08 -10.24 10.90
CA LEU D 192 23.66 -9.93 11.02
C LEU D 192 23.40 -8.43 10.97
N GLU D 193 24.27 -7.64 11.61
CA GLU D 193 24.09 -6.19 11.57
C GLU D 193 24.35 -5.60 10.19
N SER D 194 25.10 -6.31 9.34
CA SER D 194 25.29 -5.87 7.96
C SER D 194 24.05 -6.15 7.11
N ILE D 195 23.44 -7.33 7.29
CA ILE D 195 22.21 -7.66 6.56
C ILE D 195 21.10 -6.70 6.95
N LEU D 196 20.91 -6.49 8.25
CA LEU D 196 19.78 -5.71 8.74
C LEU D 196 20.03 -4.21 8.63
N HIS D 197 21.26 -3.75 8.89
CA HIS D 197 21.50 -2.32 9.05
C HIS D 197 22.60 -1.77 8.16
N ARG D 198 23.24 -2.60 7.32
CA ARG D 198 24.29 -2.14 6.42
C ARG D 198 25.43 -1.50 7.21
N ILE D 199 25.73 -2.10 8.35
CA ILE D 199 26.82 -1.70 9.21
C ILE D 199 28.00 -2.61 8.90
N TYR D 200 29.08 -2.02 8.40
CA TYR D 200 30.28 -2.76 8.06
C TYR D 200 31.43 -2.24 8.93
N THR D 201 31.94 -3.10 9.80
CA THR D 201 33.02 -2.78 10.70
C THR D 201 34.06 -3.88 10.60
N HIS D 202 35.17 -3.70 11.32
CA HIS D 202 36.16 -4.77 11.40
C HIS D 202 35.61 -5.97 12.15
N GLN D 203 34.63 -5.76 13.03
CA GLN D 203 34.02 -6.87 13.75
C GLN D 203 32.99 -7.61 12.91
N SER D 204 32.38 -6.93 11.94
CA SER D 204 31.56 -7.66 10.98
C SER D 204 32.43 -8.44 10.00
N ASP D 205 33.66 -7.97 9.77
CA ASP D 205 34.63 -8.78 9.05
C ASP D 205 34.97 -10.05 9.82
N VAL D 206 35.00 -9.97 11.16
CA VAL D 206 35.29 -11.15 11.98
C VAL D 206 34.25 -12.23 11.71
N TRP D 207 33.00 -11.83 11.50
CA TRP D 207 31.96 -12.80 11.12
C TRP D 207 32.31 -13.47 9.80
N SER D 208 32.62 -12.68 8.77
CA SER D 208 32.97 -13.25 7.47
C SER D 208 34.20 -14.13 7.58
N TYR D 209 35.15 -13.78 8.45
CA TYR D 209 36.30 -14.64 8.70
C TYR D 209 35.86 -15.99 9.26
N GLY D 210 34.91 -15.98 10.18
CA GLY D 210 34.38 -17.23 10.70
C GLY D 210 33.80 -18.12 9.61
N VAL D 211 33.01 -17.53 8.71
CA VAL D 211 32.46 -18.30 7.60
C VAL D 211 33.57 -18.76 6.66
N THR D 212 34.56 -17.91 6.42
CA THR D 212 35.67 -18.28 5.54
C THR D 212 36.42 -19.49 6.10
N VAL D 213 36.68 -19.49 7.41
CA VAL D 213 37.28 -20.66 8.05
C VAL D 213 36.38 -21.88 7.89
N TRP D 214 35.06 -21.69 8.04
CA TRP D 214 34.12 -22.79 7.86
C TRP D 214 34.22 -23.38 6.46
N GLU D 215 34.38 -22.51 5.45
CA GLU D 215 34.57 -23.00 4.09
C GLU D 215 35.80 -23.87 3.98
N LEU D 216 36.91 -23.45 4.59
CA LEU D 216 38.16 -24.20 4.50
C LEU D 216 38.07 -25.54 5.21
N MET D 217 37.45 -25.56 6.39
CA MET D 217 37.37 -26.78 7.19
CA MET D 217 37.42 -26.80 7.16
C MET D 217 36.38 -27.79 6.63
N THR D 218 35.43 -27.34 5.83
CA THR D 218 34.53 -28.24 5.12
C THR D 218 35.03 -28.56 3.72
N PHE D 219 36.26 -28.15 3.41
CA PHE D 219 36.88 -28.37 2.11
C PHE D 219 36.04 -27.76 0.97
N GLY D 220 35.50 -26.58 1.22
CA GLY D 220 34.85 -25.80 0.18
C GLY D 220 33.36 -25.96 0.04
N SER D 221 32.67 -26.32 1.11
CA SER D 221 31.22 -26.45 1.07
C SER D 221 30.55 -25.09 0.92
N LYS D 222 29.31 -25.11 0.42
CA LYS D 222 28.52 -23.87 0.33
C LYS D 222 27.79 -23.62 1.65
N PRO D 223 27.91 -22.44 2.24
CA PRO D 223 27.24 -22.17 3.51
C PRO D 223 25.73 -22.08 3.33
N TYR D 224 25.01 -22.64 4.30
CA TYR D 224 23.54 -22.67 4.30
C TYR D 224 23.02 -23.12 2.93
N ASP D 225 23.55 -24.25 2.45
CA ASP D 225 23.26 -24.70 1.09
C ASP D 225 21.76 -24.93 0.89
N GLY D 226 21.21 -24.29 -0.13
CA GLY D 226 19.82 -24.45 -0.47
C GLY D 226 18.85 -23.54 0.26
N ILE D 227 19.35 -22.72 1.17
CA ILE D 227 18.51 -21.75 1.88
C ILE D 227 18.58 -20.43 1.12
N PRO D 228 17.44 -19.86 0.70
CA PRO D 228 17.48 -18.58 -0.02
C PRO D 228 18.12 -17.49 0.83
N ALA D 229 18.90 -16.63 0.17
CA ALA D 229 19.58 -15.55 0.87
C ALA D 229 18.60 -14.65 1.61
N SER D 230 17.40 -14.45 1.06
CA SER D 230 16.42 -13.56 1.68
C SER D 230 15.95 -14.04 3.04
N GLU D 231 16.26 -15.28 3.42
CA GLU D 231 15.82 -15.85 4.69
C GLU D 231 16.95 -16.10 5.67
N ILE D 232 18.18 -15.70 5.33
CA ILE D 232 19.31 -15.98 6.21
C ILE D 232 19.18 -15.20 7.51
N SER D 233 18.76 -13.94 7.43
CA SER D 233 18.68 -13.11 8.62
C SER D 233 17.67 -13.67 9.63
N SER D 234 16.61 -14.32 9.16
CA SER D 234 15.64 -14.91 10.07
C SER D 234 16.26 -16.07 10.85
N ILE D 235 16.96 -16.97 10.16
CA ILE D 235 17.53 -18.12 10.85
C ILE D 235 18.65 -17.70 11.79
N LEU D 236 19.39 -16.63 11.45
CA LEU D 236 20.43 -16.14 12.35
C LEU D 236 19.83 -15.53 13.61
N GLU D 237 18.74 -14.78 13.47
CA GLU D 237 18.09 -14.18 14.63
C GLU D 237 17.55 -15.24 15.58
N LYS D 238 17.09 -16.37 15.03
CA LYS D 238 16.57 -17.48 15.84
C LYS D 238 17.68 -18.34 16.43
N GLY D 239 18.95 -18.01 16.18
CA GLY D 239 20.06 -18.70 16.82
C GLY D 239 20.72 -19.80 16.01
N GLU D 240 20.28 -20.05 14.77
CA GLU D 240 20.93 -21.05 13.94
C GLU D 240 22.28 -20.54 13.47
N ARG D 241 23.25 -21.45 13.38
CA ARG D 241 24.60 -21.13 12.90
C ARG D 241 25.05 -22.27 11.99
N LEU D 242 26.15 -22.02 11.27
CA LEU D 242 26.72 -23.06 10.44
C LEU D 242 27.12 -24.26 11.30
N PRO D 243 26.95 -25.48 10.80
CA PRO D 243 27.22 -26.65 11.64
C PRO D 243 28.72 -26.92 11.78
N GLN D 244 29.04 -27.70 12.79
CA GLN D 244 30.42 -28.06 13.09
C GLN D 244 31.00 -28.90 11.96
N PRO D 245 32.09 -28.49 11.32
CA PRO D 245 32.68 -29.30 10.27
C PRO D 245 33.16 -30.62 10.83
N PRO D 246 33.08 -31.70 10.06
CA PRO D 246 33.46 -33.03 10.57
C PRO D 246 34.86 -33.12 11.14
N ILE D 247 35.83 -32.37 10.59
CA ILE D 247 37.21 -32.49 11.05
C ILE D 247 37.53 -31.61 12.26
N CYS D 248 36.63 -30.70 12.63
CA CYS D 248 36.91 -29.73 13.67
C CYS D 248 36.70 -30.31 15.07
N THR D 249 37.69 -30.13 15.93
CA THR D 249 37.48 -30.32 17.36
C THR D 249 36.62 -29.20 17.93
N ILE D 250 36.16 -29.38 19.16
CA ILE D 250 35.35 -28.35 19.81
C ILE D 250 36.15 -27.06 19.98
N ASP D 251 37.47 -27.17 20.13
CA ASP D 251 38.29 -25.97 20.28
C ASP D 251 38.19 -25.09 19.04
N VAL D 252 38.22 -25.69 17.85
CA VAL D 252 38.14 -24.91 16.63
C VAL D 252 36.72 -24.39 16.40
N TYR D 253 35.71 -25.22 16.62
CA TYR D 253 34.33 -24.79 16.36
C TYR D 253 33.90 -23.68 17.31
N MET D 254 34.42 -23.67 18.55
CA MET D 254 34.09 -22.60 19.48
C MET D 254 34.56 -21.25 18.95
N ILE D 255 35.71 -21.24 18.29
CA ILE D 255 36.23 -20.00 17.71
C ILE D 255 35.28 -19.52 16.62
N MET D 256 34.87 -20.42 15.73
CA MET D 256 33.92 -20.07 14.68
C MET D 256 32.63 -19.50 15.26
N ARG D 257 32.09 -20.16 16.29
CA ARG D 257 30.84 -19.72 16.89
C ARG D 257 30.99 -18.35 17.55
N LYS D 258 32.16 -18.08 18.14
CA LYS D 258 32.37 -16.78 18.76
C LYS D 258 32.46 -15.67 17.72
N CYS D 259 32.87 -16.00 16.49
CA CYS D 259 32.86 -15.04 15.40
C CYS D 259 31.44 -14.71 14.95
N TRP D 260 30.46 -15.54 15.29
CA TRP D 260 29.08 -15.34 14.87
C TRP D 260 28.16 -14.91 16.01
N MET D 261 28.72 -14.31 17.06
CA MET D 261 27.88 -13.76 18.13
C MET D 261 27.13 -12.52 17.64
N ILE D 262 25.91 -12.35 18.14
CA ILE D 262 25.09 -11.24 17.68
C ILE D 262 25.68 -9.90 18.12
N ASP D 263 26.30 -9.85 19.30
CA ASP D 263 26.97 -8.64 19.78
C ASP D 263 28.34 -8.54 19.12
N ALA D 264 28.50 -7.57 18.22
CA ALA D 264 29.73 -7.48 17.43
C ALA D 264 30.96 -7.29 18.31
N ASP D 265 30.82 -6.54 19.41
CA ASP D 265 31.97 -6.30 20.28
C ASP D 265 32.36 -7.52 21.10
N SER D 266 31.53 -8.55 21.15
CA SER D 266 31.86 -9.78 21.87
C SER D 266 32.64 -10.78 21.01
N ARG D 267 32.63 -10.59 19.69
CA ARG D 267 33.36 -11.48 18.82
C ARG D 267 34.87 -11.27 19.01
N PRO D 268 35.67 -12.29 18.71
CA PRO D 268 37.13 -12.13 18.85
C PRO D 268 37.66 -11.04 17.93
N LYS D 269 38.84 -10.54 18.28
CA LYS D 269 39.57 -9.60 17.43
C LYS D 269 40.60 -10.36 16.61
N PHE D 270 40.92 -9.82 15.43
CA PHE D 270 41.85 -10.50 14.53
C PHE D 270 43.20 -10.75 15.16
N ARG D 271 43.69 -9.83 15.98
CA ARG D 271 44.95 -10.07 16.70
C ARG D 271 44.83 -11.29 17.62
N GLU D 272 43.65 -11.51 18.21
CA GLU D 272 43.47 -12.68 19.06
C GLU D 272 43.37 -13.95 18.24
N LEU D 273 42.79 -13.87 17.04
CA LEU D 273 42.70 -15.04 16.16
C LEU D 273 44.08 -15.48 15.69
N ILE D 274 44.97 -14.52 15.42
CA ILE D 274 46.35 -14.85 15.06
C ILE D 274 47.01 -15.69 16.15
N ILE D 275 46.89 -15.26 17.41
CA ILE D 275 47.53 -15.96 18.52
C ILE D 275 46.91 -17.34 18.70
N GLU D 276 45.59 -17.43 18.67
CA GLU D 276 44.94 -18.72 18.96
C GLU D 276 45.22 -19.74 17.86
N PHE D 277 45.06 -19.34 16.59
CA PHE D 277 45.30 -20.30 15.51
C PHE D 277 46.77 -20.66 15.39
N SER D 278 47.67 -19.74 15.75
CA SER D 278 49.10 -20.06 15.77
C SER D 278 49.41 -21.11 16.82
N LYS D 279 48.75 -21.02 17.98
CA LYS D 279 48.90 -22.04 19.01
C LYS D 279 48.47 -23.40 18.50
N MET D 280 47.32 -23.45 17.82
CA MET D 280 46.83 -24.71 17.26
C MET D 280 47.72 -25.21 16.12
N ALA D 281 48.33 -24.29 15.37
CA ALA D 281 49.23 -24.70 14.30
C ALA D 281 50.50 -25.37 14.83
N ARG D 282 50.85 -25.14 16.10
CA ARG D 282 52.01 -25.78 16.69
C ARG D 282 51.71 -27.21 17.17
N ASP D 283 50.45 -27.62 17.18
CA ASP D 283 50.08 -29.01 17.47
C ASP D 283 48.84 -29.33 16.67
N PRO D 284 48.94 -29.35 15.34
CA PRO D 284 47.74 -29.32 14.50
C PRO D 284 46.86 -30.54 14.63
N GLN D 285 47.44 -31.72 14.82
CA GLN D 285 46.62 -32.92 14.94
C GLN D 285 45.86 -32.99 16.26
N ARG D 286 46.18 -32.12 17.21
CA ARG D 286 45.37 -32.02 18.43
C ARG D 286 44.05 -31.32 18.15
N TYR D 287 44.01 -30.44 17.14
CA TYR D 287 42.86 -29.56 16.92
C TYR D 287 42.08 -29.85 15.64
N LEU D 288 42.67 -30.57 14.68
CA LEU D 288 41.95 -31.02 13.51
C LEU D 288 42.16 -32.50 13.35
N VAL D 289 41.07 -33.22 13.11
CA VAL D 289 41.10 -34.67 12.98
C VAL D 289 40.81 -34.96 11.51
N ILE D 290 41.87 -35.21 10.75
CA ILE D 290 41.78 -35.41 9.32
C ILE D 290 42.26 -36.82 9.00
N GLN D 291 41.45 -37.53 8.22
CA GLN D 291 41.77 -38.86 7.76
C GLN D 291 42.99 -38.81 6.85
N GLY D 292 44.05 -39.51 7.22
CA GLY D 292 45.27 -39.49 6.44
C GLY D 292 46.25 -38.39 6.82
N ASP D 293 46.02 -37.69 7.93
CA ASP D 293 46.79 -36.49 8.24
C ASP D 293 48.27 -36.78 8.42
N GLU D 294 48.63 -37.98 8.85
CA GLU D 294 50.04 -38.30 9.09
C GLU D 294 50.80 -38.63 7.81
N ARG D 295 50.11 -38.79 6.68
CA ARG D 295 50.78 -38.99 5.40
C ARG D 295 50.84 -37.70 4.58
N MET D 296 50.46 -36.58 5.17
CA MET D 296 50.61 -35.26 4.55
C MET D 296 51.29 -34.34 5.55
N HIS D 297 52.24 -33.55 5.07
CA HIS D 297 52.96 -32.59 5.89
C HIS D 297 53.14 -31.31 5.11
N LEU D 298 53.70 -30.29 5.77
CA LEU D 298 54.19 -29.11 5.09
C LEU D 298 55.36 -29.50 4.19
N PRO D 299 55.74 -28.65 3.24
CA PRO D 299 56.93 -28.95 2.44
C PRO D 299 58.16 -28.89 3.33
N SER D 300 59.16 -29.70 2.98
CA SER D 300 60.44 -29.56 3.64
C SER D 300 60.96 -28.14 3.41
N PRO D 301 61.91 -27.69 4.22
CA PRO D 301 62.57 -26.41 3.90
C PRO D 301 63.08 -26.37 2.48
N THR D 302 63.48 -27.51 1.95
CA THR D 302 63.92 -27.62 0.56
C THR D 302 62.83 -27.17 -0.39
N ASP D 303 61.62 -27.70 -0.22
CA ASP D 303 60.55 -27.42 -1.16
C ASP D 303 60.02 -26.01 -1.01
N SER D 304 60.08 -25.44 0.20
CA SER D 304 59.64 -24.06 0.39
C SER D 304 60.64 -23.08 -0.22
N ASN D 305 61.94 -23.32 -0.02
CA ASN D 305 62.95 -22.45 -0.62
C ASN D 305 62.85 -22.44 -2.14
N PHE D 306 62.52 -23.61 -2.72
CA PHE D 306 62.38 -23.70 -4.16
C PHE D 306 61.19 -22.87 -4.64
N TYR D 307 60.05 -23.03 -3.97
CA TYR D 307 58.86 -22.25 -4.30
C TYR D 307 59.14 -20.75 -4.20
N ARG D 308 59.75 -20.32 -3.10
CA ARG D 308 59.95 -18.90 -2.86
C ARG D 308 60.91 -18.29 -3.87
N ALA D 309 61.97 -19.02 -4.23
CA ALA D 309 62.91 -18.49 -5.22
C ALA D 309 62.24 -18.32 -6.59
N LEU D 310 61.32 -19.22 -6.93
CA LEU D 310 60.70 -19.18 -8.25
C LEU D 310 59.44 -18.31 -8.30
N MET D 311 58.65 -18.29 -7.22
CA MET D 311 57.34 -17.66 -7.25
C MET D 311 57.06 -16.70 -6.11
N ASP D 312 57.91 -16.63 -5.08
CA ASP D 312 57.48 -15.95 -3.88
C ASP D 312 58.71 -15.41 -3.12
N GLU D 313 59.27 -14.33 -3.65
CA GLU D 313 60.50 -13.75 -3.10
C GLU D 313 60.21 -12.69 -2.04
N GLU D 314 58.95 -12.43 -1.73
CA GLU D 314 58.65 -11.39 -0.75
C GLU D 314 58.98 -11.84 0.67
N ASP D 315 59.21 -10.86 1.52
CA ASP D 315 59.69 -11.01 2.89
C ASP D 315 58.93 -12.07 3.68
N MET D 316 57.66 -11.84 3.99
CA MET D 316 56.83 -12.80 4.71
C MET D 316 57.54 -13.42 5.94
N ASN E 9 -9.36 -55.51 21.84
CA ASN E 9 -8.20 -55.74 20.99
C ASN E 9 -8.54 -56.73 19.87
N GLN E 10 -8.66 -58.01 20.23
CA GLN E 10 -9.04 -59.03 19.27
C GLN E 10 -10.42 -58.75 18.68
N ALA E 11 -11.29 -58.08 19.43
CA ALA E 11 -12.63 -57.77 18.97
C ALA E 11 -12.65 -56.65 17.94
N LEU E 12 -11.52 -56.02 17.64
CA LEU E 12 -11.52 -54.95 16.65
C LEU E 12 -11.45 -55.47 15.22
N LEU E 13 -11.15 -56.75 15.01
CA LEU E 13 -11.12 -57.35 13.69
C LEU E 13 -12.22 -58.40 13.58
N ARG E 14 -13.20 -58.17 12.71
CA ARG E 14 -14.25 -59.13 12.47
C ARG E 14 -13.82 -60.16 11.43
N ILE E 15 -13.94 -61.43 11.79
CA ILE E 15 -13.69 -62.53 10.85
C ILE E 15 -15.01 -62.87 10.17
N LEU E 16 -15.04 -62.70 8.86
CA LEU E 16 -16.25 -62.87 8.07
C LEU E 16 -16.29 -64.21 7.36
N LYS E 17 -17.50 -64.69 7.07
CA LYS E 17 -17.70 -65.84 6.23
C LYS E 17 -17.82 -65.43 4.77
N GLU E 18 -17.47 -66.35 3.87
CA GLU E 18 -17.70 -66.12 2.45
C GLU E 18 -19.17 -65.80 2.16
N THR E 19 -20.08 -66.40 2.92
CA THR E 19 -21.51 -66.33 2.63
C THR E 19 -22.16 -65.04 3.09
N GLU E 20 -21.47 -64.19 3.84
CA GLU E 20 -22.07 -62.97 4.37
C GLU E 20 -21.60 -61.70 3.67
N PHE E 21 -20.85 -61.82 2.57
CA PHE E 21 -20.52 -60.65 1.77
C PHE E 21 -20.29 -61.05 0.32
N LYS E 22 -20.43 -60.08 -0.58
CA LYS E 22 -20.29 -60.29 -2.01
C LYS E 22 -19.52 -59.14 -2.64
N LYS E 23 -18.56 -59.46 -3.50
CA LYS E 23 -17.93 -58.46 -4.35
C LYS E 23 -18.85 -58.15 -5.52
N ILE E 24 -19.06 -56.86 -5.79
CA ILE E 24 -20.03 -56.50 -6.82
C ILE E 24 -19.38 -55.72 -7.97
N LYS E 25 -18.32 -54.96 -7.68
CA LYS E 25 -17.71 -54.14 -8.73
C LYS E 25 -16.25 -53.87 -8.41
N VAL E 26 -15.39 -53.98 -9.42
CA VAL E 26 -13.97 -53.68 -9.28
C VAL E 26 -13.76 -52.18 -9.27
N LEU E 27 -13.01 -51.70 -8.26
CA LEU E 27 -12.66 -50.30 -8.14
C LEU E 27 -11.25 -50.00 -8.59
N GLY E 28 -10.35 -50.96 -8.46
CA GLY E 28 -8.97 -50.79 -8.88
C GLY E 28 -8.10 -51.83 -8.20
N SER E 29 -6.80 -51.69 -8.42
CA SER E 29 -5.80 -52.56 -7.84
C SER E 29 -4.67 -51.69 -7.31
N GLY E 30 -4.03 -52.14 -6.24
CA GLY E 30 -2.97 -51.32 -5.69
C GLY E 30 -1.65 -52.08 -5.58
N ALA E 31 -1.32 -52.58 -4.40
CA ALA E 31 -0.04 -53.24 -4.20
C ALA E 31 -0.19 -54.75 -4.01
N PHE E 32 -1.00 -55.16 -3.03
CA PHE E 32 -1.16 -56.57 -2.72
C PHE E 32 -2.43 -57.19 -3.27
N GLY E 33 -3.27 -56.44 -3.97
CA GLY E 33 -4.51 -57.06 -4.39
C GLY E 33 -5.41 -56.12 -5.18
N THR E 34 -6.58 -56.64 -5.50
CA THR E 34 -7.62 -55.94 -6.24
C THR E 34 -8.68 -55.47 -5.27
N VAL E 35 -9.11 -54.21 -5.41
CA VAL E 35 -10.09 -53.60 -4.52
C VAL E 35 -11.46 -53.62 -5.20
N TYR E 36 -12.47 -54.08 -4.47
CA TYR E 36 -13.83 -54.15 -4.97
C TYR E 36 -14.76 -53.31 -4.10
N LYS E 37 -15.78 -52.74 -4.72
CA LYS E 37 -16.94 -52.32 -3.95
C LYS E 37 -17.75 -53.57 -3.64
N GLY E 38 -18.13 -53.73 -2.37
CA GLY E 38 -18.81 -54.93 -1.93
C GLY E 38 -20.02 -54.61 -1.09
N LEU E 39 -20.73 -55.68 -0.73
CA LEU E 39 -21.92 -55.58 0.10
C LEU E 39 -21.83 -56.61 1.22
N TRP E 40 -22.03 -56.15 2.44
CA TRP E 40 -22.12 -57.03 3.60
C TRP E 40 -23.58 -57.31 3.90
N ILE E 41 -23.92 -58.59 4.03
CA ILE E 41 -25.28 -59.00 4.37
C ILE E 41 -25.23 -59.61 5.76
N PRO E 42 -25.60 -58.87 6.79
CA PRO E 42 -25.59 -59.43 8.15
C PRO E 42 -26.49 -60.66 8.24
N GLU E 43 -26.02 -61.67 8.97
CA GLU E 43 -26.77 -62.91 9.10
C GLU E 43 -28.15 -62.64 9.71
N GLY E 44 -29.18 -63.21 9.10
CA GLY E 44 -30.53 -63.05 9.58
C GLY E 44 -31.19 -61.73 9.27
N GLU E 45 -30.51 -60.83 8.55
CA GLU E 45 -31.04 -59.52 8.22
C GLU E 45 -31.26 -59.40 6.72
N LYS E 46 -32.00 -58.36 6.33
CA LYS E 46 -32.35 -58.14 4.94
C LYS E 46 -31.59 -56.99 4.30
N VAL E 47 -30.78 -56.26 5.05
CA VAL E 47 -30.09 -55.10 4.49
C VAL E 47 -28.81 -55.55 3.80
N LYS E 48 -28.32 -54.70 2.90
CA LYS E 48 -27.05 -54.88 2.23
C LYS E 48 -26.21 -53.62 2.46
N ILE E 49 -25.07 -53.77 3.13
CA ILE E 49 -24.27 -52.65 3.59
C ILE E 49 -23.01 -52.56 2.72
N PRO E 50 -22.76 -51.43 2.07
CA PRO E 50 -21.57 -51.31 1.20
C PRO E 50 -20.27 -51.34 2.00
N VAL E 51 -19.30 -52.08 1.48
CA VAL E 51 -17.97 -52.18 2.05
C VAL E 51 -16.95 -52.11 0.92
N ALA E 52 -15.69 -51.93 1.30
CA ALA E 52 -14.57 -52.05 0.38
C ALA E 52 -13.83 -53.35 0.68
N ILE E 53 -13.53 -54.12 -0.36
CA ILE E 53 -12.88 -55.42 -0.23
C ILE E 53 -11.62 -55.43 -1.06
N LYS E 54 -10.49 -55.76 -0.42
CA LYS E 54 -9.20 -55.97 -1.10
C LYS E 54 -8.89 -57.46 -1.08
N GLU E 55 -8.89 -58.07 -2.24
CA GLU E 55 -8.54 -59.48 -2.39
C GLU E 55 -7.09 -59.58 -2.84
N LEU E 56 -6.26 -60.19 -1.98
CA LEU E 56 -4.84 -60.30 -2.20
C LEU E 56 -4.54 -61.09 -3.47
N ARG E 57 -3.53 -60.65 -4.23
CA ARG E 57 -3.27 -61.26 -5.54
C ARG E 57 -2.63 -62.63 -5.42
N GLU E 58 -1.80 -62.87 -4.41
CA GLU E 58 -1.11 -64.15 -4.24
C GLU E 58 -1.79 -64.97 -3.14
N ALA E 59 -2.08 -66.23 -3.44
CA ALA E 59 -2.75 -67.05 -2.45
C ALA E 59 -1.79 -67.39 -1.32
N THR E 60 -2.36 -67.70 -0.16
CA THR E 60 -1.55 -67.95 1.02
C THR E 60 -2.03 -69.23 1.70
N SER E 61 -1.28 -69.60 2.72
CA SER E 61 -1.48 -70.84 3.44
C SER E 61 -1.97 -70.57 4.84
N PRO E 62 -2.50 -71.57 5.54
CA PRO E 62 -2.94 -71.32 6.93
C PRO E 62 -1.85 -70.79 7.83
N LYS E 63 -0.60 -71.24 7.67
CA LYS E 63 0.47 -70.71 8.49
C LYS E 63 0.79 -69.26 8.12
N ALA E 64 0.73 -68.94 6.82
CA ALA E 64 0.90 -67.56 6.41
C ALA E 64 -0.24 -66.69 6.90
N ASN E 65 -1.42 -67.29 7.09
CA ASN E 65 -2.55 -66.53 7.62
C ASN E 65 -2.30 -66.10 9.05
N LYS E 66 -1.50 -66.85 9.81
CA LYS E 66 -1.11 -66.40 11.14
C LYS E 66 -0.32 -65.10 11.05
N GLU E 67 0.57 -65.00 10.07
CA GLU E 67 1.27 -63.73 9.82
C GLU E 67 0.28 -62.62 9.49
N ILE E 68 -0.65 -62.91 8.58
CA ILE E 68 -1.62 -61.91 8.15
C ILE E 68 -2.42 -61.41 9.33
N LEU E 69 -2.94 -62.33 10.14
CA LEU E 69 -3.78 -61.95 11.27
C LEU E 69 -3.02 -61.12 12.30
N ASP E 70 -1.74 -61.47 12.56
CA ASP E 70 -0.99 -60.70 13.54
C ASP E 70 -0.86 -59.24 13.12
N GLU E 71 -0.61 -58.99 11.84
CA GLU E 71 -0.57 -57.61 11.36
C GLU E 71 -1.96 -57.01 11.25
N ALA E 72 -2.96 -57.81 10.87
CA ALA E 72 -4.34 -57.31 10.74
C ALA E 72 -4.86 -56.77 12.07
N TYR E 73 -4.50 -57.42 13.18
CA TYR E 73 -4.98 -56.97 14.48
C TYR E 73 -4.47 -55.57 14.81
N VAL E 74 -3.26 -55.25 14.39
CA VAL E 74 -2.70 -53.93 14.66
C VAL E 74 -3.42 -52.87 13.82
N MET E 75 -3.64 -53.17 12.54
CA MET E 75 -4.30 -52.23 11.64
C MET E 75 -5.78 -52.09 11.95
N ALA E 76 -6.36 -53.04 12.67
CA ALA E 76 -7.72 -52.92 13.18
C ALA E 76 -7.78 -52.12 14.48
N SER E 77 -6.63 -51.74 15.04
CA SER E 77 -6.56 -51.09 16.34
C SER E 77 -6.33 -49.59 16.28
N VAL E 78 -6.25 -49.01 15.08
CA VAL E 78 -6.00 -47.58 14.97
C VAL E 78 -7.28 -46.80 15.28
N ASP E 79 -7.11 -45.64 15.94
CA ASP E 79 -8.25 -44.83 16.40
C ASP E 79 -7.83 -43.36 16.29
N ASN E 80 -7.97 -42.82 15.08
CA ASN E 80 -7.65 -41.42 14.79
C ASN E 80 -8.54 -40.98 13.64
N PRO E 81 -9.07 -39.76 13.67
CA PRO E 81 -9.99 -39.33 12.60
C PRO E 81 -9.38 -39.34 11.21
N HIS E 82 -8.05 -39.32 11.11
CA HIS E 82 -7.37 -39.20 9.82
C HIS E 82 -6.60 -40.46 9.46
N VAL E 83 -6.93 -41.59 10.08
CA VAL E 83 -6.29 -42.87 9.80
C VAL E 83 -7.38 -43.91 9.58
N CYS E 84 -7.33 -44.59 8.45
CA CYS E 84 -8.31 -45.64 8.17
C CYS E 84 -8.06 -46.88 9.01
N ARG E 85 -9.14 -47.46 9.50
CA ARG E 85 -9.08 -48.65 10.35
C ARG E 85 -9.50 -49.88 9.55
N LEU E 86 -8.73 -50.96 9.66
CA LEU E 86 -9.15 -52.23 9.11
C LEU E 86 -10.30 -52.78 9.95
N LEU E 87 -11.36 -53.22 9.27
CA LEU E 87 -12.59 -53.62 9.96
C LEU E 87 -12.77 -55.12 10.02
N GLY E 88 -12.44 -55.84 8.94
CA GLY E 88 -12.72 -57.25 8.91
C GLY E 88 -11.80 -57.99 7.96
N ILE E 89 -11.90 -59.32 8.00
CA ILE E 89 -11.07 -60.18 7.18
C ILE E 89 -11.83 -61.47 6.93
N CYS E 90 -11.62 -62.06 5.75
CA CYS E 90 -12.18 -63.34 5.38
C CYS E 90 -11.06 -64.21 4.84
N LEU E 91 -10.74 -65.29 5.54
CA LEU E 91 -9.57 -66.10 5.19
C LEU E 91 -9.95 -67.14 4.13
N THR E 92 -9.83 -66.73 2.87
CA THR E 92 -10.08 -67.60 1.73
C THR E 92 -8.73 -67.99 1.12
N SER E 93 -8.76 -68.77 0.04
CA SER E 93 -7.51 -69.16 -0.61
C SER E 93 -6.68 -67.92 -0.92
N THR E 94 -7.31 -66.89 -1.48
CA THR E 94 -6.75 -65.55 -1.48
C THR E 94 -7.48 -64.78 -0.39
N VAL E 95 -6.75 -63.99 0.37
CA VAL E 95 -7.28 -63.33 1.56
C VAL E 95 -7.98 -62.04 1.17
N GLN E 96 -9.18 -61.85 1.72
CA GLN E 96 -10.01 -60.70 1.46
C GLN E 96 -10.07 -59.85 2.73
N LEU E 97 -9.78 -58.57 2.59
CA LEU E 97 -9.75 -57.61 3.69
C LEU E 97 -10.89 -56.62 3.47
N ILE E 98 -11.54 -56.23 4.56
CA ILE E 98 -12.75 -55.41 4.49
C ILE E 98 -12.55 -54.13 5.29
N MET E 99 -12.93 -53.00 4.70
CA MET E 99 -12.98 -51.74 5.42
C MET E 99 -14.09 -50.87 4.84
N GLN E 100 -14.27 -49.70 5.44
CA GLN E 100 -15.33 -48.77 5.04
C GLN E 100 -15.14 -48.31 3.60
N LEU E 101 -16.25 -48.23 2.86
CA LEU E 101 -16.22 -47.73 1.49
C LEU E 101 -16.25 -46.20 1.47
N MET E 102 -15.29 -45.61 0.75
CA MET E 102 -15.14 -44.17 0.57
C MET E 102 -15.60 -43.81 -0.83
N PRO E 103 -16.85 -43.38 -1.04
CA PRO E 103 -17.35 -43.14 -2.41
C PRO E 103 -16.54 -42.11 -3.18
N PHE E 104 -15.88 -41.17 -2.51
CA PHE E 104 -15.10 -40.16 -3.23
C PHE E 104 -13.79 -40.70 -3.74
N GLY E 105 -13.34 -41.86 -3.25
CA GLY E 105 -12.10 -42.43 -3.71
C GLY E 105 -10.87 -41.83 -3.05
N CYS E 106 -9.76 -41.99 -3.75
CA CYS E 106 -8.46 -41.53 -3.27
C CYS E 106 -8.25 -40.07 -3.59
N LEU E 107 -7.37 -39.43 -2.82
CA LEU E 107 -7.11 -38.02 -3.00
C LEU E 107 -6.36 -37.73 -4.30
N LEU E 108 -5.56 -38.68 -4.80
CA LEU E 108 -4.82 -38.45 -6.04
C LEU E 108 -5.78 -38.23 -7.21
N ASP E 109 -6.70 -39.17 -7.43
CA ASP E 109 -7.68 -39.02 -8.50
C ASP E 109 -8.62 -37.85 -8.24
N TYR E 110 -8.92 -37.57 -6.97
CA TYR E 110 -9.81 -36.45 -6.67
C TYR E 110 -9.20 -35.13 -7.11
N VAL E 111 -7.92 -34.92 -6.82
CA VAL E 111 -7.29 -33.65 -7.18
C VAL E 111 -7.11 -33.55 -8.69
N ARG E 112 -6.88 -34.67 -9.36
CA ARG E 112 -6.78 -34.66 -10.82
C ARG E 112 -8.11 -34.28 -11.46
N GLU E 113 -9.22 -34.80 -10.93
CA GLU E 113 -10.53 -34.56 -11.53
C GLU E 113 -11.12 -33.21 -11.15
N HIS E 114 -10.73 -32.64 -10.00
CA HIS E 114 -11.25 -31.35 -9.55
C HIS E 114 -10.18 -30.25 -9.57
N LYS E 115 -9.14 -30.41 -10.37
CA LYS E 115 -7.98 -29.52 -10.26
C LYS E 115 -8.31 -28.06 -10.57
N ASP E 116 -9.37 -27.81 -11.33
CA ASP E 116 -9.76 -26.43 -11.64
C ASP E 116 -10.74 -25.85 -10.65
N ASN E 117 -11.02 -26.55 -9.55
CA ASN E 117 -11.97 -26.08 -8.55
C ASN E 117 -11.45 -26.22 -7.13
N ILE E 118 -10.16 -26.48 -6.95
CA ILE E 118 -9.57 -26.71 -5.64
C ILE E 118 -8.75 -25.48 -5.25
N GLY E 119 -9.15 -24.83 -4.16
CA GLY E 119 -8.49 -23.64 -3.68
C GLY E 119 -7.42 -23.94 -2.64
N SER E 120 -6.75 -22.87 -2.20
CA SER E 120 -5.62 -23.02 -1.28
C SER E 120 -6.06 -23.54 0.07
N GLN E 121 -7.28 -23.22 0.51
CA GLN E 121 -7.73 -23.64 1.83
C GLN E 121 -7.91 -25.16 1.89
N TYR E 122 -8.46 -25.76 0.83
CA TYR E 122 -8.58 -27.22 0.79
C TYR E 122 -7.21 -27.88 0.78
N LEU E 123 -6.32 -27.42 -0.10
CA LEU E 123 -5.01 -28.05 -0.26
C LEU E 123 -4.23 -28.04 1.06
N LEU E 124 -4.21 -26.90 1.74
CA LEU E 124 -3.43 -26.79 2.97
C LEU E 124 -4.06 -27.60 4.10
N ASN E 125 -5.40 -27.64 4.16
CA ASN E 125 -6.05 -28.45 5.20
C ASN E 125 -5.80 -29.94 4.97
N TRP E 126 -5.78 -30.38 3.70
CA TRP E 126 -5.41 -31.75 3.41
C TRP E 126 -3.99 -32.05 3.89
N CYS E 127 -3.08 -31.09 3.73
CA CYS E 127 -1.72 -31.26 4.23
C CYS E 127 -1.73 -31.41 5.75
N VAL E 128 -2.52 -30.60 6.44
CA VAL E 128 -2.61 -30.71 7.90
C VAL E 128 -3.13 -32.09 8.30
N GLN E 129 -4.22 -32.52 7.66
CA GLN E 129 -4.87 -33.76 8.06
C GLN E 129 -3.96 -34.97 7.81
N ILE E 130 -3.26 -34.98 6.69
CA ILE E 130 -2.33 -36.08 6.41
C ILE E 130 -1.23 -36.11 7.47
N ALA E 131 -0.74 -34.94 7.88
CA ALA E 131 0.28 -34.89 8.92
C ALA E 131 -0.27 -35.34 10.26
N LYS E 132 -1.53 -35.02 10.55
CA LYS E 132 -2.15 -35.50 11.78
C LYS E 132 -2.24 -37.02 11.81
N GLY E 133 -2.66 -37.62 10.69
CA GLY E 133 -2.71 -39.07 10.63
C GLY E 133 -1.34 -39.71 10.74
N MET E 134 -0.34 -39.11 10.10
CA MET E 134 1.01 -39.65 10.17
C MET E 134 1.60 -39.51 11.57
N ASN E 135 1.36 -38.38 12.23
CA ASN E 135 1.84 -38.21 13.59
C ASN E 135 1.22 -39.25 14.52
N TYR E 136 -0.06 -39.59 14.30
CA TYR E 136 -0.68 -40.65 15.09
C TYR E 136 0.02 -41.98 14.87
N LEU E 137 0.29 -42.33 13.61
CA LEU E 137 1.01 -43.56 13.32
C LEU E 137 2.36 -43.57 14.01
N GLU E 138 3.06 -42.44 14.02
CA GLU E 138 4.33 -42.36 14.74
C GLU E 138 4.12 -42.57 16.23
N ASP E 139 3.06 -41.96 16.80
CA ASP E 139 2.75 -42.18 18.21
C ASP E 139 2.52 -43.66 18.50
N ARG E 140 1.86 -44.36 17.59
CA ARG E 140 1.62 -45.79 17.74
C ARG E 140 2.82 -46.64 17.32
N ARG E 141 3.93 -46.03 16.94
CA ARG E 141 5.13 -46.74 16.49
C ARG E 141 4.85 -47.63 15.30
N LEU E 142 4.08 -47.11 14.34
CA LEU E 142 3.78 -47.79 13.09
C LEU E 142 4.36 -46.97 11.94
N VAL E 143 5.29 -47.57 11.21
CA VAL E 143 5.81 -46.95 9.98
C VAL E 143 4.83 -47.23 8.85
N HIS E 144 4.50 -46.19 8.08
CA HIS E 144 3.54 -46.35 6.99
C HIS E 144 4.10 -47.25 5.89
N ARG E 145 5.23 -46.85 5.31
CA ARG E 145 6.01 -47.54 4.28
C ARG E 145 5.44 -47.36 2.87
N ASP E 146 4.28 -46.73 2.70
CA ASP E 146 3.72 -46.57 1.36
C ASP E 146 2.86 -45.30 1.29
N LEU E 147 3.31 -44.23 1.91
CA LEU E 147 2.54 -43.00 1.86
C LEU E 147 2.65 -42.37 0.48
N ALA E 148 1.49 -41.97 -0.07
CA ALA E 148 1.37 -41.38 -1.39
C ALA E 148 -0.04 -40.84 -1.50
N ALA E 149 -0.24 -39.94 -2.47
CA ALA E 149 -1.56 -39.37 -2.67
C ALA E 149 -2.59 -40.44 -2.99
N ARG E 150 -2.17 -41.56 -3.61
CA ARG E 150 -3.08 -42.65 -3.91
C ARG E 150 -3.54 -43.39 -2.66
N ASN E 151 -2.78 -43.32 -1.57
CA ASN E 151 -3.14 -43.98 -0.33
C ASN E 151 -3.65 -43.00 0.71
N VAL E 152 -4.23 -41.89 0.25
CA VAL E 152 -5.04 -41.00 1.08
C VAL E 152 -6.44 -41.01 0.50
N LEU E 153 -7.41 -41.45 1.29
CA LEU E 153 -8.79 -41.59 0.85
C LEU E 153 -9.61 -40.37 1.25
N VAL E 154 -10.55 -40.00 0.38
CA VAL E 154 -11.44 -38.87 0.62
C VAL E 154 -12.73 -39.41 1.21
N LYS E 155 -12.95 -39.13 2.50
CA LYS E 155 -14.24 -39.46 3.11
C LYS E 155 -15.30 -38.46 2.72
N THR E 156 -15.00 -37.18 2.93
CA THR E 156 -15.68 -36.05 2.32
C THR E 156 -14.59 -35.13 1.80
N PRO E 157 -14.92 -34.19 0.90
CA PRO E 157 -13.90 -33.26 0.41
C PRO E 157 -13.17 -32.52 1.54
N GLN E 158 -13.79 -32.40 2.71
CA GLN E 158 -13.20 -31.71 3.84
C GLN E 158 -12.47 -32.63 4.80
N HIS E 159 -12.44 -33.94 4.54
CA HIS E 159 -11.97 -34.90 5.52
C HIS E 159 -11.29 -36.05 4.79
N VAL E 160 -9.97 -36.16 4.92
CA VAL E 160 -9.19 -37.21 4.27
C VAL E 160 -8.56 -38.09 5.33
N LYS E 161 -8.29 -39.34 4.95
CA LYS E 161 -7.80 -40.36 5.87
C LYS E 161 -6.75 -41.22 5.18
N ILE E 162 -5.73 -41.61 5.94
CA ILE E 162 -4.62 -42.41 5.43
C ILE E 162 -5.00 -43.89 5.46
N THR E 163 -4.59 -44.61 4.41
CA THR E 163 -4.89 -46.04 4.29
C THR E 163 -3.63 -46.80 3.84
N ASP E 164 -3.73 -48.14 3.90
CA ASP E 164 -2.71 -49.05 3.36
C ASP E 164 -1.34 -48.85 4.03
N PHE E 165 -1.33 -48.60 5.33
CA PHE E 165 -0.09 -48.41 6.06
C PHE E 165 0.35 -49.71 6.73
N GLY E 166 1.64 -49.76 7.08
CA GLY E 166 2.17 -50.83 7.91
C GLY E 166 2.39 -52.16 7.24
N LEU E 167 2.51 -52.20 5.91
CA LEU E 167 2.66 -53.46 5.19
C LEU E 167 4.14 -53.86 5.07
N ALA E 168 4.77 -54.05 6.22
CA ALA E 168 6.19 -54.38 6.27
C ALA E 168 6.47 -55.73 5.61
N VAL E 185 8.02 -51.88 -5.59
CA VAL E 185 8.33 -50.86 -4.60
C VAL E 185 8.07 -49.47 -5.16
N PRO E 186 7.48 -48.58 -4.35
CA PRO E 186 7.21 -47.21 -4.80
C PRO E 186 8.47 -46.34 -4.70
N ILE E 187 9.40 -46.61 -5.62
CA ILE E 187 10.74 -46.00 -5.58
C ILE E 187 10.64 -44.48 -5.50
N LYS E 188 9.77 -43.89 -6.33
CA LYS E 188 9.71 -42.44 -6.43
C LYS E 188 9.04 -41.79 -5.22
N TRP E 189 8.52 -42.56 -4.27
CA TRP E 189 8.04 -42.03 -3.00
C TRP E 189 8.95 -42.38 -1.84
N MET E 190 9.99 -43.18 -2.05
CA MET E 190 10.83 -43.70 -0.99
C MET E 190 11.98 -42.75 -0.69
N ALA E 191 12.36 -42.68 0.60
CA ALA E 191 13.56 -41.98 1.00
C ALA E 191 14.79 -42.71 0.46
N LEU E 192 15.88 -41.95 0.30
CA LEU E 192 17.10 -42.50 -0.27
C LEU E 192 17.61 -43.69 0.55
N GLU E 193 17.53 -43.60 1.88
CA GLU E 193 17.99 -44.70 2.72
C GLU E 193 17.09 -45.92 2.61
N SER E 194 15.83 -45.74 2.18
CA SER E 194 14.97 -46.88 1.93
C SER E 194 15.33 -47.58 0.62
N ILE E 195 15.66 -46.79 -0.41
CA ILE E 195 16.09 -47.35 -1.69
C ILE E 195 17.41 -48.10 -1.53
N LEU E 196 18.39 -47.45 -0.90
CA LEU E 196 19.75 -47.99 -0.85
C LEU E 196 19.92 -49.07 0.21
N HIS E 197 19.25 -48.93 1.37
CA HIS E 197 19.54 -49.79 2.50
C HIS E 197 18.32 -50.44 3.12
N ARG E 198 17.12 -50.24 2.56
CA ARG E 198 15.89 -50.85 3.06
C ARG E 198 15.63 -50.44 4.50
N ILE E 199 15.92 -49.17 4.79
CA ILE E 199 15.69 -48.57 6.09
C ILE E 199 14.38 -47.81 6.02
N TYR E 200 13.40 -48.26 6.81
CA TYR E 200 12.09 -47.62 6.89
C TYR E 200 11.88 -47.13 8.31
N THR E 201 11.80 -45.80 8.47
CA THR E 201 11.58 -45.19 9.77
C THR E 201 10.48 -44.16 9.62
N HIS E 202 10.11 -43.54 10.74
CA HIS E 202 9.16 -42.42 10.68
C HIS E 202 9.76 -41.24 9.94
N GLN E 203 11.09 -41.13 9.90
CA GLN E 203 11.75 -40.05 9.18
C GLN E 203 11.79 -40.31 7.68
N SER E 204 11.82 -41.58 7.25
CA SER E 204 11.66 -41.88 5.84
C SER E 204 10.21 -41.70 5.40
N ASP E 205 9.27 -41.88 6.32
CA ASP E 205 7.88 -41.51 6.04
C ASP E 205 7.74 -40.02 5.78
N VAL E 206 8.52 -39.20 6.47
CA VAL E 206 8.48 -37.75 6.24
C VAL E 206 8.87 -37.44 4.80
N TRP E 207 9.81 -38.20 4.24
CA TRP E 207 10.16 -38.06 2.84
C TRP E 207 8.95 -38.34 1.94
N SER E 208 8.28 -39.46 2.16
CA SER E 208 7.08 -39.78 1.39
C SER E 208 6.00 -38.72 1.58
N TYR E 209 5.90 -38.14 2.78
CA TYR E 209 4.97 -37.04 3.00
C TYR E 209 5.31 -35.85 2.11
N GLY E 210 6.59 -35.51 2.02
CA GLY E 210 7.01 -34.43 1.13
C GLY E 210 6.58 -34.67 -0.30
N VAL E 211 6.78 -35.90 -0.79
CA VAL E 211 6.37 -36.23 -2.16
C VAL E 211 4.85 -36.15 -2.29
N THR E 212 4.12 -36.61 -1.28
CA THR E 212 2.66 -36.59 -1.34
C THR E 212 2.14 -35.16 -1.44
N VAL E 213 2.68 -34.25 -0.63
CA VAL E 213 2.31 -32.85 -0.74
C VAL E 213 2.63 -32.33 -2.14
N TRP E 214 3.76 -32.73 -2.70
CA TRP E 214 4.10 -32.33 -4.06
C TRP E 214 3.04 -32.79 -5.05
N GLU E 215 2.53 -34.02 -4.87
CA GLU E 215 1.45 -34.50 -5.74
C GLU E 215 0.23 -33.61 -5.65
N LEU E 216 -0.15 -33.22 -4.42
CA LEU E 216 -1.34 -32.41 -4.23
C LEU E 216 -1.16 -31.02 -4.84
N MET E 217 0.00 -30.42 -4.66
CA MET E 217 0.25 -29.05 -5.11
CA MET E 217 0.20 -29.05 -5.12
C MET E 217 0.44 -28.95 -6.61
N THR E 218 0.81 -30.05 -7.28
CA THR E 218 0.86 -30.09 -8.73
C THR E 218 -0.46 -30.59 -9.32
N PHE E 219 -1.48 -30.74 -8.47
CA PHE E 219 -2.79 -31.25 -8.87
C PHE E 219 -2.68 -32.64 -9.50
N GLY E 220 -1.83 -33.48 -8.92
CA GLY E 220 -1.77 -34.88 -9.30
C GLY E 220 -0.74 -35.26 -10.34
N SER E 221 0.35 -34.49 -10.46
CA SER E 221 1.39 -34.84 -11.42
C SER E 221 2.16 -36.07 -10.95
N LYS E 222 2.79 -36.74 -11.91
CA LYS E 222 3.62 -37.90 -11.60
C LYS E 222 5.04 -37.44 -11.25
N PRO E 223 5.58 -37.88 -10.11
CA PRO E 223 6.94 -37.46 -9.73
C PRO E 223 7.98 -38.08 -10.64
N TYR E 224 9.00 -37.28 -10.98
CA TYR E 224 10.11 -37.69 -11.85
C TYR E 224 9.58 -38.35 -13.12
N ASP E 225 8.65 -37.67 -13.79
CA ASP E 225 7.94 -38.25 -14.92
C ASP E 225 8.91 -38.67 -16.03
N GLY E 226 8.83 -39.94 -16.41
CA GLY E 226 9.64 -40.47 -17.48
C GLY E 226 11.03 -40.93 -17.09
N ILE E 227 11.41 -40.79 -15.82
CA ILE E 227 12.71 -41.24 -15.33
C ILE E 227 12.55 -42.66 -14.81
N PRO E 228 13.33 -43.62 -15.31
CA PRO E 228 13.21 -45.00 -14.81
C PRO E 228 13.48 -45.08 -13.32
N ALA E 229 12.70 -45.93 -12.64
CA ALA E 229 12.86 -46.08 -11.19
C ALA E 229 14.27 -46.49 -10.83
N SER E 230 14.90 -47.32 -11.66
CA SER E 230 16.25 -47.80 -11.40
C SER E 230 17.29 -46.69 -11.38
N GLU E 231 16.94 -45.48 -11.83
CA GLU E 231 17.87 -44.36 -11.86
C GLU E 231 17.53 -43.26 -10.87
N ILE E 232 16.50 -43.45 -10.04
CA ILE E 232 16.07 -42.38 -9.13
C ILE E 232 17.11 -42.16 -8.04
N SER E 233 17.66 -43.25 -7.47
CA SER E 233 18.62 -43.11 -6.39
C SER E 233 19.88 -42.37 -6.83
N SER E 234 20.26 -42.50 -8.10
CA SER E 234 21.42 -41.78 -8.61
C SER E 234 21.16 -40.27 -8.62
N ILE E 235 20.00 -39.85 -9.11
CA ILE E 235 19.71 -38.42 -9.19
C ILE E 235 19.53 -37.82 -7.80
N LEU E 236 19.04 -38.61 -6.85
CA LEU E 236 18.88 -38.12 -5.49
C LEU E 236 20.22 -37.89 -4.83
N GLU E 237 21.18 -38.80 -5.05
CA GLU E 237 22.51 -38.64 -4.46
C GLU E 237 23.20 -37.38 -4.97
N LYS E 238 22.96 -37.03 -6.23
CA LYS E 238 23.54 -35.84 -6.82
C LYS E 238 22.79 -34.56 -6.48
N GLY E 239 21.73 -34.65 -5.68
CA GLY E 239 21.04 -33.48 -5.18
C GLY E 239 19.82 -33.06 -5.95
N GLU E 240 19.43 -33.78 -7.00
CA GLU E 240 18.22 -33.41 -7.71
C GLU E 240 17.01 -33.72 -6.84
N ARG E 241 16.02 -32.83 -6.90
CA ARG E 241 14.80 -32.98 -6.13
C ARG E 241 13.63 -32.59 -7.03
N LEU E 242 12.42 -32.93 -6.58
CA LEU E 242 11.23 -32.53 -7.31
C LEU E 242 11.17 -31.01 -7.42
N PRO E 243 10.73 -30.47 -8.56
CA PRO E 243 10.77 -29.03 -8.75
C PRO E 243 9.66 -28.31 -8.00
N GLN E 244 9.86 -27.01 -7.85
CA GLN E 244 8.90 -26.16 -7.14
C GLN E 244 7.58 -26.11 -7.92
N PRO E 245 6.47 -26.53 -7.33
CA PRO E 245 5.20 -26.46 -8.04
C PRO E 245 4.81 -25.01 -8.31
N PRO E 246 4.17 -24.75 -9.45
CA PRO E 246 3.85 -23.36 -9.83
C PRO E 246 3.08 -22.58 -8.78
N ILE E 247 2.19 -23.24 -8.02
CA ILE E 247 1.37 -22.51 -7.05
C ILE E 247 2.06 -22.31 -5.71
N CYS E 248 3.19 -22.96 -5.49
CA CYS E 248 3.84 -22.91 -4.19
C CYS E 248 4.69 -21.66 -4.05
N THR E 249 4.53 -20.95 -2.93
CA THR E 249 5.49 -19.95 -2.54
C THR E 249 6.76 -20.63 -2.03
N ILE E 250 7.82 -19.83 -1.85
CA ILE E 250 9.08 -20.37 -1.37
C ILE E 250 8.91 -20.97 0.03
N ASP E 251 7.97 -20.45 0.82
CA ASP E 251 7.76 -21.00 2.16
C ASP E 251 7.32 -22.45 2.10
N VAL E 252 6.41 -22.79 1.18
CA VAL E 252 5.91 -24.15 1.09
C VAL E 252 6.97 -25.07 0.49
N TYR E 253 7.67 -24.60 -0.55
CA TYR E 253 8.66 -25.45 -1.20
C TYR E 253 9.82 -25.79 -0.27
N MET E 254 10.15 -24.89 0.65
CA MET E 254 11.20 -25.17 1.62
C MET E 254 10.83 -26.34 2.53
N ILE E 255 9.56 -26.43 2.90
CA ILE E 255 9.09 -27.54 3.74
C ILE E 255 9.27 -28.86 2.99
N MET E 256 8.83 -28.89 1.73
CA MET E 256 9.02 -30.06 0.88
C MET E 256 10.51 -30.43 0.78
N ARG E 257 11.36 -29.43 0.53
CA ARG E 257 12.79 -29.70 0.40
C ARG E 257 13.38 -30.23 1.70
N LYS E 258 12.91 -29.73 2.83
CA LYS E 258 13.41 -30.20 4.12
C LYS E 258 12.99 -31.64 4.40
N CYS E 259 11.86 -32.08 3.83
CA CYS E 259 11.48 -33.49 3.93
C CYS E 259 12.40 -34.39 3.13
N TRP E 260 13.14 -33.85 2.16
CA TRP E 260 13.99 -34.64 1.28
C TRP E 260 15.48 -34.45 1.59
N MET E 261 15.82 -34.05 2.80
CA MET E 261 17.22 -33.97 3.19
C MET E 261 17.81 -35.37 3.30
N ILE E 262 19.09 -35.49 2.95
CA ILE E 262 19.73 -36.80 2.96
C ILE E 262 19.89 -37.32 4.38
N ASP E 263 20.13 -36.43 5.34
CA ASP E 263 20.22 -36.81 6.74
C ASP E 263 18.80 -36.92 7.29
N ALA E 264 18.36 -38.14 7.57
CA ALA E 264 16.98 -38.36 7.98
C ALA E 264 16.64 -37.61 9.27
N ASP E 265 17.58 -37.49 10.19
CA ASP E 265 17.33 -36.77 11.43
C ASP E 265 17.27 -35.26 11.24
N SER E 266 17.67 -34.75 10.08
CA SER E 266 17.55 -33.32 9.80
C SER E 266 16.20 -32.96 9.20
N ARG E 267 15.43 -33.94 8.73
CA ARG E 267 14.11 -33.67 8.18
C ARG E 267 13.17 -33.26 9.31
N PRO E 268 12.12 -32.51 9.00
CA PRO E 268 11.14 -32.14 10.02
C PRO E 268 10.41 -33.35 10.59
N LYS E 269 9.83 -33.16 11.76
CA LYS E 269 8.99 -34.14 12.41
C LYS E 269 7.53 -33.87 12.07
N PHE E 270 6.72 -34.92 12.02
CA PHE E 270 5.30 -34.74 11.69
C PHE E 270 4.63 -33.78 12.66
N ARG E 271 5.06 -33.78 13.93
CA ARG E 271 4.54 -32.82 14.89
C ARG E 271 4.80 -31.38 14.45
N GLU E 272 5.98 -31.14 13.86
CA GLU E 272 6.30 -29.81 13.38
C GLU E 272 5.54 -29.46 12.11
N LEU E 273 5.31 -30.47 11.25
CA LEU E 273 4.56 -30.23 10.02
C LEU E 273 3.12 -29.85 10.29
N ILE E 274 2.49 -30.47 11.31
CA ILE E 274 1.15 -30.07 11.70
C ILE E 274 1.11 -28.59 12.07
N ILE E 275 2.08 -28.15 12.87
CA ILE E 275 2.10 -26.76 13.34
C ILE E 275 2.28 -25.80 12.18
N GLU E 276 3.24 -26.09 11.30
CA GLU E 276 3.57 -25.14 10.23
C GLU E 276 2.44 -25.05 9.21
N PHE E 277 1.90 -26.19 8.77
CA PHE E 277 0.84 -26.17 7.78
C PHE E 277 -0.47 -25.61 8.35
N SER E 278 -0.71 -25.80 9.65
CA SER E 278 -1.86 -25.17 10.28
C SER E 278 -1.71 -23.64 10.29
N LYS E 279 -0.50 -23.15 10.53
CA LYS E 279 -0.24 -21.71 10.47
C LYS E 279 -0.53 -21.16 9.08
N MET E 280 -0.05 -21.87 8.04
CA MET E 280 -0.32 -21.44 6.68
C MET E 280 -1.79 -21.58 6.32
N ALA E 281 -2.48 -22.55 6.90
CA ALA E 281 -3.91 -22.72 6.65
C ALA E 281 -4.73 -21.55 7.19
N ARG E 282 -4.20 -20.80 8.16
CA ARG E 282 -4.91 -19.64 8.69
C ARG E 282 -4.76 -18.40 7.81
N ASP E 283 -3.86 -18.45 6.81
CA ASP E 283 -3.73 -17.39 5.82
C ASP E 283 -3.35 -18.03 4.50
N PRO E 284 -4.25 -18.84 3.92
CA PRO E 284 -3.83 -19.73 2.84
C PRO E 284 -3.36 -19.02 1.57
N GLN E 285 -3.98 -17.89 1.23
CA GLN E 285 -3.59 -17.19 0.02
C GLN E 285 -2.23 -16.50 0.16
N ARG E 286 -1.69 -16.41 1.37
CA ARG E 286 -0.32 -15.93 1.55
C ARG E 286 0.69 -16.97 1.09
N TYR E 287 0.34 -18.26 1.15
CA TYR E 287 1.31 -19.33 0.94
C TYR E 287 1.07 -20.14 -0.31
N LEU E 288 -0.11 -20.07 -0.92
CA LEU E 288 -0.37 -20.70 -2.20
C LEU E 288 -0.98 -19.68 -3.15
N VAL E 289 -0.46 -19.64 -4.36
CA VAL E 289 -0.90 -18.69 -5.39
C VAL E 289 -1.62 -19.51 -6.45
N ILE E 290 -2.95 -19.52 -6.38
CA ILE E 290 -3.78 -20.32 -7.27
C ILE E 290 -4.66 -19.38 -8.07
N GLN E 291 -4.68 -19.57 -9.38
CA GLN E 291 -5.57 -18.79 -10.23
C GLN E 291 -7.01 -19.11 -9.89
N GLY E 292 -7.78 -18.09 -9.52
CA GLY E 292 -9.16 -18.28 -9.15
C GLY E 292 -9.41 -18.55 -7.69
N ASP E 293 -8.40 -18.39 -6.84
CA ASP E 293 -8.48 -18.82 -5.44
C ASP E 293 -9.57 -18.08 -4.67
N PRO E 299 -16.51 -25.21 2.47
CA PRO E 299 -17.98 -25.14 2.59
C PRO E 299 -18.40 -24.31 3.80
N SER E 300 -19.56 -23.66 3.70
CA SER E 300 -20.14 -23.00 4.86
C SER E 300 -20.37 -24.02 5.97
N PRO E 301 -20.54 -23.56 7.21
CA PRO E 301 -20.93 -24.49 8.28
C PRO E 301 -22.17 -25.29 7.93
N THR E 302 -23.10 -24.70 7.17
CA THR E 302 -24.29 -25.42 6.73
C THR E 302 -23.92 -26.65 5.91
N ASP E 303 -23.05 -26.48 4.91
CA ASP E 303 -22.72 -27.57 4.00
C ASP E 303 -21.88 -28.64 4.69
N SER E 304 -21.04 -28.25 5.66
CA SER E 304 -20.25 -29.24 6.38
C SER E 304 -21.13 -30.06 7.32
N ASN E 305 -22.06 -29.40 8.03
CA ASN E 305 -22.96 -30.12 8.91
C ASN E 305 -23.79 -31.14 8.13
N PHE E 306 -24.19 -30.79 6.91
CA PHE E 306 -24.96 -31.70 6.07
C PHE E 306 -24.13 -32.91 5.66
N TYR E 307 -22.90 -32.67 5.20
CA TYR E 307 -22.00 -33.76 4.83
C TYR E 307 -21.77 -34.71 6.00
N ARG E 308 -21.46 -34.17 7.17
CA ARG E 308 -21.12 -35.00 8.32
C ARG E 308 -22.31 -35.85 8.77
N ALA E 309 -23.51 -35.26 8.76
CA ALA E 309 -24.69 -36.02 9.18
C ALA E 309 -24.98 -37.18 8.23
N LEU E 310 -24.71 -37.00 6.94
CA LEU E 310 -25.00 -38.05 5.96
C LEU E 310 -23.87 -39.04 5.79
N MET E 311 -22.61 -38.59 5.89
CA MET E 311 -21.47 -39.43 5.51
C MET E 311 -20.34 -39.49 6.53
N ASP E 312 -20.35 -38.66 7.57
CA ASP E 312 -19.13 -38.49 8.34
C ASP E 312 -19.48 -38.07 9.77
N GLU E 313 -19.99 -39.03 10.54
CA GLU E 313 -20.45 -38.75 11.89
C GLU E 313 -19.38 -38.92 12.95
N GLU E 314 -18.16 -39.31 12.61
CA GLU E 314 -17.13 -39.52 13.63
C GLU E 314 -16.57 -38.19 14.14
N ASP E 315 -16.05 -38.22 15.38
CA ASP E 315 -15.70 -37.05 16.19
C ASP E 315 -15.04 -35.90 15.45
N MET E 316 -13.86 -36.14 14.88
CA MET E 316 -13.16 -35.09 14.17
C MET E 316 -12.73 -35.55 12.78
N ASN F 9 -12.15 42.53 16.00
CA ASN F 9 -13.60 42.36 15.87
C ASN F 9 -13.97 42.02 14.43
N GLN F 10 -13.91 43.04 13.56
CA GLN F 10 -14.14 42.82 12.14
C GLN F 10 -13.14 41.82 11.56
N ALA F 11 -11.97 41.72 12.17
CA ALA F 11 -10.91 40.82 11.70
C ALA F 11 -11.17 39.36 12.02
N LEU F 12 -12.22 39.01 12.74
CA LEU F 12 -12.47 37.61 13.05
C LEU F 12 -13.25 36.87 11.97
N LEU F 13 -13.84 37.58 11.01
CA LEU F 13 -14.59 36.96 9.92
C LEU F 13 -13.88 37.23 8.61
N ARG F 14 -13.40 36.17 7.96
CA ARG F 14 -12.77 36.31 6.66
C ARG F 14 -13.80 36.31 5.54
N ILE F 15 -13.73 37.31 4.68
CA ILE F 15 -14.55 37.37 3.47
C ILE F 15 -13.79 36.66 2.36
N LEU F 16 -14.36 35.56 1.86
CA LEU F 16 -13.69 34.72 0.88
C LEU F 16 -14.21 35.01 -0.53
N LYS F 17 -13.36 34.75 -1.52
CA LYS F 17 -13.76 34.77 -2.91
C LYS F 17 -14.25 33.39 -3.34
N GLU F 18 -15.10 33.37 -4.36
CA GLU F 18 -15.52 32.11 -4.96
C GLU F 18 -14.32 31.27 -5.40
N THR F 19 -13.25 31.93 -5.87
CA THR F 19 -12.13 31.25 -6.50
C THR F 19 -11.16 30.64 -5.50
N GLU F 20 -11.29 30.90 -4.21
CA GLU F 20 -10.34 30.39 -3.22
C GLU F 20 -10.90 29.25 -2.39
N PHE F 21 -12.07 28.72 -2.72
CA PHE F 21 -12.55 27.51 -2.07
C PHE F 21 -13.47 26.74 -3.01
N LYS F 22 -13.58 25.44 -2.76
CA LYS F 22 -14.38 24.54 -3.60
C LYS F 22 -15.14 23.58 -2.71
N LYS F 23 -16.42 23.38 -3.01
CA LYS F 23 -17.21 22.32 -2.40
C LYS F 23 -16.88 21.00 -3.09
N ILE F 24 -16.60 19.95 -2.32
CA ILE F 24 -16.18 18.69 -2.92
C ILE F 24 -17.14 17.55 -2.61
N LYS F 25 -17.82 17.60 -1.46
CA LYS F 25 -18.71 16.51 -1.08
C LYS F 25 -19.79 17.01 -0.14
N VAL F 26 -21.02 16.55 -0.36
CA VAL F 26 -22.14 16.89 0.51
C VAL F 26 -22.08 16.05 1.79
N LEU F 27 -22.18 16.72 2.93
CA LEU F 27 -22.21 16.08 4.24
C LEU F 27 -23.61 15.95 4.81
N GLY F 28 -24.50 16.87 4.46
CA GLY F 28 -25.88 16.79 4.90
C GLY F 28 -26.58 18.11 4.71
N SER F 29 -27.84 18.11 5.13
CA SER F 29 -28.69 19.29 5.05
C SER F 29 -29.52 19.42 6.31
N GLY F 30 -29.86 20.68 6.62
CA GLY F 30 -30.69 21.02 7.76
C GLY F 30 -31.87 21.89 7.38
N ALA F 31 -32.32 22.74 8.29
CA ALA F 31 -33.43 23.66 8.09
C ALA F 31 -33.07 24.86 7.22
N PHE F 32 -31.79 25.14 6.96
CA PHE F 32 -31.47 26.41 6.32
C PHE F 32 -30.33 26.36 5.32
N GLY F 33 -29.75 25.21 5.05
CA GLY F 33 -28.69 25.14 4.08
C GLY F 33 -28.18 23.72 3.95
N THR F 34 -27.27 23.55 3.00
CA THR F 34 -26.60 22.29 2.75
C THR F 34 -25.16 22.43 3.22
N VAL F 35 -24.68 21.44 3.96
CA VAL F 35 -23.31 21.46 4.47
C VAL F 35 -22.45 20.58 3.59
N TYR F 36 -21.31 21.11 3.18
CA TYR F 36 -20.35 20.40 2.34
C TYR F 36 -19.02 20.28 3.06
N LYS F 37 -18.32 19.19 2.80
CA LYS F 37 -16.89 19.18 3.04
C LYS F 37 -16.25 19.95 1.89
N GLY F 38 -15.36 20.89 2.23
CA GLY F 38 -14.77 21.76 1.24
C GLY F 38 -13.27 21.87 1.41
N LEU F 39 -12.67 22.58 0.47
CA LEU F 39 -11.23 22.80 0.46
C LEU F 39 -10.96 24.28 0.26
N TRP F 40 -10.16 24.86 1.13
CA TRP F 40 -9.71 26.24 0.99
C TRP F 40 -8.33 26.25 0.33
N ILE F 41 -8.19 27.04 -0.73
CA ILE F 41 -6.91 27.18 -1.42
C ILE F 41 -6.41 28.61 -1.23
N PRO F 42 -5.48 28.83 -0.30
CA PRO F 42 -4.95 30.18 -0.10
C PRO F 42 -4.34 30.73 -1.38
N GLU F 43 -4.58 32.02 -1.63
CA GLU F 43 -4.07 32.65 -2.84
C GLU F 43 -2.56 32.56 -2.91
N GLY F 44 -2.04 32.17 -4.07
CA GLY F 44 -0.62 32.05 -4.27
C GLY F 44 0.00 30.81 -3.67
N GLU F 45 -0.79 29.94 -3.06
CA GLU F 45 -0.31 28.73 -2.40
C GLU F 45 -0.81 27.50 -3.15
N LYS F 46 -0.19 26.35 -2.83
CA LYS F 46 -0.51 25.10 -3.49
C LYS F 46 -1.30 24.12 -2.62
N VAL F 47 -1.50 24.43 -1.34
CA VAL F 47 -2.14 23.50 -0.44
C VAL F 47 -3.66 23.63 -0.55
N LYS F 48 -4.34 22.56 -0.12
CA LYS F 48 -5.79 22.51 -0.05
C LYS F 48 -6.18 22.16 1.38
N ILE F 49 -6.87 23.06 2.06
CA ILE F 49 -7.16 22.95 3.49
C ILE F 49 -8.63 22.59 3.66
N PRO F 50 -8.94 21.49 4.34
CA PRO F 50 -10.35 21.11 4.51
C PRO F 50 -11.11 22.08 5.38
N VAL F 51 -12.32 22.42 4.94
CA VAL F 51 -13.24 23.27 5.67
C VAL F 51 -14.64 22.67 5.57
N ALA F 52 -15.56 23.18 6.39
CA ALA F 52 -16.98 22.89 6.28
C ALA F 52 -17.71 24.11 5.73
N ILE F 53 -18.57 23.89 4.74
CA ILE F 53 -19.28 24.96 4.03
C ILE F 53 -20.79 24.73 4.11
N LYS F 54 -21.50 25.74 4.60
CA LYS F 54 -22.96 25.83 4.61
C LYS F 54 -23.40 26.92 3.62
N GLU F 55 -24.19 26.52 2.62
CA GLU F 55 -24.48 27.38 1.47
C GLU F 55 -25.74 28.24 1.61
N LEU F 56 -26.54 28.09 2.67
CA LEU F 56 -27.79 28.81 2.92
C LEU F 56 -28.92 28.47 1.94
N ARG F 57 -30.16 28.38 2.46
CA ARG F 57 -31.28 27.84 1.68
C ARG F 57 -31.73 28.72 0.52
N GLU F 58 -32.35 29.88 0.78
CA GLU F 58 -32.90 30.70 -0.29
C GLU F 58 -31.90 31.81 -0.61
N ALA F 59 -31.93 32.26 -1.86
CA ALA F 59 -30.95 33.28 -2.23
C ALA F 59 -31.34 34.58 -1.55
N THR F 60 -30.36 35.46 -1.42
CA THR F 60 -30.59 36.69 -0.71
C THR F 60 -30.09 37.86 -1.54
N SER F 61 -30.32 39.02 -1.03
CA SER F 61 -30.04 40.25 -1.74
C SER F 61 -28.88 40.96 -1.07
N PRO F 62 -28.24 41.93 -1.74
CA PRO F 62 -27.16 42.66 -1.07
C PRO F 62 -27.61 43.36 0.20
N LYS F 63 -28.84 43.88 0.25
CA LYS F 63 -29.32 44.48 1.49
C LYS F 63 -29.56 43.42 2.55
N ALA F 64 -30.04 42.24 2.14
CA ALA F 64 -30.18 41.14 3.09
C ALA F 64 -28.82 40.66 3.57
N ASN F 65 -27.79 40.81 2.75
CA ASN F 65 -26.44 40.44 3.16
C ASN F 65 -25.95 41.30 4.32
N LYS F 66 -26.44 42.55 4.41
CA LYS F 66 -26.12 43.37 5.57
C LYS F 66 -26.66 42.73 6.84
N GLU F 67 -27.88 42.20 6.78
CA GLU F 67 -28.42 41.45 7.92
C GLU F 67 -27.54 40.25 8.26
N ILE F 68 -27.13 39.50 7.24
CA ILE F 68 -26.36 38.29 7.46
C ILE F 68 -25.05 38.62 8.17
N LEU F 69 -24.32 39.60 7.62
CA LEU F 69 -22.98 39.93 8.07
C LEU F 69 -22.95 40.45 9.50
N ASP F 70 -23.93 41.28 9.89
CA ASP F 70 -23.97 41.81 11.24
C ASP F 70 -24.03 40.69 12.26
N GLU F 71 -24.85 39.70 11.96
CA GLU F 71 -24.97 38.53 12.83
C GLU F 71 -23.71 37.68 12.74
N ALA F 72 -23.17 37.55 11.53
CA ALA F 72 -21.99 36.72 11.31
C ALA F 72 -20.82 37.20 12.16
N TYR F 73 -20.70 38.53 12.28
CA TYR F 73 -19.64 39.11 13.08
C TYR F 73 -19.75 38.69 14.55
N VAL F 74 -20.98 38.56 15.06
CA VAL F 74 -21.15 38.09 16.42
C VAL F 74 -20.78 36.62 16.52
N MET F 75 -21.18 35.82 15.52
CA MET F 75 -20.89 34.39 15.55
C MET F 75 -19.40 34.11 15.34
N ALA F 76 -18.68 35.03 14.71
CA ALA F 76 -17.25 34.93 14.53
C ALA F 76 -16.44 35.41 15.72
N SER F 77 -17.09 35.98 16.73
CA SER F 77 -16.39 36.59 17.85
C SER F 77 -16.39 35.71 19.10
N VAL F 78 -16.96 34.51 19.04
CA VAL F 78 -17.00 33.64 20.20
C VAL F 78 -15.63 33.01 20.43
N ASP F 79 -15.27 32.83 21.70
CA ASP F 79 -13.94 32.34 22.10
C ASP F 79 -14.12 31.46 23.33
N ASN F 80 -14.44 30.19 23.10
CA ASN F 80 -14.62 29.24 24.19
C ASN F 80 -14.29 27.85 23.67
N PRO F 81 -13.63 27.00 24.46
CA PRO F 81 -13.25 25.66 23.97
C PRO F 81 -14.43 24.80 23.55
N HIS F 82 -15.64 25.09 24.02
CA HIS F 82 -16.80 24.25 23.75
C HIS F 82 -17.83 24.96 22.86
N VAL F 83 -17.42 25.99 22.14
CA VAL F 83 -18.30 26.73 21.24
C VAL F 83 -17.62 26.85 19.89
N CYS F 84 -18.30 26.43 18.83
CA CYS F 84 -17.75 26.56 17.49
C CYS F 84 -17.78 28.02 17.05
N ARG F 85 -16.73 28.44 16.38
CA ARG F 85 -16.61 29.81 15.89
C ARG F 85 -16.84 29.84 14.39
N LEU F 86 -17.66 30.80 13.95
CA LEU F 86 -17.76 31.05 12.52
C LEU F 86 -16.47 31.70 12.03
N LEU F 87 -15.90 31.17 10.96
CA LEU F 87 -14.59 31.62 10.48
C LEU F 87 -14.66 32.48 9.24
N GLY F 88 -15.56 32.19 8.30
CA GLY F 88 -15.57 32.91 7.05
C GLY F 88 -16.93 32.93 6.40
N ILE F 89 -17.03 33.73 5.34
CA ILE F 89 -18.27 33.91 4.60
C ILE F 89 -17.93 34.31 3.18
N CYS F 90 -18.75 33.83 2.24
CA CYS F 90 -18.63 34.18 0.82
C CYS F 90 -20.01 34.60 0.34
N LEU F 91 -20.11 35.86 -0.09
CA LEU F 91 -21.39 36.47 -0.43
C LEU F 91 -21.76 36.15 -1.87
N THR F 92 -22.57 35.11 -2.03
CA THR F 92 -23.13 34.82 -3.33
C THR F 92 -24.57 35.26 -3.22
N SER F 93 -25.41 34.75 -4.10
CA SER F 93 -26.84 34.95 -3.89
C SER F 93 -27.26 34.07 -2.72
N THR F 94 -26.78 32.83 -2.75
CA THR F 94 -26.86 31.87 -1.65
C THR F 94 -25.53 31.97 -0.93
N VAL F 95 -25.53 32.81 0.11
CA VAL F 95 -24.32 33.11 0.88
C VAL F 95 -23.78 31.85 1.51
N GLN F 96 -22.47 31.66 1.39
CA GLN F 96 -21.81 30.45 1.85
C GLN F 96 -21.02 30.75 3.11
N LEU F 97 -21.21 29.93 4.12
CA LEU F 97 -20.59 30.10 5.42
C LEU F 97 -19.56 29.01 5.67
N ILE F 98 -18.43 29.41 6.24
CA ILE F 98 -17.25 28.56 6.39
C ILE F 98 -16.93 28.43 7.87
N MET F 99 -16.64 27.19 8.29
CA MET F 99 -16.18 26.88 9.63
C MET F 99 -15.22 25.70 9.59
N GLN F 100 -14.69 25.35 10.76
CA GLN F 100 -13.77 24.23 10.87
C GLN F 100 -14.49 22.92 10.54
N LEU F 101 -13.81 22.04 9.81
CA LEU F 101 -14.35 20.72 9.49
C LEU F 101 -14.14 19.77 10.66
N MET F 102 -15.23 19.15 11.12
CA MET F 102 -15.21 18.17 12.19
C MET F 102 -15.36 16.76 11.61
N PRO F 103 -14.27 16.03 11.40
CA PRO F 103 -14.39 14.72 10.73
C PRO F 103 -15.27 13.74 11.49
N PHE F 104 -15.42 13.89 12.81
CA PHE F 104 -16.26 12.97 13.58
C PHE F 104 -17.74 13.24 13.41
N GLY F 105 -18.13 14.40 12.89
CA GLY F 105 -19.53 14.71 12.68
C GLY F 105 -20.23 15.18 13.96
N CYS F 106 -21.55 15.07 13.93
CA CYS F 106 -22.38 15.52 15.03
C CYS F 106 -22.50 14.46 16.12
N LEU F 107 -22.79 14.92 17.34
CA LEU F 107 -22.85 14.02 18.48
C LEU F 107 -24.05 13.07 18.39
N LEU F 108 -25.13 13.49 17.73
CA LEU F 108 -26.30 12.63 17.60
C LEU F 108 -25.95 11.37 16.81
N ASP F 109 -25.38 11.54 15.62
CA ASP F 109 -24.97 10.39 14.82
C ASP F 109 -23.84 9.61 15.48
N TYR F 110 -22.97 10.30 16.24
CA TYR F 110 -21.88 9.58 16.91
C TYR F 110 -22.42 8.63 17.96
N VAL F 111 -23.37 9.08 18.79
CA VAL F 111 -23.88 8.22 19.84
C VAL F 111 -24.71 7.09 19.26
N ARG F 112 -25.40 7.34 18.14
CA ARG F 112 -26.16 6.28 17.50
C ARG F 112 -25.24 5.18 16.96
N GLU F 113 -24.11 5.56 16.39
CA GLU F 113 -23.22 4.59 15.78
C GLU F 113 -22.34 3.88 16.80
N HIS F 114 -22.05 4.51 17.93
CA HIS F 114 -21.19 3.94 18.96
C HIS F 114 -21.96 3.55 20.22
N LYS F 115 -23.27 3.34 20.11
CA LYS F 115 -24.11 3.21 21.31
C LYS F 115 -23.75 1.99 22.15
N ASP F 116 -23.12 0.98 21.59
CA ASP F 116 -22.70 -0.19 22.33
C ASP F 116 -21.27 -0.08 22.87
N ASN F 117 -20.65 1.09 22.76
CA ASN F 117 -19.29 1.29 23.23
C ASN F 117 -19.13 2.58 24.04
N ILE F 118 -20.22 3.22 24.44
CA ILE F 118 -20.17 4.50 25.14
C ILE F 118 -20.46 4.26 26.61
N GLY F 119 -19.49 4.61 27.47
CA GLY F 119 -19.63 4.43 28.90
C GLY F 119 -20.13 5.70 29.59
N SER F 120 -20.33 5.57 30.90
CA SER F 120 -20.92 6.67 31.67
C SER F 120 -20.01 7.89 31.74
N GLN F 121 -18.70 7.68 31.72
CA GLN F 121 -17.79 8.82 31.86
C GLN F 121 -17.85 9.74 30.64
N TYR F 122 -17.95 9.17 29.44
CA TYR F 122 -18.10 10.00 28.24
C TYR F 122 -19.42 10.77 28.26
N LEU F 123 -20.53 10.07 28.53
CA LEU F 123 -21.84 10.70 28.48
C LEU F 123 -21.93 11.88 29.45
N LEU F 124 -21.44 11.71 30.67
CA LEU F 124 -21.54 12.77 31.66
C LEU F 124 -20.61 13.94 31.32
N ASN F 125 -19.42 13.63 30.78
CA ASN F 125 -18.52 14.71 30.38
C ASN F 125 -19.07 15.51 29.22
N TRP F 126 -19.73 14.85 28.27
CA TRP F 126 -20.41 15.56 27.19
C TRP F 126 -21.47 16.50 27.75
N CYS F 127 -22.21 16.06 28.78
CA CYS F 127 -23.18 16.95 29.42
C CYS F 127 -22.49 18.15 30.04
N VAL F 128 -21.36 17.93 30.71
CA VAL F 128 -20.61 19.05 31.30
C VAL F 128 -20.17 20.01 30.22
N GLN F 129 -19.60 19.49 29.13
CA GLN F 129 -19.04 20.35 28.09
C GLN F 129 -20.12 21.15 27.39
N ILE F 130 -21.26 20.53 27.10
CA ILE F 130 -22.37 21.25 26.47
C ILE F 130 -22.88 22.34 27.39
N ALA F 131 -22.96 22.06 28.69
CA ALA F 131 -23.39 23.09 29.63
C ALA F 131 -22.39 24.23 29.73
N LYS F 132 -21.09 23.92 29.64
CA LYS F 132 -20.07 24.96 29.65
C LYS F 132 -20.19 25.87 28.43
N GLY F 133 -20.40 25.28 27.25
CA GLY F 133 -20.57 26.08 26.05
C GLY F 133 -21.81 26.95 26.11
N MET F 134 -22.90 26.42 26.66
CA MET F 134 -24.12 27.20 26.78
C MET F 134 -23.96 28.32 27.80
N ASN F 135 -23.27 28.05 28.92
CA ASN F 135 -23.02 29.10 29.90
C ASN F 135 -22.20 30.24 29.31
N TYR F 136 -21.25 29.92 28.42
CA TYR F 136 -20.51 30.98 27.73
C TYR F 136 -21.45 31.84 26.89
N LEU F 137 -22.31 31.18 26.10
CA LEU F 137 -23.26 31.93 25.26
C LEU F 137 -24.13 32.85 26.10
N GLU F 138 -24.58 32.38 27.26
CA GLU F 138 -25.36 33.24 28.15
C GLU F 138 -24.53 34.42 28.64
N ASP F 139 -23.26 34.18 29.00
CA ASP F 139 -22.38 35.27 29.39
C ASP F 139 -22.25 36.30 28.28
N ARG F 140 -22.22 35.84 27.02
CA ARG F 140 -22.18 36.74 25.88
C ARG F 140 -23.57 37.27 25.51
N ARG F 141 -24.61 36.89 26.27
CA ARG F 141 -25.98 37.30 26.00
C ARG F 141 -26.44 36.87 24.61
N LEU F 142 -26.09 35.64 24.23
CA LEU F 142 -26.50 35.05 22.96
C LEU F 142 -27.39 33.85 23.23
N VAL F 143 -28.64 33.93 22.77
CA VAL F 143 -29.53 32.79 22.84
C VAL F 143 -29.24 31.86 21.67
N HIS F 144 -29.10 30.57 21.96
CA HIS F 144 -28.77 29.60 20.92
C HIS F 144 -29.90 29.47 19.90
N ARG F 145 -31.09 29.11 20.38
CA ARG F 145 -32.36 28.96 19.68
C ARG F 145 -32.49 27.63 18.94
N ASP F 146 -31.45 26.79 18.90
CA ASP F 146 -31.56 25.53 18.18
C ASP F 146 -30.65 24.47 18.78
N LEU F 147 -30.57 24.43 20.11
CA LEU F 147 -29.71 23.43 20.75
C LEU F 147 -30.33 22.05 20.60
N ALA F 148 -29.51 21.09 20.19
CA ALA F 148 -29.93 19.72 19.97
C ALA F 148 -28.69 18.87 19.79
N ALA F 149 -28.87 17.56 19.92
CA ALA F 149 -27.74 16.63 19.75
C ALA F 149 -27.15 16.75 18.35
N ARG F 150 -27.96 17.12 17.36
CA ARG F 150 -27.47 17.32 16.01
C ARG F 150 -26.61 18.57 15.88
N ASN F 151 -26.78 19.56 16.77
CA ASN F 151 -26.00 20.78 16.75
C ASN F 151 -24.95 20.80 17.85
N VAL F 152 -24.51 19.62 18.27
CA VAL F 152 -23.29 19.46 19.05
C VAL F 152 -22.34 18.63 18.20
N LEU F 153 -21.21 19.22 17.84
CA LEU F 153 -20.24 18.58 16.97
C LEU F 153 -19.14 17.95 17.81
N VAL F 154 -18.64 16.82 17.32
CA VAL F 154 -17.57 16.08 17.97
C VAL F 154 -16.24 16.50 17.35
N LYS F 155 -15.42 17.23 18.12
CA LYS F 155 -14.08 17.53 17.65
C LYS F 155 -13.16 16.31 17.81
N THR F 156 -13.11 15.77 19.02
CA THR F 156 -12.59 14.44 19.32
C THR F 156 -13.62 13.77 20.21
N PRO F 157 -13.55 12.43 20.38
CA PRO F 157 -14.50 11.76 21.28
C PRO F 157 -14.50 12.34 22.69
N GLN F 158 -13.42 13.03 23.07
CA GLN F 158 -13.30 13.63 24.38
C GLN F 158 -13.69 15.10 24.41
N HIS F 159 -14.05 15.69 23.27
CA HIS F 159 -14.18 17.15 23.18
C HIS F 159 -15.28 17.48 22.18
N VAL F 160 -16.39 18.03 22.68
CA VAL F 160 -17.52 18.41 21.84
C VAL F 160 -17.72 19.92 21.91
N LYS F 161 -18.32 20.46 20.85
CA LYS F 161 -18.50 21.90 20.70
C LYS F 161 -19.86 22.19 20.10
N ILE F 162 -20.47 23.28 20.55
CA ILE F 162 -21.80 23.69 20.13
C ILE F 162 -21.71 24.48 18.84
N THR F 163 -22.67 24.27 17.93
CA THR F 163 -22.69 24.94 16.64
C THR F 163 -24.07 25.49 16.31
N ASP F 164 -24.12 26.30 15.25
CA ASP F 164 -25.36 26.79 14.63
C ASP F 164 -26.24 27.56 15.62
N PHE F 165 -25.62 28.35 16.47
CA PHE F 165 -26.32 29.14 17.47
C PHE F 165 -26.64 30.54 16.97
N GLY F 166 -27.60 31.18 17.61
CA GLY F 166 -27.90 32.58 17.38
C GLY F 166 -28.62 32.86 16.07
N VAL F 185 -39.28 24.85 12.29
CA VAL F 185 -38.99 25.05 13.69
C VAL F 185 -38.83 23.71 14.40
N PRO F 186 -37.83 23.60 15.28
CA PRO F 186 -37.58 22.35 16.03
C PRO F 186 -38.52 22.22 17.23
N ILE F 187 -39.80 21.96 16.92
CA ILE F 187 -40.86 21.98 17.93
C ILE F 187 -40.50 21.08 19.11
N LYS F 188 -40.03 19.87 18.83
CA LYS F 188 -39.81 18.89 19.89
C LYS F 188 -38.59 19.19 20.76
N TRP F 189 -37.81 20.22 20.43
CA TRP F 189 -36.74 20.69 21.29
C TRP F 189 -37.05 22.02 21.97
N MET F 190 -38.17 22.64 21.64
CA MET F 190 -38.47 23.99 22.10
C MET F 190 -39.21 23.98 23.43
N ALA F 191 -38.93 24.99 24.25
CA ALA F 191 -39.69 25.22 25.46
C ALA F 191 -41.13 25.57 25.13
N LEU F 192 -42.03 25.31 26.08
CA LEU F 192 -43.45 25.56 25.86
C LEU F 192 -43.72 27.02 25.50
N GLU F 193 -43.04 27.95 26.16
CA GLU F 193 -43.26 29.36 25.88
C GLU F 193 -42.74 29.76 24.50
N SER F 194 -41.81 29.01 23.93
CA SER F 194 -41.34 29.28 22.58
C SER F 194 -42.34 28.81 21.52
N ILE F 195 -42.93 27.63 21.74
CA ILE F 195 -43.93 27.13 20.79
C ILE F 195 -45.14 28.05 20.76
N LEU F 196 -45.63 28.42 21.95
CA LEU F 196 -46.88 29.15 22.05
C LEU F 196 -46.70 30.63 21.76
N HIS F 197 -45.58 31.23 22.19
CA HIS F 197 -45.50 32.69 22.20
C HIS F 197 -44.22 33.26 21.58
N ARG F 198 -43.34 32.42 21.03
CA ARG F 198 -42.12 32.84 20.33
C ARG F 198 -41.21 33.64 21.26
N ILE F 199 -41.14 33.20 22.52
CA ILE F 199 -40.27 33.79 23.52
C ILE F 199 -39.05 32.89 23.64
N TYR F 200 -37.87 33.43 23.30
CA TYR F 200 -36.61 32.70 23.35
C TYR F 200 -35.66 33.40 24.32
N THR F 201 -35.30 32.71 25.40
CA THR F 201 -34.39 33.22 26.42
C THR F 201 -33.33 32.17 26.70
N HIS F 202 -32.40 32.50 27.59
CA HIS F 202 -31.44 31.50 28.04
C HIS F 202 -32.12 30.38 28.81
N GLN F 203 -33.29 30.66 29.40
CA GLN F 203 -34.01 29.61 30.13
C GLN F 203 -34.78 28.70 29.18
N SER F 204 -35.16 29.18 28.00
CA SER F 204 -35.71 28.25 27.00
C SER F 204 -34.60 27.40 26.38
N ASP F 205 -33.37 27.93 26.35
CA ASP F 205 -32.23 27.09 25.99
C ASP F 205 -32.03 25.96 26.99
N VAL F 206 -32.31 26.23 28.28
CA VAL F 206 -32.18 25.19 29.29
C VAL F 206 -33.13 24.03 28.99
N TRP F 207 -34.32 24.35 28.49
CA TRP F 207 -35.25 23.31 28.05
C TRP F 207 -34.64 22.48 26.92
N SER F 208 -34.12 23.15 25.89
CA SER F 208 -33.47 22.45 24.79
C SER F 208 -32.29 21.62 25.28
N TYR F 209 -31.56 22.12 26.28
CA TYR F 209 -30.48 21.35 26.87
C TYR F 209 -31.01 20.07 27.51
N GLY F 210 -32.14 20.16 28.20
CA GLY F 210 -32.73 18.97 28.78
C GLY F 210 -33.03 17.90 27.73
N VAL F 211 -33.62 18.32 26.61
CA VAL F 211 -33.92 17.38 25.54
C VAL F 211 -32.64 16.80 24.95
N THR F 212 -31.61 17.64 24.80
CA THR F 212 -30.33 17.17 24.25
C THR F 212 -29.70 16.12 25.17
N VAL F 213 -29.74 16.35 26.48
CA VAL F 213 -29.26 15.33 27.41
C VAL F 213 -30.07 14.05 27.25
N TRP F 214 -31.39 14.17 27.08
CA TRP F 214 -32.22 13.00 26.86
C TRP F 214 -31.81 12.26 25.60
N GLU F 215 -31.48 12.99 24.54
CA GLU F 215 -31.02 12.34 23.31
C GLU F 215 -29.76 11.53 23.56
N LEU F 216 -28.82 12.07 24.32
CA LEU F 216 -27.57 11.36 24.59
C LEU F 216 -27.82 10.10 25.41
N MET F 217 -28.59 10.23 26.50
CA MET F 217 -28.81 9.13 27.43
CA MET F 217 -28.76 9.11 27.41
C MET F 217 -29.64 8.01 26.82
N THR F 218 -30.45 8.31 25.82
CA THR F 218 -31.18 7.29 25.09
C THR F 218 -30.42 6.78 23.88
N PHE F 219 -29.15 7.18 23.75
CA PHE F 219 -28.28 6.80 22.64
C PHE F 219 -28.89 7.19 21.29
N GLY F 220 -29.48 8.38 21.25
CA GLY F 220 -29.93 8.96 19.99
C GLY F 220 -31.37 8.68 19.62
N SER F 221 -32.23 8.45 20.61
CA SER F 221 -33.64 8.23 20.30
C SER F 221 -34.29 9.53 19.83
N LYS F 222 -35.37 9.37 19.08
CA LYS F 222 -36.14 10.53 18.63
C LYS F 222 -37.13 10.94 19.71
N PRO F 223 -37.16 12.21 20.12
CA PRO F 223 -38.09 12.63 21.17
C PRO F 223 -39.54 12.63 20.67
N TYR F 224 -40.44 12.18 21.55
CA TYR F 224 -41.87 12.09 21.25
C TYR F 224 -42.09 11.40 19.91
N ASP F 225 -41.47 10.23 19.75
CA ASP F 225 -41.48 9.55 18.46
C ASP F 225 -42.90 9.23 18.00
N GLY F 226 -43.23 9.69 16.80
CA GLY F 226 -44.52 9.42 16.20
C GLY F 226 -45.63 10.38 16.56
N ILE F 227 -45.37 11.36 17.42
CA ILE F 227 -46.36 12.36 17.80
C ILE F 227 -46.19 13.56 16.87
N PRO F 228 -47.23 14.00 16.16
CA PRO F 228 -47.09 15.17 15.29
C PRO F 228 -46.66 16.40 16.07
N ALA F 229 -45.78 17.19 15.47
CA ALA F 229 -45.28 18.39 16.13
C ALA F 229 -46.42 19.32 16.53
N SER F 230 -47.47 19.38 15.71
CA SER F 230 -48.60 20.28 15.99
C SER F 230 -49.34 19.92 17.27
N GLU F 231 -49.08 18.75 17.87
CA GLU F 231 -49.74 18.34 19.09
C GLU F 231 -48.79 18.33 20.29
N ILE F 232 -47.54 18.78 20.12
CA ILE F 232 -46.56 18.71 21.19
C ILE F 232 -46.92 19.68 22.31
N SER F 233 -47.34 20.91 21.97
CA SER F 233 -47.66 21.89 22.99
C SER F 233 -48.85 21.45 23.84
N SER F 234 -49.79 20.70 23.26
CA SER F 234 -50.93 20.20 24.02
C SER F 234 -50.50 19.21 25.09
N ILE F 235 -49.64 18.24 24.71
CA ILE F 235 -49.21 17.23 25.68
C ILE F 235 -48.32 17.86 26.75
N LEU F 236 -47.58 18.90 26.41
CA LEU F 236 -46.75 19.58 27.41
C LEU F 236 -47.61 20.31 28.43
N GLU F 237 -48.70 20.95 27.97
CA GLU F 237 -49.59 21.65 28.90
C GLU F 237 -50.25 20.70 29.87
N LYS F 238 -50.56 19.47 29.44
CA LYS F 238 -51.14 18.47 30.33
C LYS F 238 -50.12 17.78 31.21
N GLY F 239 -48.85 18.15 31.11
CA GLY F 239 -47.83 17.65 32.01
C GLY F 239 -47.01 16.47 31.50
N GLU F 240 -47.25 16.00 30.28
CA GLU F 240 -46.42 14.92 29.76
C GLU F 240 -45.03 15.42 29.43
N ARG F 241 -44.02 14.59 29.71
CA ARG F 241 -42.63 14.90 29.43
C ARG F 241 -41.95 13.66 28.86
N LEU F 242 -40.75 13.86 28.34
CA LEU F 242 -39.98 12.73 27.84
C LEU F 242 -39.74 11.72 28.96
N PRO F 243 -39.79 10.43 28.68
CA PRO F 243 -39.70 9.42 29.74
C PRO F 243 -38.27 9.23 30.23
N GLN F 244 -38.17 8.61 31.41
CA GLN F 244 -36.87 8.35 32.02
C GLN F 244 -36.08 7.36 31.19
N PRO F 245 -34.90 7.71 30.70
CA PRO F 245 -34.08 6.76 29.92
C PRO F 245 -33.66 5.59 30.79
N PRO F 246 -33.59 4.38 30.20
CA PRO F 246 -33.27 3.19 30.99
C PRO F 246 -31.97 3.28 31.79
N ILE F 247 -30.96 4.00 31.29
CA ILE F 247 -29.68 4.07 31.99
C ILE F 247 -29.62 5.15 33.07
N CYS F 248 -30.62 6.03 33.12
CA CYS F 248 -30.56 7.16 34.03
C CYS F 248 -31.01 6.75 35.43
N THR F 249 -30.22 7.11 36.43
CA THR F 249 -30.71 7.08 37.80
C THR F 249 -31.72 8.20 37.99
N ILE F 250 -32.42 8.16 39.13
CA ILE F 250 -33.40 9.20 39.40
C ILE F 250 -32.72 10.57 39.50
N ASP F 251 -31.44 10.59 39.88
CA ASP F 251 -30.71 11.85 39.99
C ASP F 251 -30.66 12.56 38.65
N VAL F 252 -30.34 11.82 37.59
CA VAL F 252 -30.20 12.43 36.28
C VAL F 252 -31.55 12.82 35.72
N TYR F 253 -32.55 11.97 35.89
CA TYR F 253 -33.88 12.27 35.37
C TYR F 253 -34.50 13.47 36.08
N MET F 254 -34.18 13.67 37.36
CA MET F 254 -34.69 14.84 38.08
C MET F 254 -34.16 16.12 37.46
N ILE F 255 -32.90 16.12 37.02
CA ILE F 255 -32.33 17.30 36.38
C ILE F 255 -33.03 17.59 35.06
N MET F 256 -33.19 16.55 34.24
CA MET F 256 -33.90 16.69 32.97
C MET F 256 -35.30 17.25 33.18
N ARG F 257 -36.03 16.69 34.16
CA ARG F 257 -37.40 17.14 34.41
C ARG F 257 -37.43 18.60 34.85
N LYS F 258 -36.42 19.03 35.62
CA LYS F 258 -36.35 20.41 36.06
C LYS F 258 -36.06 21.36 34.90
N CYS F 259 -35.37 20.87 33.87
CA CYS F 259 -35.16 21.67 32.66
C CYS F 259 -36.44 21.90 31.87
N TRP F 260 -37.47 21.08 32.10
CA TRP F 260 -38.73 21.17 31.37
C TRP F 260 -39.85 21.74 32.23
N MET F 261 -39.52 22.49 33.27
CA MET F 261 -40.55 23.16 34.03
C MET F 261 -41.16 24.27 33.19
N ILE F 262 -42.47 24.42 33.33
CA ILE F 262 -43.22 25.42 32.57
C ILE F 262 -42.85 26.83 33.00
N ASP F 263 -42.55 27.04 34.28
CA ASP F 263 -42.06 28.33 34.74
C ASP F 263 -40.59 28.41 34.39
N ALA F 264 -40.26 29.25 33.40
CA ALA F 264 -38.89 29.30 32.90
C ALA F 264 -37.89 29.68 34.00
N ASP F 265 -38.32 30.54 34.93
CA ASP F 265 -37.44 30.96 36.01
C ASP F 265 -37.23 29.88 37.07
N SER F 266 -38.00 28.80 37.03
CA SER F 266 -37.80 27.68 37.95
C SER F 266 -36.82 26.65 37.41
N ARG F 267 -36.51 26.69 36.12
CA ARG F 267 -35.56 25.75 35.55
C ARG F 267 -34.15 26.06 36.05
N PRO F 268 -33.26 25.07 36.08
CA PRO F 268 -31.89 25.33 36.48
C PRO F 268 -31.19 26.30 35.52
N LYS F 269 -30.13 26.93 36.02
CA LYS F 269 -29.27 27.80 35.24
C LYS F 269 -28.05 27.02 34.79
N PHE F 270 -27.52 27.36 33.61
CA PHE F 270 -26.38 26.62 33.06
C PHE F 270 -25.21 26.57 34.03
N ARG F 271 -25.02 27.62 34.81
CA ARG F 271 -23.99 27.61 35.85
C ARG F 271 -24.23 26.47 36.84
N GLU F 272 -25.49 26.20 37.18
CA GLU F 272 -25.80 25.11 38.10
C GLU F 272 -25.67 23.74 37.43
N LEU F 273 -26.00 23.65 36.14
CA LEU F 273 -25.88 22.37 35.44
C LEU F 273 -24.43 21.94 35.31
N ILE F 274 -23.52 22.89 35.08
CA ILE F 274 -22.10 22.57 35.06
C ILE F 274 -21.68 21.92 36.38
N ILE F 275 -22.07 22.54 37.50
CA ILE F 275 -21.65 22.07 38.81
C ILE F 275 -22.21 20.67 39.09
N GLU F 276 -23.50 20.46 38.81
CA GLU F 276 -24.13 19.19 39.17
C GLU F 276 -23.59 18.05 38.32
N PHE F 277 -23.49 18.25 37.00
CA PHE F 277 -22.98 17.19 36.15
C PHE F 277 -21.49 16.93 36.38
N SER F 278 -20.73 17.96 36.76
CA SER F 278 -19.33 17.75 37.10
C SER F 278 -19.20 16.88 38.35
N LYS F 279 -20.10 17.07 39.31
CA LYS F 279 -20.14 16.22 40.50
C LYS F 279 -20.40 14.77 40.12
N MET F 280 -21.39 14.55 39.25
CA MET F 280 -21.70 13.19 38.82
C MET F 280 -20.59 12.60 37.96
N ALA F 281 -19.88 13.43 37.21
CA ALA F 281 -18.77 12.93 36.40
C ALA F 281 -17.63 12.40 37.26
N ARG F 282 -17.54 12.82 38.52
CA ARG F 282 -16.52 12.32 39.43
C ARG F 282 -16.88 10.97 40.03
N ASP F 283 -18.11 10.51 39.83
CA ASP F 283 -18.52 9.17 40.25
C ASP F 283 -19.55 8.66 39.24
N PRO F 284 -19.12 8.45 37.99
CA PRO F 284 -20.10 8.27 36.91
C PRO F 284 -20.96 7.02 37.04
N GLN F 285 -20.40 5.92 37.53
CA GLN F 285 -21.20 4.70 37.65
C GLN F 285 -22.24 4.78 38.76
N ARG F 286 -22.16 5.79 39.64
CA ARG F 286 -23.22 6.00 40.62
C ARG F 286 -24.47 6.58 39.97
N TYR F 287 -24.31 7.31 38.87
CA TYR F 287 -25.40 8.09 38.30
C TYR F 287 -25.91 7.60 36.96
N LEU F 288 -25.14 6.75 36.26
CA LEU F 288 -25.62 6.10 35.05
C LEU F 288 -25.37 4.61 35.17
N VAL F 289 -26.38 3.82 34.81
CA VAL F 289 -26.34 2.37 34.92
C VAL F 289 -26.30 1.82 33.49
N ILE F 290 -25.11 1.49 33.02
CA ILE F 290 -24.89 1.06 31.64
C ILE F 290 -24.33 -0.36 31.68
N GLN F 291 -24.94 -1.25 30.89
CA GLN F 291 -24.40 -2.60 30.75
C GLN F 291 -23.04 -2.55 30.05
N GLY F 292 -22.02 -3.08 30.70
CA GLY F 292 -20.68 -3.07 30.15
C GLY F 292 -19.83 -1.88 30.56
N ASP F 293 -20.29 -1.07 31.52
CA ASP F 293 -19.62 0.20 31.81
C ASP F 293 -18.19 0.01 32.31
N GLU F 294 -17.90 -1.10 32.99
CA GLU F 294 -16.56 -1.29 33.54
C GLU F 294 -15.55 -1.76 32.50
N ARG F 295 -15.98 -2.10 31.29
CA ARG F 295 -15.07 -2.44 30.21
C ARG F 295 -14.86 -1.28 29.23
N MET F 296 -15.38 -0.10 29.57
CA MET F 296 -15.15 1.12 28.81
C MET F 296 -14.68 2.21 29.77
N HIS F 297 -13.70 2.99 29.34
CA HIS F 297 -13.18 4.10 30.14
C HIS F 297 -12.85 5.26 29.21
N LEU F 298 -12.45 6.38 29.80
CA LEU F 298 -11.86 7.48 29.06
C LEU F 298 -10.52 7.03 28.48
N PRO F 299 -9.98 7.76 27.51
CA PRO F 299 -8.65 7.42 27.01
C PRO F 299 -7.60 7.71 28.06
N SER F 300 -6.54 6.91 28.04
CA SER F 300 -5.38 7.20 28.86
C SER F 300 -4.82 8.57 28.52
N PRO F 301 -4.02 9.17 29.41
CA PRO F 301 -3.31 10.40 29.04
C PRO F 301 -2.53 10.26 27.74
N THR F 302 -2.00 9.07 27.47
CA THR F 302 -1.28 8.83 26.23
C THR F 302 -2.17 9.10 25.02
N ASP F 303 -3.37 8.53 25.02
CA ASP F 303 -4.25 8.63 23.86
C ASP F 303 -4.85 10.03 23.71
N SER F 304 -5.07 10.74 24.82
CA SER F 304 -5.58 12.11 24.73
C SER F 304 -4.52 13.06 24.19
N ASN F 305 -3.27 12.92 24.68
CA ASN F 305 -2.18 13.75 24.16
C ASN F 305 -2.00 13.52 22.67
N PHE F 306 -2.20 12.27 22.21
CA PHE F 306 -2.09 11.96 20.80
C PHE F 306 -3.18 12.63 19.99
N TYR F 307 -4.43 12.51 20.46
CA TYR F 307 -5.55 13.17 19.79
C TYR F 307 -5.33 14.68 19.70
N ARG F 308 -4.96 15.30 20.80
CA ARG F 308 -4.85 16.76 20.84
C ARG F 308 -3.74 17.25 19.92
N ALA F 309 -2.61 16.54 19.88
CA ALA F 309 -1.51 16.95 19.01
C ALA F 309 -1.91 16.90 17.54
N LEU F 310 -2.73 15.91 17.16
CA LEU F 310 -3.11 15.76 15.75
C LEU F 310 -4.33 16.57 15.36
N MET F 311 -5.32 16.71 16.25
CA MET F 311 -6.62 17.24 15.87
C MET F 311 -7.14 18.36 16.76
N ASP F 312 -6.52 18.64 17.90
CA ASP F 312 -7.20 19.46 18.89
C ASP F 312 -6.16 20.20 19.75
N GLU F 313 -5.54 21.22 19.17
CA GLU F 313 -4.47 21.96 19.82
C GLU F 313 -4.96 23.16 20.61
N GLU F 314 -6.26 23.41 20.69
CA GLU F 314 -6.75 24.56 21.43
C GLU F 314 -6.63 24.32 22.93
N ASP F 315 -6.62 25.42 23.69
CA ASP F 315 -6.36 25.38 25.14
C ASP F 315 -7.07 24.22 25.83
N MET F 316 -8.40 24.21 25.81
CA MET F 316 -9.12 23.09 26.41
C MET F 316 -10.08 22.44 25.42
#